data_2ABY
#
_entry.id   2ABY
#
_entity_poly.entity_id   1
_entity_poly.type   'polypeptide(L)'
_entity_poly.pdbx_seq_one_letter_code
;MGTSHHHHHHSSGRENLYFQSHMQKGLEIAFQTINGLDESLVQALAGVTASDFPDLDIKYNIFLVDLYGQKYFRILFQSK
KLSELHPEERKKVREKFDENSRMQYSELMTKYHDLKKQGKIKDRPVKEVHEEYDLWEDPIWQYIGS
;
_entity_poly.pdbx_strand_id   A
#
# COMPACT_ATOMS: atom_id res chain seq x y z
N MET A 23 8.72 9.78 -4.32
CA MET A 23 9.33 9.08 -3.20
C MET A 23 8.87 9.64 -1.86
N GLN A 24 8.59 8.76 -0.91
CA GLN A 24 8.14 9.18 0.41
C GLN A 24 8.16 8.02 1.39
N LYS A 25 8.26 8.34 2.67
CA LYS A 25 8.29 7.32 3.71
C LYS A 25 8.29 7.96 5.10
N GLY A 26 8.39 7.12 6.13
CA GLY A 26 8.41 7.62 7.50
C GLY A 26 7.02 7.91 8.01
N LEU A 27 6.01 7.38 7.34
CA LEU A 27 4.62 7.58 7.74
C LEU A 27 3.82 6.30 7.59
N GLU A 28 2.69 6.22 8.29
CA GLU A 28 1.82 5.05 8.24
C GLU A 28 0.61 5.31 7.35
N ILE A 29 0.42 4.45 6.36
CA ILE A 29 -0.70 4.58 5.43
C ILE A 29 -1.28 3.22 5.06
N ALA A 30 -2.58 3.19 4.84
CA ALA A 30 -3.26 1.94 4.47
C ALA A 30 -4.07 2.12 3.19
N PHE A 31 -4.13 1.05 2.39
CA PHE A 31 -4.85 1.08 1.13
C PHE A 31 -5.89 -0.04 1.07
N GLN A 32 -7.08 0.28 0.57
CA GLN A 32 -8.15 -0.70 0.46
C GLN A 32 -8.42 -1.06 -0.99
N THR A 33 -8.78 -2.31 -1.23
CA THR A 33 -9.07 -2.78 -2.59
C THR A 33 -10.08 -3.92 -2.57
N ILE A 34 -11.22 -3.70 -3.20
CA ILE A 34 -12.27 -4.72 -3.27
C ILE A 34 -12.62 -5.06 -4.71
N ASN A 35 -12.20 -4.20 -5.63
CA ASN A 35 -12.47 -4.41 -7.06
C ASN A 35 -11.91 -3.27 -7.89
N GLY A 36 -12.30 -3.22 -9.16
CA GLY A 36 -11.83 -2.18 -10.05
C GLY A 36 -10.39 -2.40 -10.49
N LEU A 37 -10.03 -3.65 -10.72
CA LEU A 37 -8.68 -3.98 -11.15
C LEU A 37 -7.64 -3.36 -10.23
N ASP A 38 -8.01 -3.17 -8.96
CA ASP A 38 -7.11 -2.58 -7.98
C ASP A 38 -5.88 -3.45 -7.77
N GLU A 39 -6.03 -4.75 -8.01
CA GLU A 39 -4.94 -5.69 -7.85
C GLU A 39 -3.68 -5.19 -8.57
N SER A 40 -3.88 -4.54 -9.71
CA SER A 40 -2.77 -4.01 -10.50
C SER A 40 -2.02 -2.94 -9.73
N LEU A 41 -2.76 -2.03 -9.11
CA LEU A 41 -2.17 -0.94 -8.33
C LEU A 41 -1.43 -1.49 -7.11
N VAL A 42 -2.04 -2.46 -6.44
CA VAL A 42 -1.43 -3.06 -5.26
C VAL A 42 -0.10 -3.73 -5.61
N GLN A 43 -0.11 -4.56 -6.63
CA GLN A 43 1.10 -5.25 -7.07
C GLN A 43 2.12 -4.27 -7.65
N ALA A 44 1.63 -3.34 -8.45
CA ALA A 44 2.49 -2.34 -9.07
C ALA A 44 3.15 -1.46 -8.01
N LEU A 45 2.35 -0.89 -7.14
CA LEU A 45 2.85 -0.02 -6.09
C LEU A 45 3.78 -0.78 -5.15
N ALA A 46 3.47 -2.06 -4.93
CA ALA A 46 4.28 -2.91 -4.06
C ALA A 46 5.64 -3.19 -4.69
N GLY A 47 5.66 -3.32 -6.01
CA GLY A 47 6.91 -3.60 -6.71
C GLY A 47 7.82 -2.39 -6.77
N VAL A 48 7.24 -1.23 -7.05
CA VAL A 48 8.00 0.01 -7.14
C VAL A 48 8.55 0.42 -5.76
N THR A 49 7.71 0.28 -4.74
CA THR A 49 8.11 0.64 -3.38
C THR A 49 9.17 -0.32 -2.85
N ALA A 50 8.98 -1.61 -3.11
CA ALA A 50 9.92 -2.62 -2.65
C ALA A 50 11.27 -2.47 -3.35
N SER A 51 11.22 -2.16 -4.65
CA SER A 51 12.43 -2.00 -5.44
C SER A 51 13.11 -0.66 -5.13
N ASP A 52 12.29 0.35 -4.86
CA ASP A 52 12.80 1.68 -4.55
C ASP A 52 13.38 1.72 -3.14
N PHE A 53 12.95 0.79 -2.30
CA PHE A 53 13.42 0.73 -0.92
C PHE A 53 14.25 -0.54 -0.69
N PRO A 54 15.49 -0.53 -1.22
CA PRO A 54 16.41 -1.67 -1.08
C PRO A 54 16.91 -1.84 0.34
N ASP A 55 16.77 -0.78 1.15
CA ASP A 55 17.21 -0.82 2.53
C ASP A 55 16.37 -1.81 3.35
N LEU A 56 15.25 -2.24 2.77
CA LEU A 56 14.36 -3.18 3.44
C LEU A 56 13.75 -2.55 4.68
N ASP A 57 13.83 -1.23 4.78
CA ASP A 57 13.28 -0.51 5.91
C ASP A 57 11.76 -0.37 5.80
N ILE A 58 11.23 -0.78 4.65
CA ILE A 58 9.79 -0.70 4.40
C ILE A 58 9.05 -1.78 5.18
N LYS A 59 8.16 -1.36 6.06
CA LYS A 59 7.37 -2.29 6.86
C LYS A 59 5.93 -2.35 6.36
N TYR A 60 5.73 -2.97 5.20
CA TYR A 60 4.41 -3.10 4.62
C TYR A 60 4.06 -4.56 4.39
N ASN A 61 2.83 -4.81 3.93
CA ASN A 61 2.37 -6.16 3.67
C ASN A 61 0.94 -6.15 3.13
N ILE A 62 0.53 -7.28 2.54
CA ILE A 62 -0.81 -7.40 1.98
C ILE A 62 -1.53 -8.62 2.55
N PHE A 63 -2.72 -8.40 3.10
CA PHE A 63 -3.51 -9.48 3.67
C PHE A 63 -4.93 -9.47 3.12
N LEU A 64 -5.54 -10.65 3.03
CA LEU A 64 -6.90 -10.78 2.52
C LEU A 64 -7.87 -11.14 3.64
N VAL A 65 -8.92 -10.35 3.77
CA VAL A 65 -9.94 -10.59 4.80
C VAL A 65 -11.21 -11.15 4.20
N ASP A 66 -11.82 -12.10 4.90
CA ASP A 66 -13.05 -12.73 4.43
C ASP A 66 -14.07 -12.84 5.56
N LEU A 67 -15.07 -11.98 5.54
CA LEU A 67 -16.11 -11.97 6.57
C LEU A 67 -17.42 -11.42 6.01
N TYR A 68 -18.52 -11.81 6.65
CA TYR A 68 -19.84 -11.36 6.22
C TYR A 68 -20.16 -11.84 4.80
N GLY A 69 -19.63 -13.03 4.46
CA GLY A 69 -19.87 -13.58 3.15
C GLY A 69 -19.19 -12.79 2.05
N GLN A 70 -18.37 -11.82 2.44
CA GLN A 70 -17.65 -10.98 1.49
C GLN A 70 -16.18 -10.88 1.84
N LYS A 71 -15.33 -11.06 0.84
CA LYS A 71 -13.88 -10.99 1.05
C LYS A 71 -13.31 -9.72 0.42
N TYR A 72 -12.50 -9.00 1.21
CA TYR A 72 -11.88 -7.76 0.73
C TYR A 72 -10.38 -7.78 0.94
N PHE A 73 -9.65 -7.08 0.08
CA PHE A 73 -8.20 -7.02 0.18
C PHE A 73 -7.75 -5.72 0.83
N ARG A 74 -6.86 -5.83 1.82
CA ARG A 74 -6.35 -4.66 2.52
C ARG A 74 -4.83 -4.72 2.64
N ILE A 75 -4.19 -3.57 2.43
CA ILE A 75 -2.73 -3.50 2.51
C ILE A 75 -2.30 -2.49 3.58
N LEU A 76 -1.30 -2.88 4.36
CA LEU A 76 -0.78 -2.01 5.42
C LEU A 76 0.67 -1.65 5.16
N PHE A 77 0.96 -0.36 5.16
CA PHE A 77 2.32 0.13 4.92
C PHE A 77 2.78 1.04 6.07
N GLN A 78 3.87 0.66 6.72
CA GLN A 78 4.41 1.43 7.82
C GLN A 78 5.93 1.59 7.70
N SER A 79 6.45 2.69 8.24
CA SER A 79 7.87 2.96 8.18
C SER A 79 8.56 2.60 9.51
N LYS A 80 9.87 2.79 9.57
CA LYS A 80 10.63 2.50 10.77
C LYS A 80 10.83 3.76 11.61
N LYS A 81 11.26 4.83 10.95
CA LYS A 81 11.49 6.10 11.63
C LYS A 81 10.16 6.82 11.90
N LEU A 82 9.08 6.24 11.41
CA LEU A 82 7.75 6.82 11.60
C LEU A 82 7.58 7.35 13.02
N SER A 83 7.23 8.62 13.14
CA SER A 83 7.03 9.25 14.45
C SER A 83 5.55 9.54 14.69
N GLU A 84 5.16 9.50 15.96
CA GLU A 84 3.77 9.76 16.33
C GLU A 84 3.42 11.24 16.14
N LEU A 85 4.44 12.09 16.25
CA LEU A 85 4.23 13.53 16.09
C LEU A 85 4.40 13.94 14.63
N HIS A 86 4.45 15.24 14.39
CA HIS A 86 4.61 15.78 13.04
C HIS A 86 3.41 15.41 12.17
N PRO A 87 2.27 16.05 12.45
CA PRO A 87 1.03 15.82 11.71
C PRO A 87 1.10 16.35 10.28
N GLU A 88 1.87 17.41 10.09
CA GLU A 88 2.02 18.01 8.76
C GLU A 88 2.51 16.99 7.75
N GLU A 89 3.29 16.01 8.22
CA GLU A 89 3.81 14.97 7.35
C GLU A 89 2.72 13.97 6.97
N ARG A 90 1.82 13.71 7.91
CA ARG A 90 0.73 12.76 7.69
C ARG A 90 -0.08 13.16 6.45
N LYS A 91 -0.48 14.43 6.39
CA LYS A 91 -1.25 14.94 5.27
C LYS A 91 -0.43 14.91 3.98
N LYS A 92 0.85 15.25 4.11
CA LYS A 92 1.75 15.26 2.96
C LYS A 92 1.77 13.90 2.27
N VAL A 93 2.04 12.85 3.05
CA VAL A 93 2.08 11.50 2.51
C VAL A 93 0.70 11.03 2.06
N ARG A 94 -0.32 11.49 2.76
CA ARG A 94 -1.70 11.12 2.43
C ARG A 94 -2.05 11.52 1.00
N GLU A 95 -1.83 12.80 0.68
CA GLU A 95 -2.13 13.31 -0.65
C GLU A 95 -1.12 12.76 -1.67
N LYS A 96 0.13 12.65 -1.26
CA LYS A 96 1.18 12.14 -2.13
C LYS A 96 0.86 10.73 -2.61
N PHE A 97 0.57 9.84 -1.67
CA PHE A 97 0.24 8.46 -1.99
C PHE A 97 -1.11 8.37 -2.70
N ASP A 98 -2.03 9.25 -2.33
CA ASP A 98 -3.36 9.28 -2.93
C ASP A 98 -3.27 9.51 -4.42
N GLU A 99 -2.49 10.52 -4.82
CA GLU A 99 -2.33 10.84 -6.23
C GLU A 99 -1.51 9.77 -6.95
N ASN A 100 -0.38 9.39 -6.35
CA ASN A 100 0.48 8.38 -6.93
C ASN A 100 -0.31 7.11 -7.27
N SER A 101 -1.23 6.75 -6.38
CA SER A 101 -2.06 5.56 -6.58
C SER A 101 -3.13 5.81 -7.62
N ARG A 102 -3.78 6.97 -7.53
CA ARG A 102 -4.84 7.33 -8.48
C ARG A 102 -4.26 7.64 -9.85
N MET A 103 -2.93 7.71 -9.92
CA MET A 103 -2.25 7.99 -11.19
C MET A 103 -2.89 7.22 -12.34
N GLN A 104 -2.90 7.82 -13.52
CA GLN A 104 -3.48 7.20 -14.70
C GLN A 104 -2.91 5.80 -14.90
N TYR A 105 -3.65 4.96 -15.62
CA TYR A 105 -3.21 3.60 -15.90
C TYR A 105 -1.91 3.60 -16.67
N SER A 106 -1.73 4.58 -17.55
CA SER A 106 -0.52 4.69 -18.36
C SER A 106 0.72 4.68 -17.48
N GLU A 107 0.73 5.54 -16.47
CA GLU A 107 1.87 5.63 -15.55
C GLU A 107 1.88 4.44 -14.58
N LEU A 108 0.69 4.04 -14.15
CA LEU A 108 0.56 2.92 -13.22
C LEU A 108 1.12 1.64 -13.83
N MET A 109 0.90 1.46 -15.12
CA MET A 109 1.39 0.28 -15.82
C MET A 109 2.84 0.45 -16.24
N THR A 110 3.19 1.68 -16.65
CA THR A 110 4.55 1.98 -17.08
C THR A 110 5.54 1.85 -15.92
N LYS A 111 5.20 2.46 -14.79
CA LYS A 111 6.06 2.40 -13.62
C LYS A 111 6.09 0.99 -13.03
N TYR A 112 5.23 0.12 -13.55
CA TYR A 112 5.16 -1.25 -13.07
C TYR A 112 5.92 -2.19 -14.00
N HIS A 113 5.71 -2.03 -15.30
CA HIS A 113 6.38 -2.87 -16.29
C HIS A 113 7.67 -2.20 -16.78
N ASP A 114 7.53 -0.98 -17.30
CA ASP A 114 8.69 -0.24 -17.79
C ASP A 114 9.77 -0.14 -16.73
N LEU A 115 9.38 -0.33 -15.47
CA LEU A 115 10.31 -0.25 -14.36
C LEU A 115 11.31 -1.42 -14.40
N LYS A 116 11.05 -2.37 -15.29
CA LYS A 116 11.92 -3.53 -15.44
C LYS A 116 13.34 -3.11 -15.80
N LYS A 117 13.48 -1.89 -16.29
CA LYS A 117 14.78 -1.36 -16.68
C LYS A 117 15.80 -1.57 -15.57
N GLN A 118 15.56 -0.95 -14.43
CA GLN A 118 16.46 -1.07 -13.28
C GLN A 118 15.72 -1.60 -12.06
N GLY A 119 14.43 -1.30 -11.97
CA GLY A 119 13.64 -1.74 -10.85
C GLY A 119 13.00 -3.10 -11.09
N LYS A 120 12.31 -3.62 -10.10
CA LYS A 120 11.65 -4.91 -10.21
C LYS A 120 10.39 -4.97 -9.32
N ILE A 121 9.73 -6.12 -9.32
CA ILE A 121 8.53 -6.30 -8.53
C ILE A 121 8.43 -7.73 -8.00
N LYS A 122 7.90 -7.87 -6.78
CA LYS A 122 7.75 -9.18 -6.17
C LYS A 122 6.30 -9.43 -5.78
N ASP A 123 5.90 -10.70 -5.77
CA ASP A 123 4.54 -11.07 -5.41
C ASP A 123 4.53 -11.98 -4.18
N ARG A 124 4.61 -11.37 -3.00
CA ARG A 124 4.61 -12.13 -1.76
C ARG A 124 3.22 -12.70 -1.47
N PRO A 125 3.18 -13.73 -0.60
CA PRO A 125 1.93 -14.39 -0.21
C PRO A 125 1.04 -13.50 0.64
N VAL A 126 -0.27 -13.53 0.39
CA VAL A 126 -1.22 -12.73 1.14
C VAL A 126 -1.54 -13.38 2.48
N LYS A 127 -1.58 -12.56 3.53
CA LYS A 127 -1.89 -13.05 4.87
C LYS A 127 -3.39 -13.06 5.12
N GLU A 128 -3.87 -14.12 5.76
CA GLU A 128 -5.29 -14.25 6.07
C GLU A 128 -5.69 -13.34 7.23
N VAL A 129 -6.84 -12.69 7.10
CA VAL A 129 -7.34 -11.80 8.13
C VAL A 129 -8.54 -12.39 8.85
N HIS A 130 -8.60 -12.20 10.17
CA HIS A 130 -9.71 -12.72 10.96
C HIS A 130 -10.41 -11.59 11.73
N GLU A 131 -11.48 -11.93 12.42
CA GLU A 131 -12.23 -10.94 13.19
C GLU A 131 -11.53 -10.64 14.51
N GLU A 132 -11.15 -9.37 14.70
CA GLU A 132 -10.48 -8.95 15.91
C GLU A 132 -9.96 -7.52 15.77
N TYR A 133 -9.12 -7.11 16.72
CA TYR A 133 -8.56 -5.77 16.71
C TYR A 133 -7.04 -5.82 16.62
N ASP A 134 -6.52 -5.78 15.39
CA ASP A 134 -5.08 -5.82 15.17
C ASP A 134 -4.65 -4.75 14.19
N LEU A 135 -5.04 -4.91 12.93
CA LEU A 135 -4.70 -3.94 11.89
C LEU A 135 -5.26 -2.57 12.22
N TRP A 136 -5.22 -1.66 11.25
CA TRP A 136 -5.71 -0.31 11.44
C TRP A 136 -7.22 -0.31 11.70
N GLU A 137 -7.94 -1.15 10.96
CA GLU A 137 -9.39 -1.25 11.10
C GLU A 137 -10.01 0.11 11.38
N ASP A 138 -10.02 0.97 10.37
CA ASP A 138 -10.58 2.31 10.51
C ASP A 138 -10.48 3.07 9.18
N PRO A 139 -9.25 3.27 8.70
CA PRO A 139 -9.00 3.98 7.44
C PRO A 139 -9.45 3.19 6.22
N ILE A 140 -9.03 1.94 6.14
CA ILE A 140 -9.39 1.08 5.02
C ILE A 140 -10.85 0.62 5.14
N TRP A 141 -11.36 0.61 6.37
CA TRP A 141 -12.74 0.19 6.60
C TRP A 141 -13.72 1.25 6.11
N GLN A 142 -13.28 2.51 6.14
CA GLN A 142 -14.13 3.61 5.69
C GLN A 142 -13.76 4.04 4.28
N TYR A 143 -12.64 4.75 4.16
CA TYR A 143 -12.18 5.22 2.85
C TYR A 143 -10.69 5.58 2.91
N ILE A 144 -10.04 5.53 1.76
CA ILE A 144 -8.63 5.86 1.66
C ILE A 144 -8.33 7.22 2.28
N MET A 23 10.87 7.20 -0.62
CA MET A 23 12.19 7.11 -0.01
C MET A 23 12.10 7.24 1.50
N GLN A 24 11.64 6.17 2.15
CA GLN A 24 11.51 6.16 3.61
C GLN A 24 10.72 7.38 4.09
N LYS A 25 9.47 7.47 3.64
CA LYS A 25 8.60 8.58 4.03
C LYS A 25 8.58 8.75 5.55
N GLY A 26 8.50 7.63 6.27
CA GLY A 26 8.47 7.68 7.72
C GLY A 26 7.07 7.80 8.26
N LEU A 27 6.08 7.38 7.48
CA LEU A 27 4.68 7.44 7.90
C LEU A 27 3.97 6.13 7.62
N GLU A 28 2.86 5.90 8.31
CA GLU A 28 2.09 4.68 8.13
C GLU A 28 0.81 4.95 7.35
N ILE A 29 0.55 4.13 6.33
CA ILE A 29 -0.64 4.29 5.51
C ILE A 29 -1.21 2.93 5.10
N ALA A 30 -2.53 2.86 4.98
CA ALA A 30 -3.20 1.63 4.60
C ALA A 30 -4.04 1.82 3.35
N PHE A 31 -4.10 0.79 2.52
CA PHE A 31 -4.87 0.85 1.28
C PHE A 31 -5.71 -0.42 1.10
N GLN A 32 -6.96 -0.25 0.68
CA GLN A 32 -7.86 -1.37 0.47
C GLN A 32 -8.06 -1.64 -1.01
N THR A 33 -8.51 -2.85 -1.34
CA THR A 33 -8.75 -3.23 -2.73
C THR A 33 -9.69 -4.42 -2.83
N ILE A 34 -10.54 -4.41 -3.85
CA ILE A 34 -11.49 -5.49 -4.05
C ILE A 34 -11.61 -5.85 -5.53
N ASN A 35 -11.78 -4.83 -6.37
CA ASN A 35 -11.91 -5.04 -7.80
C ASN A 35 -10.55 -5.32 -8.44
N GLY A 36 -10.56 -6.06 -9.54
CA GLY A 36 -9.33 -6.40 -10.22
C GLY A 36 -8.57 -5.17 -10.68
N LEU A 37 -9.27 -4.04 -10.77
CA LEU A 37 -8.66 -2.79 -11.19
C LEU A 37 -7.72 -2.25 -10.11
N ASP A 38 -7.99 -2.59 -8.87
CA ASP A 38 -7.17 -2.14 -7.75
C ASP A 38 -5.95 -3.03 -7.59
N GLU A 39 -6.10 -4.31 -7.93
CA GLU A 39 -5.00 -5.26 -7.82
C GLU A 39 -3.75 -4.74 -8.51
N SER A 40 -3.92 -4.23 -9.73
CA SER A 40 -2.81 -3.70 -10.50
C SER A 40 -2.05 -2.65 -9.69
N LEU A 41 -2.78 -1.85 -8.93
CA LEU A 41 -2.17 -0.81 -8.12
C LEU A 41 -1.42 -1.41 -6.93
N VAL A 42 -2.01 -2.44 -6.33
CA VAL A 42 -1.40 -3.11 -5.18
C VAL A 42 -0.03 -3.67 -5.54
N GLN A 43 0.02 -4.45 -6.62
CA GLN A 43 1.26 -5.06 -7.08
C GLN A 43 2.23 -3.99 -7.59
N ALA A 44 1.72 -3.10 -8.43
CA ALA A 44 2.54 -2.02 -8.98
C ALA A 44 3.18 -1.18 -7.89
N LEU A 45 2.35 -0.70 -6.96
CA LEU A 45 2.84 0.11 -5.85
C LEU A 45 3.77 -0.69 -4.95
N ALA A 46 3.48 -1.99 -4.82
CA ALA A 46 4.29 -2.87 -3.98
C ALA A 46 5.70 -3.01 -4.55
N GLY A 47 5.80 -3.23 -5.85
CA GLY A 47 7.09 -3.39 -6.49
C GLY A 47 7.89 -2.10 -6.48
N VAL A 48 7.27 -1.01 -6.91
CA VAL A 48 7.94 0.29 -6.96
C VAL A 48 8.35 0.74 -5.56
N THR A 49 7.52 0.42 -4.57
CA THR A 49 7.79 0.80 -3.19
C THR A 49 9.01 0.05 -2.65
N ALA A 50 9.02 -1.26 -2.82
CA ALA A 50 10.12 -2.09 -2.35
C ALA A 50 11.43 -1.68 -3.02
N SER A 51 11.37 -1.37 -4.31
CA SER A 51 12.54 -0.96 -5.06
C SER A 51 12.95 0.47 -4.71
N ASP A 52 11.96 1.29 -4.39
CA ASP A 52 12.21 2.68 -4.03
C ASP A 52 12.65 2.80 -2.57
N PHE A 53 12.43 1.73 -1.81
CA PHE A 53 12.79 1.72 -0.40
C PHE A 53 13.94 0.73 -0.15
N PRO A 54 15.15 1.12 -0.57
CA PRO A 54 16.34 0.28 -0.41
C PRO A 54 16.78 0.19 1.05
N ASP A 55 16.27 1.09 1.88
CA ASP A 55 16.61 1.11 3.29
C ASP A 55 16.22 -0.21 3.96
N LEU A 56 15.32 -0.95 3.32
CA LEU A 56 14.86 -2.22 3.85
C LEU A 56 14.21 -2.05 5.21
N ASP A 57 13.81 -0.82 5.52
CA ASP A 57 13.17 -0.51 6.79
C ASP A 57 11.65 -0.45 6.64
N ILE A 58 11.18 -0.76 5.44
CA ILE A 58 9.74 -0.74 5.16
C ILE A 58 9.03 -1.90 5.84
N LYS A 59 7.91 -1.60 6.50
CA LYS A 59 7.14 -2.62 7.19
C LYS A 59 5.71 -2.69 6.64
N TYR A 60 5.58 -3.23 5.44
CA TYR A 60 4.29 -3.36 4.79
C TYR A 60 3.99 -4.81 4.45
N ASN A 61 2.78 -5.07 3.95
CA ASN A 61 2.37 -6.41 3.57
C ASN A 61 0.95 -6.42 3.02
N ILE A 62 0.54 -7.54 2.45
CA ILE A 62 -0.79 -7.68 1.88
C ILE A 62 -1.50 -8.91 2.43
N PHE A 63 -2.68 -8.71 3.01
CA PHE A 63 -3.45 -9.80 3.57
C PHE A 63 -4.89 -9.77 3.06
N LEU A 64 -5.50 -10.94 2.93
CA LEU A 64 -6.87 -11.05 2.44
C LEU A 64 -7.82 -11.37 3.59
N VAL A 65 -8.90 -10.60 3.68
CA VAL A 65 -9.90 -10.80 4.73
C VAL A 65 -11.21 -11.33 4.16
N ASP A 66 -11.83 -12.25 4.87
CA ASP A 66 -13.09 -12.84 4.43
C ASP A 66 -14.10 -12.88 5.58
N LEU A 67 -15.19 -12.13 5.41
CA LEU A 67 -16.23 -12.08 6.44
C LEU A 67 -17.59 -11.78 5.81
N TYR A 68 -18.63 -12.43 6.32
CA TYR A 68 -19.98 -12.24 5.80
C TYR A 68 -20.10 -12.73 4.37
N GLY A 69 -19.47 -13.87 4.09
CA GLY A 69 -19.51 -14.43 2.75
C GLY A 69 -18.84 -13.53 1.72
N GLN A 70 -18.14 -12.52 2.20
CA GLN A 70 -17.46 -11.58 1.31
C GLN A 70 -15.97 -11.48 1.67
N LYS A 71 -15.12 -11.56 0.66
CA LYS A 71 -13.68 -11.47 0.87
C LYS A 71 -13.08 -10.30 0.10
N TYR A 72 -12.29 -9.48 0.79
CA TYR A 72 -11.67 -8.32 0.16
C TYR A 72 -10.16 -8.30 0.43
N PHE A 73 -9.44 -7.48 -0.32
CA PHE A 73 -8.00 -7.37 -0.17
C PHE A 73 -7.63 -6.10 0.59
N ARG A 74 -6.77 -6.25 1.60
CA ARG A 74 -6.34 -5.12 2.40
C ARG A 74 -4.83 -5.10 2.57
N ILE A 75 -4.21 -3.96 2.28
CA ILE A 75 -2.76 -3.82 2.40
C ILE A 75 -2.40 -2.85 3.51
N LEU A 76 -1.40 -3.22 4.31
CA LEU A 76 -0.95 -2.39 5.42
C LEU A 76 0.52 -2.01 5.24
N PHE A 77 0.80 -0.71 5.27
CA PHE A 77 2.16 -0.21 5.12
C PHE A 77 2.52 0.75 6.25
N GLN A 78 3.55 0.41 7.02
CA GLN A 78 3.99 1.24 8.13
C GLN A 78 5.51 1.38 8.14
N SER A 79 5.99 2.50 8.68
CA SER A 79 7.43 2.76 8.73
C SER A 79 7.92 2.75 10.18
N LYS A 80 9.23 2.88 10.36
CA LYS A 80 9.83 2.89 11.68
C LYS A 80 10.06 4.32 12.16
N LYS A 81 10.16 5.24 11.22
CA LYS A 81 10.37 6.65 11.55
C LYS A 81 9.06 7.32 11.97
N LEU A 82 7.98 6.55 11.91
CA LEU A 82 6.66 7.07 12.28
C LEU A 82 6.74 7.86 13.60
N SER A 83 6.63 9.17 13.49
CA SER A 83 6.69 10.04 14.66
C SER A 83 5.32 10.63 14.97
N GLU A 84 5.06 10.90 16.24
CA GLU A 84 3.79 11.47 16.67
C GLU A 84 3.67 12.92 16.22
N LEU A 85 4.79 13.63 16.22
CA LEU A 85 4.81 15.04 15.81
C LEU A 85 5.09 15.16 14.32
N HIS A 86 5.33 16.39 13.86
CA HIS A 86 5.61 16.65 12.46
C HIS A 86 4.39 16.31 11.60
N PRO A 87 3.31 17.09 11.77
CA PRO A 87 2.07 16.90 11.01
C PRO A 87 2.22 17.26 9.54
N GLU A 88 3.35 17.88 9.20
CA GLU A 88 3.62 18.28 7.82
C GLU A 88 3.88 17.06 6.94
N GLU A 89 4.75 16.18 7.41
CA GLU A 89 5.08 14.97 6.66
C GLU A 89 3.86 14.07 6.51
N ARG A 90 2.98 14.11 7.50
CA ARG A 90 1.77 13.29 7.48
C ARG A 90 0.90 13.65 6.28
N LYS A 91 0.59 14.93 6.14
CA LYS A 91 -0.25 15.40 5.04
C LYS A 91 0.49 15.25 3.70
N LYS A 92 1.80 15.41 3.73
CA LYS A 92 2.61 15.29 2.52
C LYS A 92 2.48 13.89 1.93
N VAL A 93 2.70 12.87 2.74
CA VAL A 93 2.61 11.49 2.29
C VAL A 93 1.16 11.11 1.98
N ARG A 94 0.22 11.68 2.74
CA ARG A 94 -1.20 11.41 2.54
C ARG A 94 -1.63 11.78 1.13
N GLU A 95 -1.35 13.02 0.73
CA GLU A 95 -1.72 13.50 -0.60
C GLU A 95 -0.84 12.86 -1.67
N LYS A 96 0.44 12.64 -1.33
CA LYS A 96 1.38 12.03 -2.26
C LYS A 96 0.93 10.63 -2.64
N PHE A 97 0.67 9.80 -1.62
CA PHE A 97 0.24 8.43 -1.85
C PHE A 97 -1.17 8.39 -2.45
N ASP A 98 -2.01 9.33 -2.01
CA ASP A 98 -3.38 9.39 -2.49
C ASP A 98 -3.42 9.59 -4.01
N GLU A 99 -2.65 10.56 -4.49
CA GLU A 99 -2.60 10.84 -5.92
C GLU A 99 -1.89 9.73 -6.68
N ASN A 100 -0.72 9.32 -6.17
CA ASN A 100 0.05 8.26 -6.81
C ASN A 100 -0.81 7.02 -7.02
N SER A 101 -1.68 6.72 -6.05
CA SER A 101 -2.55 5.56 -6.14
C SER A 101 -3.71 5.83 -7.10
N ARG A 102 -4.29 7.02 -7.00
CA ARG A 102 -5.41 7.40 -7.85
C ARG A 102 -4.95 7.63 -9.28
N MET A 103 -3.64 7.64 -9.48
CA MET A 103 -3.07 7.86 -10.80
C MET A 103 -3.80 7.01 -11.85
N GLN A 104 -3.70 7.43 -13.11
CA GLN A 104 -4.36 6.72 -14.20
C GLN A 104 -3.63 5.40 -14.50
N TYR A 105 -4.34 4.48 -15.15
CA TYR A 105 -3.77 3.19 -15.49
C TYR A 105 -2.51 3.35 -16.33
N SER A 106 -2.49 4.37 -17.17
CA SER A 106 -1.35 4.64 -18.04
C SER A 106 -0.07 4.81 -17.21
N GLU A 107 -0.15 5.69 -16.22
CA GLU A 107 0.99 5.96 -15.35
C GLU A 107 1.22 4.80 -14.37
N LEU A 108 0.13 4.21 -13.90
CA LEU A 108 0.21 3.10 -12.98
C LEU A 108 0.88 1.89 -13.61
N MET A 109 0.59 1.66 -14.89
CA MET A 109 1.17 0.54 -15.62
C MET A 109 2.57 0.88 -16.11
N THR A 110 2.77 2.14 -16.48
CA THR A 110 4.07 2.60 -16.97
C THR A 110 5.12 2.51 -15.87
N LYS A 111 4.80 3.04 -14.69
CA LYS A 111 5.71 3.03 -13.57
C LYS A 111 5.92 1.61 -13.05
N TYR A 112 5.11 0.68 -13.54
CA TYR A 112 5.20 -0.71 -13.13
C TYR A 112 6.01 -1.53 -14.13
N HIS A 113 5.71 -1.34 -15.41
CA HIS A 113 6.40 -2.05 -16.48
C HIS A 113 7.60 -1.25 -16.99
N ASP A 114 7.33 -0.03 -17.44
CA ASP A 114 8.38 0.84 -17.97
C ASP A 114 9.45 1.08 -16.90
N LEU A 115 9.06 0.99 -15.64
CA LEU A 115 9.97 1.20 -14.52
C LEU A 115 10.50 -0.13 -13.99
N LYS A 116 9.84 -1.22 -14.37
CA LYS A 116 10.23 -2.54 -13.94
C LYS A 116 11.68 -2.82 -14.29
N LYS A 117 12.19 -2.13 -15.31
CA LYS A 117 13.57 -2.31 -15.74
C LYS A 117 14.52 -2.27 -14.55
N GLN A 118 14.49 -1.17 -13.81
CA GLN A 118 15.35 -1.03 -12.64
C GLN A 118 14.58 -1.29 -11.35
N GLY A 119 13.28 -1.03 -11.38
CA GLY A 119 12.45 -1.25 -10.20
C GLY A 119 11.76 -2.61 -10.24
N LYS A 120 12.50 -3.65 -9.90
CA LYS A 120 11.94 -5.00 -9.90
C LYS A 120 10.72 -5.09 -9.00
N ILE A 121 9.99 -6.19 -9.09
CA ILE A 121 8.79 -6.39 -8.29
C ILE A 121 8.62 -7.86 -7.91
N LYS A 122 8.15 -8.11 -6.70
CA LYS A 122 7.94 -9.47 -6.22
C LYS A 122 6.50 -9.65 -5.73
N ASP A 123 6.00 -10.88 -5.87
CA ASP A 123 4.64 -11.18 -5.43
C ASP A 123 4.65 -12.08 -4.20
N ARG A 124 4.64 -11.46 -3.02
CA ARG A 124 4.65 -12.20 -1.77
C ARG A 124 3.28 -12.83 -1.49
N PRO A 125 3.27 -13.86 -0.63
CA PRO A 125 2.04 -14.57 -0.26
C PRO A 125 1.11 -13.71 0.59
N VAL A 126 -0.18 -13.75 0.28
CA VAL A 126 -1.16 -12.98 1.03
C VAL A 126 -1.50 -13.66 2.35
N LYS A 127 -1.57 -12.86 3.41
CA LYS A 127 -1.89 -13.37 4.74
C LYS A 127 -3.39 -13.39 4.98
N GLU A 128 -3.88 -14.46 5.59
CA GLU A 128 -5.31 -14.60 5.87
C GLU A 128 -5.71 -13.72 7.05
N VAL A 129 -6.83 -13.03 6.91
CA VAL A 129 -7.33 -12.15 7.96
C VAL A 129 -8.60 -12.71 8.58
N HIS A 130 -8.73 -12.57 9.90
CA HIS A 130 -9.90 -13.06 10.61
C HIS A 130 -10.64 -11.92 11.30
N GLU A 131 -11.74 -12.25 11.97
CA GLU A 131 -12.53 -11.24 12.67
C GLU A 131 -11.88 -10.85 13.99
N GLU A 132 -11.58 -9.56 14.14
CA GLU A 132 -10.95 -9.06 15.35
C GLU A 132 -10.58 -7.59 15.21
N TYR A 133 -9.79 -7.08 16.14
CA TYR A 133 -9.37 -5.68 16.12
C TYR A 133 -7.86 -5.56 16.30
N ASP A 134 -7.12 -5.73 15.22
CA ASP A 134 -5.67 -5.64 15.26
C ASP A 134 -5.15 -4.63 14.23
N LEU A 135 -5.62 -4.78 12.99
CA LEU A 135 -5.21 -3.88 11.91
C LEU A 135 -5.57 -2.44 12.24
N TRP A 136 -5.41 -1.56 11.25
CA TRP A 136 -5.72 -0.15 11.43
C TRP A 136 -7.20 0.05 11.75
N GLU A 137 -8.05 -0.67 11.04
CA GLU A 137 -9.49 -0.58 11.25
C GLU A 137 -9.94 0.88 11.29
N ASP A 138 -9.86 1.54 10.14
CA ASP A 138 -10.26 2.94 10.03
C ASP A 138 -10.09 3.44 8.60
N PRO A 139 -8.84 3.43 8.11
CA PRO A 139 -8.52 3.89 6.76
C PRO A 139 -9.06 2.94 5.68
N ILE A 140 -8.74 1.65 5.83
CA ILE A 140 -9.20 0.65 4.87
C ILE A 140 -10.66 0.27 5.12
N TRP A 141 -11.15 0.62 6.30
CA TRP A 141 -12.53 0.31 6.67
C TRP A 141 -13.50 1.30 6.03
N GLN A 142 -13.01 2.52 5.78
CA GLN A 142 -13.83 3.56 5.17
C GLN A 142 -13.81 3.45 3.64
N TYR A 143 -12.70 3.85 3.04
CA TYR A 143 -12.55 3.80 1.60
C TYR A 143 -11.08 3.70 1.20
N ILE A 144 -10.82 3.74 -0.10
CA ILE A 144 -9.46 3.65 -0.61
C ILE A 144 -8.58 4.76 -0.04
N MET A 23 9.67 13.49 -0.10
CA MET A 23 10.02 12.31 0.68
C MET A 23 8.79 11.73 1.37
N GLN A 24 8.47 10.48 1.04
CA GLN A 24 7.31 9.81 1.63
C GLN A 24 7.75 8.81 2.70
N LYS A 25 8.99 8.34 2.60
CA LYS A 25 9.53 7.38 3.55
C LYS A 25 9.50 7.94 4.97
N GLY A 26 9.02 7.14 5.91
CA GLY A 26 8.94 7.58 7.29
C GLY A 26 7.52 7.86 7.74
N LEU A 27 6.55 7.30 7.00
CA LEU A 27 5.15 7.49 7.32
C LEU A 27 4.37 6.20 7.16
N GLU A 28 3.21 6.11 7.80
CA GLU A 28 2.37 4.92 7.72
C GLU A 28 1.06 5.23 7.01
N ILE A 29 0.76 4.45 5.97
CA ILE A 29 -0.48 4.63 5.21
C ILE A 29 -1.07 3.30 4.79
N ALA A 30 -2.40 3.24 4.73
CA ALA A 30 -3.09 2.02 4.34
C ALA A 30 -3.90 2.23 3.07
N PHE A 31 -3.97 1.20 2.24
CA PHE A 31 -4.71 1.27 0.99
C PHE A 31 -5.72 0.15 0.88
N GLN A 32 -6.92 0.47 0.41
CA GLN A 32 -7.98 -0.51 0.27
C GLN A 32 -8.17 -0.91 -1.19
N THR A 33 -8.60 -2.15 -1.42
CA THR A 33 -8.82 -2.65 -2.77
C THR A 33 -9.88 -3.73 -2.78
N ILE A 34 -10.67 -3.76 -3.86
CA ILE A 34 -11.73 -4.75 -4.00
C ILE A 34 -11.83 -5.25 -5.44
N ASN A 35 -12.25 -4.36 -6.33
CA ASN A 35 -12.39 -4.71 -7.74
C ASN A 35 -11.10 -5.35 -8.27
N GLY A 36 -11.25 -6.31 -9.20
CA GLY A 36 -10.10 -6.97 -9.77
C GLY A 36 -9.08 -6.00 -10.32
N LEU A 37 -9.54 -4.82 -10.71
CA LEU A 37 -8.65 -3.80 -11.26
C LEU A 37 -7.71 -3.26 -10.19
N ASP A 38 -8.23 -3.08 -8.99
CA ASP A 38 -7.43 -2.57 -7.88
C ASP A 38 -6.18 -3.42 -7.69
N GLU A 39 -6.29 -4.71 -7.96
CA GLU A 39 -5.17 -5.63 -7.82
C GLU A 39 -3.93 -5.08 -8.54
N SER A 40 -4.12 -4.62 -9.77
CA SER A 40 -3.04 -4.08 -10.57
C SER A 40 -2.30 -2.98 -9.80
N LEU A 41 -3.04 -2.15 -9.08
CA LEU A 41 -2.47 -1.06 -8.31
C LEU A 41 -1.71 -1.60 -7.11
N VAL A 42 -2.26 -2.63 -6.48
CA VAL A 42 -1.62 -3.23 -5.31
C VAL A 42 -0.25 -3.79 -5.65
N GLN A 43 -0.19 -4.63 -6.69
CA GLN A 43 1.07 -5.22 -7.12
C GLN A 43 2.01 -4.16 -7.69
N ALA A 44 1.45 -3.25 -8.48
CA ALA A 44 2.24 -2.18 -9.09
C ALA A 44 2.85 -1.29 -8.02
N LEU A 45 2.02 -0.78 -7.12
CA LEU A 45 2.49 0.09 -6.05
C LEU A 45 3.47 -0.63 -5.14
N ALA A 46 3.25 -1.94 -4.96
CA ALA A 46 4.11 -2.75 -4.11
C ALA A 46 5.51 -2.86 -4.71
N GLY A 47 5.58 -3.09 -6.01
CA GLY A 47 6.86 -3.22 -6.68
C GLY A 47 7.58 -1.90 -6.79
N VAL A 48 6.83 -0.81 -6.96
CA VAL A 48 7.40 0.52 -7.08
C VAL A 48 8.03 0.97 -5.76
N THR A 49 7.27 0.87 -4.68
CA THR A 49 7.75 1.26 -3.36
C THR A 49 8.92 0.39 -2.92
N ALA A 50 8.79 -0.92 -3.13
CA ALA A 50 9.83 -1.87 -2.76
C ALA A 50 11.10 -1.64 -3.58
N SER A 51 10.92 -1.31 -4.86
CA SER A 51 12.04 -1.07 -5.76
C SER A 51 12.68 0.28 -5.48
N ASP A 52 11.86 1.25 -5.09
CA ASP A 52 12.34 2.59 -4.80
C ASP A 52 12.94 2.65 -3.39
N PHE A 53 12.61 1.66 -2.57
CA PHE A 53 13.12 1.61 -1.21
C PHE A 53 14.08 0.43 -1.03
N PRO A 54 15.30 0.58 -1.57
CA PRO A 54 16.33 -0.46 -1.49
C PRO A 54 16.88 -0.62 -0.07
N ASP A 55 16.62 0.36 0.77
CA ASP A 55 17.08 0.33 2.16
C ASP A 55 16.41 -0.81 2.92
N LEU A 56 15.35 -1.36 2.34
CA LEU A 56 14.62 -2.46 2.97
C LEU A 56 13.95 -2.01 4.25
N ASP A 57 13.86 -0.69 4.44
CA ASP A 57 13.22 -0.12 5.62
C ASP A 57 11.71 -0.08 5.47
N ILE A 58 11.23 -0.50 4.30
CA ILE A 58 9.80 -0.52 4.03
C ILE A 58 9.10 -1.63 4.81
N LYS A 59 8.14 -1.26 5.64
CA LYS A 59 7.39 -2.23 6.44
C LYS A 59 5.94 -2.27 6.01
N TYR A 60 5.67 -2.93 4.89
CA TYR A 60 4.31 -3.06 4.37
C TYR A 60 3.91 -4.52 4.24
N ASN A 61 2.66 -4.75 3.86
CA ASN A 61 2.14 -6.09 3.69
C ASN A 61 0.75 -6.08 3.07
N ILE A 62 0.35 -7.20 2.48
CA ILE A 62 -0.96 -7.31 1.84
C ILE A 62 -1.74 -8.49 2.41
N PHE A 63 -2.88 -8.21 3.03
CA PHE A 63 -3.72 -9.25 3.61
C PHE A 63 -5.16 -9.11 3.12
N LEU A 64 -5.87 -10.23 3.06
CA LEU A 64 -7.26 -10.23 2.63
C LEU A 64 -8.20 -10.60 3.78
N VAL A 65 -9.27 -9.83 3.93
CA VAL A 65 -10.24 -10.08 4.99
C VAL A 65 -11.56 -10.61 4.42
N ASP A 66 -12.15 -11.57 5.11
CA ASP A 66 -13.41 -12.17 4.68
C ASP A 66 -14.38 -12.28 5.84
N LEU A 67 -15.37 -11.40 5.86
CA LEU A 67 -16.38 -11.41 6.92
C LEU A 67 -17.72 -10.89 6.41
N TYR A 68 -18.80 -11.28 7.08
CA TYR A 68 -20.13 -10.86 6.70
C TYR A 68 -20.47 -11.35 5.29
N GLY A 69 -19.95 -12.53 4.94
CA GLY A 69 -20.21 -13.09 3.64
C GLY A 69 -19.58 -12.29 2.51
N GLN A 70 -18.73 -11.33 2.88
CA GLN A 70 -18.06 -10.49 1.90
C GLN A 70 -16.56 -10.40 2.19
N LYS A 71 -15.75 -10.57 1.14
CA LYS A 71 -14.30 -10.51 1.28
C LYS A 71 -13.73 -9.34 0.49
N TYR A 72 -12.71 -8.70 1.05
CA TYR A 72 -12.07 -7.56 0.39
C TYR A 72 -10.55 -7.61 0.59
N PHE A 73 -9.84 -6.77 -0.17
CA PHE A 73 -8.39 -6.71 -0.08
C PHE A 73 -7.95 -5.49 0.71
N ARG A 74 -7.05 -5.69 1.66
CA ARG A 74 -6.54 -4.60 2.50
C ARG A 74 -5.03 -4.69 2.62
N ILE A 75 -4.35 -3.56 2.35
CA ILE A 75 -2.90 -3.51 2.44
C ILE A 75 -2.45 -2.48 3.47
N LEU A 76 -1.46 -2.85 4.28
CA LEU A 76 -0.93 -1.96 5.30
C LEU A 76 0.53 -1.61 5.03
N PHE A 77 0.82 -0.32 4.89
CA PHE A 77 2.18 0.13 4.63
C PHE A 77 2.66 1.05 5.75
N GLN A 78 3.74 0.65 6.41
CA GLN A 78 4.31 1.44 7.50
C GLN A 78 5.83 1.53 7.37
N SER A 79 6.39 2.62 7.88
CA SER A 79 7.84 2.84 7.83
C SER A 79 8.51 2.38 9.11
N LYS A 80 9.83 2.53 9.17
CA LYS A 80 10.59 2.12 10.35
C LYS A 80 10.85 3.32 11.25
N LYS A 81 11.38 4.40 10.67
CA LYS A 81 11.67 5.61 11.43
C LYS A 81 10.40 6.43 11.66
N LEU A 82 9.29 5.96 11.10
CA LEU A 82 8.02 6.65 11.24
C LEU A 82 7.79 7.09 12.69
N SER A 83 7.53 8.39 12.87
CA SER A 83 7.31 8.93 14.20
C SER A 83 5.85 9.32 14.39
N GLU A 84 5.37 9.22 15.64
CA GLU A 84 3.99 9.55 15.95
C GLU A 84 3.75 11.05 15.84
N LEU A 85 4.77 11.84 16.17
CA LEU A 85 4.66 13.29 16.11
C LEU A 85 4.73 13.78 14.67
N HIS A 86 4.70 15.10 14.49
CA HIS A 86 4.77 15.70 13.16
C HIS A 86 3.59 15.23 12.30
N PRO A 87 2.38 15.68 12.67
CA PRO A 87 1.15 15.33 11.95
C PRO A 87 1.08 15.98 10.57
N GLU A 88 1.89 17.01 10.37
CA GLU A 88 1.91 17.73 9.10
C GLU A 88 2.36 16.82 7.97
N GLU A 89 3.24 15.87 8.29
CA GLU A 89 3.74 14.93 7.29
C GLU A 89 2.68 13.89 6.94
N ARG A 90 1.84 13.55 7.92
CA ARG A 90 0.79 12.57 7.71
C ARG A 90 -0.07 12.93 6.50
N LYS A 91 -0.55 14.17 6.47
CA LYS A 91 -1.38 14.64 5.37
C LYS A 91 -0.58 14.68 4.07
N LYS A 92 0.69 15.05 4.17
CA LYS A 92 1.56 15.13 3.01
C LYS A 92 1.64 13.79 2.30
N VAL A 93 1.97 12.74 3.05
CA VAL A 93 2.07 11.39 2.49
C VAL A 93 0.70 10.87 2.08
N ARG A 94 -0.33 11.25 2.82
CA ARG A 94 -1.69 10.81 2.53
C ARG A 94 -2.10 11.22 1.11
N GLU A 95 -1.96 12.49 0.81
CA GLU A 95 -2.32 13.01 -0.51
C GLU A 95 -1.32 12.54 -1.56
N LYS A 96 -0.05 12.49 -1.19
CA LYS A 96 1.00 12.06 -2.10
C LYS A 96 0.75 10.63 -2.58
N PHE A 97 0.54 9.72 -1.64
CA PHE A 97 0.29 8.32 -1.96
C PHE A 97 -1.06 8.15 -2.64
N ASP A 98 -2.03 8.97 -2.23
CA ASP A 98 -3.37 8.92 -2.80
C ASP A 98 -3.33 9.17 -4.30
N GLU A 99 -2.65 10.24 -4.70
CA GLU A 99 -2.53 10.60 -6.11
C GLU A 99 -1.67 9.58 -6.86
N ASN A 100 -0.52 9.25 -6.29
CA ASN A 100 0.39 8.29 -6.90
C ASN A 100 -0.34 6.99 -7.25
N SER A 101 -1.24 6.57 -6.36
CA SER A 101 -1.99 5.34 -6.57
C SER A 101 -3.10 5.56 -7.60
N ARG A 102 -3.79 6.69 -7.49
CA ARG A 102 -4.87 7.02 -8.41
C ARG A 102 -4.33 7.38 -9.79
N MET A 103 -3.01 7.51 -9.88
CA MET A 103 -2.36 7.86 -11.14
C MET A 103 -2.99 7.10 -12.30
N GLN A 104 -2.97 7.70 -13.49
CA GLN A 104 -3.53 7.08 -14.67
C GLN A 104 -2.98 5.67 -14.88
N TYR A 105 -3.72 4.84 -15.59
CA TYR A 105 -3.31 3.46 -15.85
C TYR A 105 -1.97 3.44 -16.58
N SER A 106 -1.80 4.34 -17.55
CA SER A 106 -0.56 4.42 -18.32
C SER A 106 0.65 4.52 -17.39
N GLU A 107 0.60 5.46 -16.46
CA GLU A 107 1.69 5.66 -15.52
C GLU A 107 1.74 4.52 -14.50
N LEU A 108 0.58 4.01 -14.12
CA LEU A 108 0.50 2.92 -13.16
C LEU A 108 1.18 1.67 -13.69
N MET A 109 0.94 1.36 -14.96
CA MET A 109 1.53 0.19 -15.59
C MET A 109 2.98 0.45 -15.98
N THR A 110 3.30 1.72 -16.23
CA THR A 110 4.65 2.10 -16.60
C THR A 110 5.60 2.07 -15.41
N LYS A 111 5.16 2.68 -14.31
CA LYS A 111 5.96 2.71 -13.09
C LYS A 111 6.19 1.30 -12.55
N TYR A 112 5.46 0.34 -13.10
CA TYR A 112 5.58 -1.05 -12.67
C TYR A 112 6.34 -1.88 -13.71
N HIS A 113 5.99 -1.69 -14.98
CA HIS A 113 6.63 -2.41 -16.06
C HIS A 113 7.93 -1.73 -16.48
N ASP A 114 8.13 -0.51 -16.00
CA ASP A 114 9.33 0.25 -16.31
C ASP A 114 10.35 0.18 -15.18
N LEU A 115 9.87 0.41 -13.95
CA LEU A 115 10.74 0.37 -12.78
C LEU A 115 11.35 -1.01 -12.60
N LYS A 116 10.74 -2.01 -13.23
CA LYS A 116 11.22 -3.38 -13.15
C LYS A 116 12.55 -3.53 -13.88
N LYS A 117 12.92 -2.51 -14.65
CA LYS A 117 14.16 -2.54 -15.41
C LYS A 117 15.34 -2.13 -14.52
N GLN A 118 15.17 -1.04 -13.79
CA GLN A 118 16.22 -0.54 -12.90
C GLN A 118 16.14 -1.22 -11.53
N GLY A 119 14.95 -1.71 -11.19
CA GLY A 119 14.76 -2.37 -9.91
C GLY A 119 14.17 -3.75 -10.06
N LYS A 120 13.17 -4.06 -9.24
CA LYS A 120 12.52 -5.37 -9.28
C LYS A 120 11.23 -5.36 -8.47
N ILE A 121 10.43 -6.42 -8.62
CA ILE A 121 9.17 -6.53 -7.90
C ILE A 121 8.89 -7.97 -7.50
N LYS A 122 8.32 -8.15 -6.32
CA LYS A 122 7.99 -9.48 -5.82
C LYS A 122 6.52 -9.58 -5.44
N ASP A 123 5.91 -10.73 -5.72
CA ASP A 123 4.51 -10.95 -5.40
C ASP A 123 4.36 -11.92 -4.23
N ARG A 124 4.39 -11.37 -3.02
CA ARG A 124 4.26 -12.20 -1.82
C ARG A 124 2.81 -12.65 -1.62
N PRO A 125 2.63 -13.70 -0.82
CA PRO A 125 1.31 -14.26 -0.54
C PRO A 125 0.47 -13.32 0.34
N VAL A 126 -0.86 -13.43 0.19
CA VAL A 126 -1.77 -12.60 0.97
C VAL A 126 -2.06 -13.22 2.34
N LYS A 127 -2.04 -12.39 3.37
CA LYS A 127 -2.31 -12.86 4.73
C LYS A 127 -3.79 -12.82 5.03
N GLU A 128 -4.29 -13.85 5.72
CA GLU A 128 -5.69 -13.93 6.09
C GLU A 128 -6.01 -13.01 7.26
N VAL A 129 -7.14 -12.31 7.17
CA VAL A 129 -7.56 -11.39 8.23
C VAL A 129 -8.77 -11.93 8.97
N HIS A 130 -8.77 -11.75 10.29
CA HIS A 130 -9.87 -12.22 11.13
C HIS A 130 -10.52 -11.06 11.89
N GLU A 131 -11.57 -11.36 12.63
CA GLU A 131 -12.28 -10.35 13.39
C GLU A 131 -11.53 -10.02 14.68
N GLU A 132 -11.13 -8.76 14.84
CA GLU A 132 -10.41 -8.32 16.02
C GLU A 132 -9.90 -6.89 15.85
N TYR A 133 -9.03 -6.46 16.76
CA TYR A 133 -8.48 -5.12 16.71
C TYR A 133 -6.97 -5.15 16.50
N ASP A 134 -6.56 -5.40 15.26
CA ASP A 134 -5.14 -5.46 14.93
C ASP A 134 -4.77 -4.37 13.92
N LEU A 135 -5.17 -4.57 12.68
CA LEU A 135 -4.88 -3.61 11.62
C LEU A 135 -5.44 -2.24 11.97
N TRP A 136 -5.32 -1.29 11.03
CA TRP A 136 -5.82 0.06 11.24
C TRP A 136 -7.32 0.05 11.47
N GLU A 137 -8.04 -0.75 10.70
CA GLU A 137 -9.49 -0.84 10.83
C GLU A 137 -10.13 0.54 10.89
N ASP A 138 -10.08 1.26 9.77
CA ASP A 138 -10.64 2.59 9.70
C ASP A 138 -10.45 3.19 8.31
N PRO A 139 -9.17 3.34 7.91
CA PRO A 139 -8.81 3.90 6.60
C PRO A 139 -9.19 2.97 5.45
N ILE A 140 -8.78 1.71 5.56
CA ILE A 140 -9.07 0.72 4.53
C ILE A 140 -10.51 0.23 4.63
N TRP A 141 -11.16 0.54 5.74
CA TRP A 141 -12.54 0.13 5.97
C TRP A 141 -13.51 1.15 5.37
N GLN A 142 -13.06 2.39 5.26
CA GLN A 142 -13.89 3.46 4.72
C GLN A 142 -13.73 3.54 3.20
N TYR A 143 -12.61 4.07 2.75
CA TYR A 143 -12.34 4.20 1.32
C TYR A 143 -10.85 4.06 1.02
N ILE A 144 -10.50 4.13 -0.25
CA ILE A 144 -9.10 4.02 -0.66
C ILE A 144 -8.22 5.00 0.10
N MET A 23 8.18 8.23 -2.22
CA MET A 23 8.23 9.47 -1.45
C MET A 23 7.64 9.27 -0.06
N GLN A 24 6.69 8.35 0.05
CA GLN A 24 6.05 8.06 1.33
C GLN A 24 7.00 7.31 2.26
N LYS A 25 7.87 8.07 2.92
CA LYS A 25 8.85 7.48 3.84
C LYS A 25 8.79 8.17 5.20
N GLY A 26 8.41 7.42 6.23
CA GLY A 26 8.33 7.98 7.57
C GLY A 26 6.90 8.10 8.06
N LEU A 27 6.00 7.33 7.45
CA LEU A 27 4.60 7.34 7.83
C LEU A 27 3.91 6.04 7.44
N GLU A 28 2.96 5.61 8.25
CA GLU A 28 2.22 4.38 7.99
C GLU A 28 0.90 4.67 7.28
N ILE A 29 0.70 4.03 6.13
CA ILE A 29 -0.53 4.23 5.37
C ILE A 29 -1.18 2.90 5.02
N ALA A 30 -2.50 2.89 4.96
CA ALA A 30 -3.24 1.67 4.64
C ALA A 30 -4.05 1.85 3.35
N PHE A 31 -4.17 0.78 2.58
CA PHE A 31 -4.91 0.82 1.32
C PHE A 31 -5.75 -0.45 1.15
N GLN A 32 -6.99 -0.27 0.69
CA GLN A 32 -7.89 -1.39 0.48
C GLN A 32 -8.29 -1.50 -0.98
N THR A 33 -8.76 -2.68 -1.38
CA THR A 33 -9.18 -2.92 -2.75
C THR A 33 -10.18 -4.06 -2.84
N ILE A 34 -11.30 -3.81 -3.51
CA ILE A 34 -12.34 -4.81 -3.66
C ILE A 34 -12.78 -4.94 -5.12
N ASN A 35 -12.88 -3.81 -5.79
CA ASN A 35 -13.28 -3.78 -7.20
C ASN A 35 -12.44 -4.76 -8.02
N GLY A 36 -11.21 -5.00 -7.58
CA GLY A 36 -10.33 -5.90 -8.27
C GLY A 36 -9.44 -5.19 -9.28
N LEU A 37 -9.88 -4.02 -9.73
CA LEU A 37 -9.12 -3.24 -10.70
C LEU A 37 -7.94 -2.55 -10.04
N ASP A 38 -7.86 -2.66 -8.72
CA ASP A 38 -6.77 -2.05 -7.95
C ASP A 38 -5.63 -3.05 -7.75
N GLU A 39 -5.86 -4.29 -8.17
CA GLU A 39 -4.85 -5.34 -8.02
C GLU A 39 -3.50 -4.86 -8.55
N SER A 40 -3.51 -4.23 -9.73
CA SER A 40 -2.28 -3.74 -10.34
C SER A 40 -1.59 -2.72 -9.44
N LEU A 41 -2.40 -1.87 -8.81
CA LEU A 41 -1.87 -0.85 -7.91
C LEU A 41 -1.19 -1.47 -6.69
N VAL A 42 -1.81 -2.54 -6.17
CA VAL A 42 -1.27 -3.23 -5.02
C VAL A 42 0.08 -3.88 -5.33
N GLN A 43 0.13 -4.63 -6.42
CA GLN A 43 1.36 -5.30 -6.83
C GLN A 43 2.40 -4.29 -7.28
N ALA A 44 1.94 -3.22 -7.91
CA ALA A 44 2.83 -2.17 -8.40
C ALA A 44 3.41 -1.36 -7.25
N LEU A 45 2.53 -0.86 -6.37
CA LEU A 45 2.96 -0.08 -5.23
C LEU A 45 3.86 -0.90 -4.31
N ALA A 46 3.56 -2.19 -4.19
CA ALA A 46 4.34 -3.08 -3.35
C ALA A 46 5.76 -3.26 -3.89
N GLY A 47 5.87 -3.41 -5.21
CA GLY A 47 7.17 -3.58 -5.83
C GLY A 47 8.03 -2.33 -5.74
N VAL A 48 7.44 -1.18 -6.07
CA VAL A 48 8.16 0.08 -6.03
C VAL A 48 8.60 0.41 -4.60
N THR A 49 7.73 0.10 -3.64
CA THR A 49 8.02 0.37 -2.23
C THR A 49 9.20 -0.48 -1.75
N ALA A 50 9.10 -1.80 -1.95
CA ALA A 50 10.15 -2.71 -1.54
C ALA A 50 11.48 -2.36 -2.20
N SER A 51 11.41 -1.97 -3.47
CA SER A 51 12.61 -1.62 -4.23
C SER A 51 13.13 -0.25 -3.80
N ASP A 52 12.22 0.63 -3.41
CA ASP A 52 12.58 1.98 -2.98
C ASP A 52 13.10 1.96 -1.54
N PHE A 53 12.81 0.88 -0.82
CA PHE A 53 13.25 0.76 0.56
C PHE A 53 14.26 -0.38 0.70
N PRO A 54 15.48 -0.14 0.19
CA PRO A 54 16.56 -1.14 0.24
C PRO A 54 17.10 -1.33 1.66
N ASP A 55 16.79 -0.38 2.54
CA ASP A 55 17.24 -0.45 3.92
C ASP A 55 16.57 -1.63 4.64
N LEU A 56 15.54 -2.19 4.03
CA LEU A 56 14.82 -3.31 4.61
C LEU A 56 14.11 -2.90 5.89
N ASP A 57 14.00 -1.60 6.10
CA ASP A 57 13.32 -1.07 7.28
C ASP A 57 11.84 -0.86 7.02
N ILE A 58 11.42 -1.13 5.79
CA ILE A 58 10.02 -0.97 5.40
C ILE A 58 9.16 -2.10 5.97
N LYS A 59 8.07 -1.74 6.63
CA LYS A 59 7.18 -2.73 7.22
C LYS A 59 5.83 -2.74 6.49
N TYR A 60 5.82 -3.35 5.31
CA TYR A 60 4.60 -3.43 4.51
C TYR A 60 4.22 -4.89 4.24
N ASN A 61 2.92 -5.14 4.10
CA ASN A 61 2.43 -6.48 3.83
C ASN A 61 1.02 -6.45 3.26
N ILE A 62 0.58 -7.56 2.70
CA ILE A 62 -0.75 -7.65 2.11
C ILE A 62 -1.51 -8.88 2.64
N PHE A 63 -2.74 -8.66 3.06
CA PHE A 63 -3.56 -9.74 3.59
C PHE A 63 -4.93 -9.76 2.93
N LEU A 64 -5.54 -10.94 2.86
CA LEU A 64 -6.85 -11.09 2.25
C LEU A 64 -7.92 -11.42 3.30
N VAL A 65 -8.97 -10.63 3.35
CA VAL A 65 -10.05 -10.85 4.30
C VAL A 65 -11.28 -11.44 3.62
N ASP A 66 -11.93 -12.37 4.29
CA ASP A 66 -13.13 -13.02 3.74
C ASP A 66 -14.22 -13.10 4.79
N LEU A 67 -15.23 -12.24 4.66
CA LEU A 67 -16.35 -12.22 5.61
C LEU A 67 -17.61 -11.69 4.94
N TYR A 68 -18.77 -12.10 5.47
CA TYR A 68 -20.05 -11.66 4.92
C TYR A 68 -20.23 -12.17 3.50
N GLY A 69 -19.71 -13.36 3.22
CA GLY A 69 -19.83 -13.94 1.91
C GLY A 69 -19.04 -13.17 0.87
N GLN A 70 -18.26 -12.19 1.31
CA GLN A 70 -17.45 -11.39 0.41
C GLN A 70 -16.01 -11.28 0.91
N LYS A 71 -15.07 -11.28 -0.02
CA LYS A 71 -13.66 -11.19 0.32
C LYS A 71 -13.05 -9.90 -0.23
N TYR A 72 -12.33 -9.18 0.63
CA TYR A 72 -11.70 -7.94 0.23
C TYR A 72 -10.20 -7.97 0.51
N PHE A 73 -9.44 -7.25 -0.32
CA PHE A 73 -7.99 -7.19 -0.16
C PHE A 73 -7.56 -5.91 0.53
N ARG A 74 -6.71 -6.05 1.55
CA ARG A 74 -6.23 -4.90 2.31
C ARG A 74 -4.71 -4.96 2.47
N ILE A 75 -4.07 -3.80 2.43
CA ILE A 75 -2.62 -3.72 2.56
C ILE A 75 -2.24 -2.77 3.70
N LEU A 76 -1.26 -3.18 4.49
CA LEU A 76 -0.80 -2.37 5.62
C LEU A 76 0.67 -1.97 5.42
N PHE A 77 0.90 -0.66 5.38
CA PHE A 77 2.25 -0.13 5.20
C PHE A 77 2.65 0.77 6.37
N GLN A 78 3.73 0.40 7.05
CA GLN A 78 4.21 1.17 8.19
C GLN A 78 5.74 1.32 8.14
N SER A 79 6.24 2.41 8.72
CA SER A 79 7.67 2.66 8.75
C SER A 79 8.18 2.75 10.18
N LYS A 80 9.49 2.57 10.34
CA LYS A 80 10.11 2.63 11.66
C LYS A 80 10.67 4.02 11.94
N LYS A 81 10.66 4.86 10.93
CA LYS A 81 11.18 6.23 11.05
C LYS A 81 10.05 7.20 11.41
N LEU A 82 8.82 6.68 11.45
CA LEU A 82 7.66 7.50 11.77
C LEU A 82 7.92 8.35 13.02
N SER A 83 7.80 9.66 12.87
CA SER A 83 8.01 10.58 13.98
C SER A 83 6.71 11.25 14.39
N GLU A 84 6.58 11.54 15.68
CA GLU A 84 5.39 12.19 16.21
C GLU A 84 5.35 13.66 15.81
N LEU A 85 6.50 14.31 15.86
CA LEU A 85 6.59 15.73 15.50
C LEU A 85 6.53 15.91 13.99
N HIS A 86 6.58 17.17 13.55
CA HIS A 86 6.54 17.47 12.13
C HIS A 86 5.35 16.80 11.46
N PRO A 87 4.14 17.29 11.76
CA PRO A 87 2.89 16.74 11.20
C PRO A 87 2.76 17.04 9.71
N GLU A 88 3.64 17.89 9.20
CA GLU A 88 3.60 18.25 7.78
C GLU A 88 3.82 17.03 6.90
N GLU A 89 4.55 16.05 7.43
CA GLU A 89 4.84 14.82 6.69
C GLU A 89 3.58 13.98 6.53
N ARG A 90 2.76 13.93 7.57
CA ARG A 90 1.52 13.16 7.55
C ARG A 90 0.66 13.54 6.35
N LYS A 91 0.38 14.83 6.22
CA LYS A 91 -0.42 15.33 5.12
C LYS A 91 0.31 15.19 3.79
N LYS A 92 1.62 15.41 3.82
CA LYS A 92 2.45 15.29 2.62
C LYS A 92 2.35 13.90 2.02
N VAL A 93 2.60 12.88 2.84
CA VAL A 93 2.53 11.49 2.39
C VAL A 93 1.10 11.10 2.05
N ARG A 94 0.14 11.67 2.78
CA ARG A 94 -1.27 11.37 2.56
C ARG A 94 -1.68 11.73 1.13
N GLU A 95 -1.34 12.94 0.71
CA GLU A 95 -1.68 13.41 -0.64
C GLU A 95 -0.82 12.70 -1.68
N LYS A 96 0.45 12.47 -1.34
CA LYS A 96 1.37 11.80 -2.25
C LYS A 96 0.88 10.41 -2.61
N PHE A 97 0.57 9.61 -1.59
CA PHE A 97 0.07 8.26 -1.80
C PHE A 97 -1.33 8.26 -2.38
N ASP A 98 -2.13 9.25 -1.95
CA ASP A 98 -3.51 9.37 -2.43
C ASP A 98 -3.55 9.58 -3.94
N GLU A 99 -2.74 10.52 -4.43
CA GLU A 99 -2.70 10.82 -5.85
C GLU A 99 -2.02 9.68 -6.62
N ASN A 100 -0.86 9.26 -6.13
CA ASN A 100 -0.11 8.18 -6.77
C ASN A 100 -0.98 6.92 -6.90
N SER A 101 -1.88 6.72 -5.93
CA SER A 101 -2.76 5.57 -5.94
C SER A 101 -3.90 5.76 -6.94
N ARG A 102 -4.49 6.95 -6.93
CA ARG A 102 -5.60 7.26 -7.82
C ARG A 102 -5.10 7.50 -9.24
N MET A 103 -3.78 7.56 -9.39
CA MET A 103 -3.17 7.78 -10.70
C MET A 103 -3.85 6.93 -11.77
N GLN A 104 -3.78 7.37 -13.01
CA GLN A 104 -4.39 6.65 -14.13
C GLN A 104 -3.67 5.32 -14.37
N TYR A 105 -4.40 4.34 -14.89
CA TYR A 105 -3.84 3.04 -15.17
C TYR A 105 -2.57 3.15 -16.00
N SER A 106 -2.54 4.13 -16.89
CA SER A 106 -1.38 4.35 -17.75
C SER A 106 -0.13 4.62 -16.91
N GLU A 107 -0.24 5.59 -16.01
CA GLU A 107 0.88 5.97 -15.15
C GLU A 107 1.22 4.83 -14.18
N LEU A 108 0.19 4.12 -13.74
CA LEU A 108 0.38 3.01 -12.81
C LEU A 108 1.12 1.85 -13.48
N MET A 109 0.81 1.62 -14.75
CA MET A 109 1.46 0.55 -15.50
C MET A 109 2.80 1.01 -16.05
N THR A 110 2.92 2.31 -16.29
CA THR A 110 4.16 2.88 -16.83
C THR A 110 5.28 2.82 -15.79
N LYS A 111 4.99 3.27 -14.58
CA LYS A 111 5.97 3.28 -13.50
C LYS A 111 6.29 1.85 -13.05
N TYR A 112 5.50 0.90 -13.53
CA TYR A 112 5.70 -0.50 -13.18
C TYR A 112 6.46 -1.23 -14.29
N HIS A 113 6.06 -0.99 -15.53
CA HIS A 113 6.71 -1.62 -16.68
C HIS A 113 7.83 -0.75 -17.23
N ASP A 114 7.47 0.47 -17.64
CA ASP A 114 8.44 1.41 -18.19
C ASP A 114 9.58 1.65 -17.20
N LEU A 115 9.29 1.46 -15.92
CA LEU A 115 10.29 1.65 -14.87
C LEU A 115 10.92 0.32 -14.45
N LYS A 116 10.25 -0.77 -14.81
CA LYS A 116 10.73 -2.10 -14.48
C LYS A 116 12.16 -2.30 -14.99
N LYS A 117 12.48 -1.61 -16.08
CA LYS A 117 13.81 -1.71 -16.68
C LYS A 117 14.89 -1.27 -15.69
N GLN A 118 14.52 -0.40 -14.76
CA GLN A 118 15.45 0.10 -13.76
C GLN A 118 15.04 -0.36 -12.36
N GLY A 119 14.39 -1.51 -12.29
CA GLY A 119 13.95 -2.04 -11.00
C GLY A 119 13.19 -3.34 -11.14
N LYS A 120 12.31 -3.61 -10.19
CA LYS A 120 11.51 -4.82 -10.20
C LYS A 120 10.44 -4.79 -9.12
N ILE A 121 9.77 -5.92 -8.91
CA ILE A 121 8.73 -6.01 -7.90
C ILE A 121 8.84 -7.31 -7.10
N LYS A 122 8.08 -7.40 -6.02
CA LYS A 122 8.08 -8.59 -5.18
C LYS A 122 6.68 -9.15 -5.01
N ASP A 123 6.59 -10.48 -4.97
CA ASP A 123 5.30 -11.15 -4.81
C ASP A 123 5.26 -11.95 -3.52
N ARG A 124 5.13 -11.25 -2.39
CA ARG A 124 5.08 -11.90 -1.10
C ARG A 124 3.74 -12.59 -0.88
N PRO A 125 3.70 -13.53 0.07
CA PRO A 125 2.48 -14.28 0.40
C PRO A 125 1.43 -13.41 1.08
N VAL A 126 0.16 -13.74 0.86
CA VAL A 126 -0.94 -12.99 1.45
C VAL A 126 -1.37 -13.61 2.78
N LYS A 127 -1.59 -12.77 3.78
CA LYS A 127 -2.01 -13.23 5.10
C LYS A 127 -3.53 -13.24 5.20
N GLU A 128 -4.07 -14.25 5.89
CA GLU A 128 -5.50 -14.38 6.07
C GLU A 128 -6.00 -13.45 7.18
N VAL A 129 -7.14 -12.82 6.94
CA VAL A 129 -7.72 -11.90 7.91
C VAL A 129 -8.98 -12.50 8.54
N HIS A 130 -9.14 -12.29 9.85
CA HIS A 130 -10.28 -12.80 10.58
C HIS A 130 -11.09 -11.67 11.21
N GLU A 131 -12.21 -12.02 11.82
CA GLU A 131 -13.07 -11.03 12.46
C GLU A 131 -12.54 -10.67 13.85
N GLU A 132 -13.08 -9.59 14.42
CA GLU A 132 -12.67 -9.14 15.74
C GLU A 132 -11.17 -8.84 15.76
N TYR A 133 -10.70 -8.11 14.75
CA TYR A 133 -9.29 -7.76 14.65
C TYR A 133 -9.05 -6.83 13.46
N ASP A 134 -9.58 -5.61 13.55
CA ASP A 134 -9.41 -4.63 12.49
C ASP A 134 -7.95 -4.19 12.38
N LEU A 135 -7.57 -3.71 11.19
CA LEU A 135 -6.21 -3.26 10.95
C LEU A 135 -5.96 -1.91 11.60
N TRP A 136 -6.13 -0.85 10.83
CA TRP A 136 -5.92 0.51 11.34
C TRP A 136 -7.22 1.07 11.94
N GLU A 137 -8.34 0.57 11.46
CA GLU A 137 -9.65 1.02 11.94
C GLU A 137 -9.89 2.47 11.57
N ASP A 138 -9.77 2.78 10.28
CA ASP A 138 -9.98 4.14 9.79
C ASP A 138 -9.79 4.21 8.28
N PRO A 139 -8.56 3.91 7.82
CA PRO A 139 -8.23 3.92 6.39
C PRO A 139 -8.90 2.80 5.62
N ILE A 140 -8.57 1.56 5.97
CA ILE A 140 -9.14 0.40 5.31
C ILE A 140 -10.53 0.09 5.87
N TRP A 141 -10.88 0.71 6.98
CA TRP A 141 -12.17 0.51 7.61
C TRP A 141 -13.30 1.07 6.75
N GLN A 142 -13.07 2.26 6.20
CA GLN A 142 -14.06 2.91 5.35
C GLN A 142 -13.64 2.85 3.88
N TYR A 143 -12.67 3.67 3.52
CA TYR A 143 -12.17 3.72 2.14
C TYR A 143 -10.91 4.57 2.05
N ILE A 144 -10.38 4.69 0.84
CA ILE A 144 -9.18 5.47 0.60
C ILE A 144 -9.36 6.91 1.07
N MET A 23 16.64 5.51 3.82
CA MET A 23 15.59 6.02 2.95
C MET A 23 14.21 5.57 3.41
N GLN A 24 13.79 6.06 4.57
CA GLN A 24 12.49 5.71 5.13
C GLN A 24 11.52 6.87 5.03
N LYS A 25 10.23 6.57 5.11
CA LYS A 25 9.19 7.59 5.03
C LYS A 25 8.88 8.17 6.41
N GLY A 26 8.36 7.32 7.29
CA GLY A 26 8.03 7.77 8.63
C GLY A 26 6.55 7.99 8.82
N LEU A 27 5.74 7.37 7.96
CA LEU A 27 4.29 7.50 8.03
C LEU A 27 3.61 6.17 7.76
N GLU A 28 2.36 6.04 8.21
CA GLU A 28 1.60 4.82 8.00
C GLU A 28 0.34 5.08 7.19
N ILE A 29 0.12 4.27 6.16
CA ILE A 29 -1.05 4.41 5.31
C ILE A 29 -1.60 3.05 4.89
N ALA A 30 -2.92 2.97 4.74
CA ALA A 30 -3.57 1.74 4.33
C ALA A 30 -4.43 1.95 3.08
N PHE A 31 -4.48 0.92 2.23
CA PHE A 31 -5.26 1.00 1.00
C PHE A 31 -6.08 -0.28 0.81
N GLN A 32 -7.33 -0.11 0.39
CA GLN A 32 -8.21 -1.25 0.15
C GLN A 32 -8.18 -1.68 -1.31
N THR A 33 -8.62 -2.90 -1.57
CA THR A 33 -8.63 -3.44 -2.92
C THR A 33 -9.39 -4.76 -2.98
N ILE A 34 -9.78 -5.16 -4.18
CA ILE A 34 -10.51 -6.41 -4.38
C ILE A 34 -10.42 -6.88 -5.83
N ASN A 35 -11.01 -8.04 -6.10
CA ASN A 35 -11.01 -8.60 -7.44
C ASN A 35 -11.53 -7.59 -8.46
N GLY A 36 -10.62 -6.96 -9.19
CA GLY A 36 -11.01 -5.98 -10.19
C GLY A 36 -9.82 -5.36 -10.88
N LEU A 37 -9.60 -4.07 -10.64
CA LEU A 37 -8.48 -3.35 -11.25
C LEU A 37 -7.50 -2.87 -10.20
N ASP A 38 -7.99 -2.69 -8.98
CA ASP A 38 -7.15 -2.22 -7.87
C ASP A 38 -5.91 -3.09 -7.74
N GLU A 39 -6.04 -4.36 -8.11
CA GLU A 39 -4.92 -5.30 -8.03
C GLU A 39 -3.68 -4.71 -8.68
N SER A 40 -3.85 -4.13 -9.88
CA SER A 40 -2.74 -3.54 -10.60
C SER A 40 -2.06 -2.44 -9.78
N LEU A 41 -2.88 -1.64 -9.10
CA LEU A 41 -2.37 -0.55 -8.27
C LEU A 41 -1.56 -1.10 -7.09
N VAL A 42 -2.02 -2.21 -6.53
CA VAL A 42 -1.35 -2.83 -5.39
C VAL A 42 0.03 -3.35 -5.79
N GLN A 43 0.07 -4.12 -6.88
CA GLN A 43 1.33 -4.68 -7.36
C GLN A 43 2.24 -3.59 -7.91
N ALA A 44 1.63 -2.52 -8.41
CA ALA A 44 2.38 -1.40 -8.96
C ALA A 44 2.99 -0.55 -7.86
N LEU A 45 2.16 -0.12 -6.91
CA LEU A 45 2.62 0.70 -5.80
C LEU A 45 3.63 -0.06 -4.94
N ALA A 46 3.41 -1.36 -4.80
CA ALA A 46 4.31 -2.21 -4.01
C ALA A 46 5.70 -2.24 -4.62
N GLY A 47 5.77 -2.37 -5.94
CA GLY A 47 7.06 -2.42 -6.62
C GLY A 47 7.75 -1.07 -6.63
N VAL A 48 6.97 0.00 -6.76
CA VAL A 48 7.52 1.35 -6.79
C VAL A 48 8.14 1.71 -5.45
N THR A 49 7.37 1.53 -4.38
CA THR A 49 7.84 1.85 -3.03
C THR A 49 9.02 0.96 -2.64
N ALA A 50 8.90 -0.33 -2.94
CA ALA A 50 9.95 -1.29 -2.62
C ALA A 50 11.23 -0.98 -3.40
N SER A 51 11.06 -0.52 -4.64
CA SER A 51 12.21 -0.19 -5.48
C SER A 51 12.84 1.13 -5.05
N ASP A 52 12.02 2.04 -4.55
CA ASP A 52 12.50 3.34 -4.09
C ASP A 52 13.06 3.24 -2.67
N PHE A 53 12.70 2.17 -1.97
CA PHE A 53 13.16 1.97 -0.60
C PHE A 53 14.12 0.79 -0.52
N PRO A 54 15.36 1.00 -0.98
CA PRO A 54 16.41 -0.03 -0.96
C PRO A 54 16.87 -0.37 0.45
N ASP A 55 16.57 0.52 1.39
CA ASP A 55 16.95 0.31 2.78
C ASP A 55 16.26 -0.92 3.37
N LEU A 56 15.23 -1.38 2.68
CA LEU A 56 14.48 -2.55 3.13
C LEU A 56 13.84 -2.30 4.49
N ASP A 57 13.73 -1.02 4.87
CA ASP A 57 13.13 -0.65 6.14
C ASP A 57 11.61 -0.51 6.01
N ILE A 58 11.10 -0.78 4.81
CA ILE A 58 9.67 -0.69 4.56
C ILE A 58 8.92 -1.83 5.22
N LYS A 59 7.93 -1.49 6.04
CA LYS A 59 7.13 -2.50 6.74
C LYS A 59 5.71 -2.54 6.19
N TYR A 60 5.57 -3.01 4.95
CA TYR A 60 4.27 -3.11 4.32
C TYR A 60 3.97 -4.54 3.89
N ASN A 61 2.73 -4.78 3.48
CA ASN A 61 2.32 -6.11 3.04
C ASN A 61 0.84 -6.12 2.65
N ILE A 62 0.37 -7.26 2.18
CA ILE A 62 -1.03 -7.41 1.77
C ILE A 62 -1.67 -8.62 2.42
N PHE A 63 -2.86 -8.43 2.98
CA PHE A 63 -3.59 -9.51 3.63
C PHE A 63 -5.03 -9.58 3.12
N LEU A 64 -5.57 -10.80 3.08
CA LEU A 64 -6.94 -11.01 2.62
C LEU A 64 -7.87 -11.30 3.79
N VAL A 65 -8.85 -10.42 3.99
CA VAL A 65 -9.81 -10.58 5.07
C VAL A 65 -11.12 -11.18 4.56
N ASP A 66 -11.72 -12.06 5.35
CA ASP A 66 -12.98 -12.70 4.99
C ASP A 66 -13.97 -12.67 6.15
N LEU A 67 -15.11 -12.03 5.92
CA LEU A 67 -16.14 -11.92 6.94
C LEU A 67 -17.52 -11.78 6.31
N TYR A 68 -18.51 -12.42 6.92
CA TYR A 68 -19.88 -12.36 6.42
C TYR A 68 -19.98 -12.99 5.03
N GLY A 69 -19.08 -13.93 4.74
CA GLY A 69 -19.07 -14.59 3.45
C GLY A 69 -18.37 -13.78 2.39
N GLN A 70 -18.10 -12.52 2.69
CA GLN A 70 -17.42 -11.64 1.75
C GLN A 70 -15.96 -11.42 2.15
N LYS A 71 -15.07 -11.57 1.18
CA LYS A 71 -13.64 -11.39 1.43
C LYS A 71 -13.09 -10.22 0.61
N TYR A 72 -12.32 -9.36 1.27
CA TYR A 72 -11.73 -8.21 0.61
C TYR A 72 -10.22 -8.15 0.84
N PHE A 73 -9.52 -7.47 -0.06
CA PHE A 73 -8.07 -7.34 0.04
C PHE A 73 -7.68 -5.98 0.59
N ARG A 74 -6.80 -5.98 1.60
CA ARG A 74 -6.35 -4.74 2.21
C ARG A 74 -4.83 -4.72 2.35
N ILE A 75 -4.22 -3.58 2.02
CA ILE A 75 -2.78 -3.44 2.10
C ILE A 75 -2.39 -2.46 3.21
N LEU A 76 -1.38 -2.82 3.99
CA LEU A 76 -0.91 -1.98 5.08
C LEU A 76 0.56 -1.61 4.89
N PHE A 77 0.87 -0.33 5.01
CA PHE A 77 2.23 0.15 4.85
C PHE A 77 2.66 0.99 6.05
N GLN A 78 3.71 0.55 6.74
CA GLN A 78 4.21 1.27 7.91
C GLN A 78 5.74 1.38 7.86
N SER A 79 6.26 2.42 8.49
CA SER A 79 7.70 2.65 8.52
C SER A 79 8.24 2.53 9.94
N LYS A 80 9.56 2.36 10.05
CA LYS A 80 10.20 2.23 11.35
C LYS A 80 10.45 3.60 11.97
N LYS A 81 10.77 4.58 11.13
CA LYS A 81 11.03 5.94 11.60
C LYS A 81 9.73 6.65 11.93
N LEU A 82 8.61 5.98 11.68
CA LEU A 82 7.29 6.56 11.97
C LEU A 82 7.26 7.21 13.34
N SER A 83 7.29 8.54 13.37
CA SER A 83 7.26 9.28 14.62
C SER A 83 5.91 9.98 14.82
N GLU A 84 5.52 10.15 16.07
CA GLU A 84 4.26 10.80 16.39
C GLU A 84 4.32 12.30 16.08
N LEU A 85 5.52 12.85 16.12
CA LEU A 85 5.72 14.27 15.84
C LEU A 85 5.68 14.53 14.34
N HIS A 86 5.82 15.81 13.97
CA HIS A 86 5.81 16.19 12.56
C HIS A 86 4.46 15.89 11.92
N PRO A 87 3.45 16.71 12.25
CA PRO A 87 2.09 16.54 11.73
C PRO A 87 2.00 16.87 10.24
N GLU A 88 2.92 17.70 9.77
CA GLU A 88 2.94 18.10 8.37
C GLU A 88 3.22 16.90 7.47
N GLU A 89 3.94 15.92 8.00
CA GLU A 89 4.28 14.72 7.25
C GLU A 89 3.03 13.91 6.93
N ARG A 90 2.11 13.86 7.88
CA ARG A 90 0.86 13.12 7.70
C ARG A 90 0.16 13.54 6.41
N LYS A 91 -0.10 14.82 6.28
CA LYS A 91 -0.77 15.35 5.09
C LYS A 91 0.12 15.21 3.86
N LYS A 92 1.42 15.36 4.05
CA LYS A 92 2.37 15.24 2.95
C LYS A 92 2.27 13.86 2.30
N VAL A 93 2.38 12.82 3.12
CA VAL A 93 2.30 11.44 2.62
C VAL A 93 0.89 11.12 2.14
N ARG A 94 -0.10 11.72 2.78
CA ARG A 94 -1.49 11.49 2.42
C ARG A 94 -1.75 11.86 0.96
N GLU A 95 -1.38 13.09 0.60
CA GLU A 95 -1.57 13.57 -0.76
C GLU A 95 -0.61 12.87 -1.73
N LYS A 96 0.58 12.56 -1.24
CA LYS A 96 1.59 11.88 -2.06
C LYS A 96 1.08 10.53 -2.54
N PHE A 97 0.64 9.69 -1.60
CA PHE A 97 0.12 8.37 -1.94
C PHE A 97 -1.24 8.47 -2.62
N ASP A 98 -2.02 9.47 -2.22
CA ASP A 98 -3.35 9.67 -2.79
C ASP A 98 -3.26 9.95 -4.28
N GLU A 99 -2.39 10.89 -4.65
CA GLU A 99 -2.21 11.26 -6.04
C GLU A 99 -1.50 10.14 -6.82
N ASN A 100 -0.40 9.65 -6.26
CA ASN A 100 0.37 8.58 -6.88
C ASN A 100 -0.54 7.40 -7.24
N SER A 101 -1.51 7.12 -6.37
CA SER A 101 -2.43 6.02 -6.59
C SER A 101 -3.49 6.39 -7.63
N ARG A 102 -4.01 7.60 -7.52
CA ARG A 102 -5.03 8.09 -8.45
C ARG A 102 -4.42 8.38 -9.81
N MET A 103 -3.09 8.33 -9.89
CA MET A 103 -2.39 8.60 -11.13
C MET A 103 -3.08 7.92 -12.31
N GLN A 104 -2.90 8.46 -13.50
CA GLN A 104 -3.51 7.90 -14.70
C GLN A 104 -3.16 6.41 -14.84
N TYR A 105 -4.01 5.68 -15.56
CA TYR A 105 -3.80 4.26 -15.76
C TYR A 105 -2.52 4.00 -16.56
N SER A 106 -2.24 4.90 -17.50
CA SER A 106 -1.05 4.78 -18.34
C SER A 106 0.22 4.76 -17.49
N GLU A 107 0.35 5.76 -16.62
CA GLU A 107 1.50 5.86 -15.75
C GLU A 107 1.53 4.72 -14.73
N LEU A 108 0.35 4.36 -14.24
CA LEU A 108 0.23 3.29 -13.26
C LEU A 108 0.76 1.97 -13.82
N MET A 109 0.43 1.70 -15.08
CA MET A 109 0.88 0.46 -15.74
C MET A 109 2.26 0.65 -16.34
N THR A 110 2.56 1.88 -16.75
CA THR A 110 3.86 2.19 -17.35
C THR A 110 4.98 2.11 -16.31
N LYS A 111 4.77 2.75 -15.17
CA LYS A 111 5.75 2.75 -14.10
C LYS A 111 5.87 1.37 -13.47
N TYR A 112 4.97 0.47 -13.86
CA TYR A 112 4.98 -0.90 -13.33
C TYR A 112 5.59 -1.87 -14.34
N HIS A 113 5.22 -1.71 -15.60
CA HIS A 113 5.73 -2.57 -16.66
C HIS A 113 6.97 -1.96 -17.31
N ASP A 114 6.82 -0.74 -17.83
CA ASP A 114 7.93 -0.05 -18.47
C ASP A 114 9.13 0.05 -17.54
N LEU A 115 8.88 -0.13 -16.24
CA LEU A 115 9.94 -0.07 -15.24
C LEU A 115 10.75 -1.36 -15.22
N LYS A 116 10.34 -2.33 -16.03
CA LYS A 116 11.02 -3.61 -16.12
C LYS A 116 12.53 -3.42 -16.18
N LYS A 117 12.95 -2.30 -16.76
CA LYS A 117 14.38 -1.99 -16.88
C LYS A 117 15.09 -2.20 -15.55
N GLN A 118 14.66 -1.48 -14.52
CA GLN A 118 15.25 -1.58 -13.20
C GLN A 118 14.20 -1.91 -12.15
N GLY A 119 13.16 -2.63 -12.56
CA GLY A 119 12.11 -3.01 -11.64
C GLY A 119 12.61 -3.82 -10.47
N LYS A 120 12.68 -5.13 -10.64
CA LYS A 120 13.14 -6.02 -9.59
C LYS A 120 12.24 -5.94 -8.37
N ILE A 121 11.03 -6.47 -8.49
CA ILE A 121 10.08 -6.46 -7.39
C ILE A 121 9.84 -7.86 -6.85
N LYS A 122 9.17 -7.94 -5.71
CA LYS A 122 8.87 -9.23 -5.08
C LYS A 122 7.38 -9.37 -4.80
N ASP A 123 6.86 -10.57 -5.04
CA ASP A 123 5.44 -10.83 -4.81
C ASP A 123 5.25 -11.75 -3.60
N ARG A 124 5.18 -11.15 -2.42
CA ARG A 124 5.00 -11.91 -1.18
C ARG A 124 3.57 -12.45 -1.08
N PRO A 125 3.40 -13.53 -0.31
CA PRO A 125 2.10 -14.16 -0.11
C PRO A 125 1.15 -13.30 0.72
N VAL A 126 -0.14 -13.49 0.52
CA VAL A 126 -1.16 -12.72 1.25
C VAL A 126 -1.44 -13.36 2.61
N LYS A 127 -1.53 -12.51 3.64
CA LYS A 127 -1.82 -12.99 4.98
C LYS A 127 -3.31 -13.02 5.26
N GLU A 128 -3.77 -14.07 5.94
CA GLU A 128 -5.18 -14.21 6.26
C GLU A 128 -5.58 -13.28 7.40
N VAL A 129 -6.74 -12.65 7.26
CA VAL A 129 -7.23 -11.73 8.29
C VAL A 129 -8.52 -12.26 8.92
N HIS A 130 -8.64 -12.07 10.23
CA HIS A 130 -9.82 -12.53 10.96
C HIS A 130 -10.52 -11.35 11.63
N GLU A 131 -11.64 -11.64 12.30
CA GLU A 131 -12.40 -10.61 12.99
C GLU A 131 -11.74 -10.24 14.32
N GLU A 132 -11.39 -8.96 14.45
CA GLU A 132 -10.76 -8.47 15.68
C GLU A 132 -10.34 -7.01 15.52
N TYR A 133 -9.54 -6.53 16.46
CA TYR A 133 -9.07 -5.15 16.44
C TYR A 133 -7.55 -5.08 16.46
N ASP A 134 -6.94 -5.09 15.27
CA ASP A 134 -5.49 -5.03 15.16
C ASP A 134 -5.07 -4.07 14.05
N LEU A 135 -5.49 -4.38 12.82
CA LEU A 135 -5.16 -3.54 11.67
C LEU A 135 -5.71 -2.14 11.85
N TRP A 136 -5.69 -1.36 10.77
CA TRP A 136 -6.20 0.00 10.80
C TRP A 136 -7.68 0.03 11.14
N GLU A 137 -8.45 -0.84 10.48
CA GLU A 137 -9.89 -0.91 10.72
C GLU A 137 -10.46 0.47 11.02
N ASP A 138 -10.55 1.31 9.99
CA ASP A 138 -11.07 2.66 10.15
C ASP A 138 -11.01 3.43 8.83
N PRO A 139 -9.79 3.61 8.31
CA PRO A 139 -9.57 4.33 7.05
C PRO A 139 -10.07 3.55 5.84
N ILE A 140 -9.50 2.35 5.64
CA ILE A 140 -9.88 1.50 4.52
C ILE A 140 -11.17 0.74 4.84
N TRP A 141 -11.53 0.70 6.11
CA TRP A 141 -12.74 0.01 6.53
C TRP A 141 -13.98 0.59 5.85
N GLN A 142 -13.88 1.85 5.46
CA GLN A 142 -14.99 2.54 4.80
C GLN A 142 -14.53 3.22 3.52
N TYR A 143 -13.71 4.25 3.67
CA TYR A 143 -13.19 5.00 2.52
C TYR A 143 -12.03 4.26 1.87
N ILE A 144 -11.53 4.80 0.77
CA ILE A 144 -10.43 4.19 0.04
C ILE A 144 -9.25 3.92 0.97
N MET A 23 10.13 14.16 1.24
CA MET A 23 9.38 13.95 2.47
C MET A 23 8.15 13.08 2.21
N GLN A 24 8.38 11.91 1.62
CA GLN A 24 7.30 10.98 1.32
C GLN A 24 7.38 9.75 2.21
N LYS A 25 8.53 9.10 2.21
CA LYS A 25 8.74 7.90 3.01
C LYS A 25 8.89 8.26 4.49
N GLY A 26 8.78 7.25 5.35
CA GLY A 26 8.91 7.48 6.79
C GLY A 26 7.57 7.74 7.45
N LEU A 27 6.49 7.33 6.79
CA LEU A 27 5.15 7.51 7.33
C LEU A 27 4.32 6.25 7.15
N GLU A 28 3.25 6.13 7.94
CA GLU A 28 2.37 4.98 7.87
C GLU A 28 1.14 5.29 7.02
N ILE A 29 0.90 4.46 6.01
CA ILE A 29 -0.25 4.64 5.12
C ILE A 29 -0.90 3.31 4.80
N ALA A 30 -2.22 3.34 4.63
CA ALA A 30 -2.98 2.13 4.32
C ALA A 30 -3.82 2.33 3.06
N PHE A 31 -3.99 1.25 2.29
CA PHE A 31 -4.77 1.31 1.06
C PHE A 31 -5.66 0.07 0.92
N GLN A 32 -6.89 0.28 0.50
CA GLN A 32 -7.84 -0.81 0.33
C GLN A 32 -8.19 -1.00 -1.14
N THR A 33 -8.70 -2.18 -1.47
CA THR A 33 -9.08 -2.50 -2.85
C THR A 33 -10.28 -3.43 -2.90
N ILE A 34 -11.37 -2.96 -3.48
CA ILE A 34 -12.58 -3.77 -3.59
C ILE A 34 -13.28 -3.53 -4.94
N ASN A 35 -14.03 -4.53 -5.38
CA ASN A 35 -14.75 -4.43 -6.65
C ASN A 35 -13.78 -4.21 -7.81
N GLY A 36 -13.57 -5.26 -8.60
CA GLY A 36 -12.67 -5.16 -9.74
C GLY A 36 -11.36 -5.90 -9.50
N LEU A 37 -10.29 -5.39 -10.09
CA LEU A 37 -8.97 -6.00 -9.94
C LEU A 37 -7.90 -4.95 -9.68
N ASP A 38 -7.89 -4.42 -8.46
CA ASP A 38 -6.91 -3.40 -8.08
C ASP A 38 -5.53 -4.02 -7.88
N GLU A 39 -5.46 -5.34 -8.01
CA GLU A 39 -4.19 -6.05 -7.84
C GLU A 39 -3.09 -5.38 -8.64
N SER A 40 -3.46 -4.78 -9.77
CA SER A 40 -2.50 -4.10 -10.63
C SER A 40 -1.80 -2.97 -9.88
N LEU A 41 -2.57 -2.17 -9.18
CA LEU A 41 -2.03 -1.05 -8.41
C LEU A 41 -1.29 -1.55 -7.18
N VAL A 42 -1.89 -2.49 -6.47
CA VAL A 42 -1.28 -3.05 -5.27
C VAL A 42 0.06 -3.71 -5.58
N GLN A 43 0.10 -4.50 -6.66
CA GLN A 43 1.32 -5.18 -7.06
C GLN A 43 2.33 -4.18 -7.62
N ALA A 44 1.84 -3.23 -8.41
CA ALA A 44 2.70 -2.22 -9.01
C ALA A 44 3.36 -1.34 -7.94
N LEU A 45 2.54 -0.79 -7.05
CA LEU A 45 3.03 0.06 -5.97
C LEU A 45 3.93 -0.72 -5.02
N ALA A 46 3.57 -1.99 -4.79
CA ALA A 46 4.34 -2.84 -3.91
C ALA A 46 5.73 -3.11 -4.46
N GLY A 47 5.80 -3.37 -5.76
CA GLY A 47 7.08 -3.63 -6.40
C GLY A 47 7.98 -2.41 -6.43
N VAL A 48 7.43 -1.29 -6.89
CA VAL A 48 8.19 -0.04 -6.97
C VAL A 48 8.68 0.39 -5.59
N THR A 49 7.84 0.19 -4.58
CA THR A 49 8.20 0.56 -3.22
C THR A 49 9.34 -0.30 -2.69
N ALA A 50 9.18 -1.62 -2.76
CA ALA A 50 10.20 -2.55 -2.30
C ALA A 50 11.51 -2.34 -3.05
N SER A 51 11.41 -1.94 -4.31
CA SER A 51 12.59 -1.71 -5.13
C SER A 51 13.28 -0.40 -4.74
N ASP A 52 12.48 0.62 -4.48
CA ASP A 52 13.01 1.93 -4.09
C ASP A 52 13.52 1.90 -2.66
N PHE A 53 13.10 0.88 -1.90
CA PHE A 53 13.51 0.75 -0.50
C PHE A 53 14.38 -0.50 -0.32
N PRO A 54 15.62 -0.41 -0.83
CA PRO A 54 16.59 -1.52 -0.73
C PRO A 54 17.08 -1.73 0.70
N ASP A 55 16.87 -0.74 1.54
CA ASP A 55 17.29 -0.82 2.94
C ASP A 55 16.60 -1.99 3.65
N LEU A 56 15.51 -2.48 3.05
CA LEU A 56 14.76 -3.58 3.63
C LEU A 56 14.13 -3.19 4.95
N ASP A 57 14.10 -1.89 5.23
CA ASP A 57 13.52 -1.38 6.45
C ASP A 57 12.02 -1.08 6.27
N ILE A 58 11.54 -1.30 5.06
CA ILE A 58 10.13 -1.04 4.75
C ILE A 58 9.24 -2.10 5.40
N LYS A 59 8.18 -1.65 6.06
CA LYS A 59 7.24 -2.55 6.73
C LYS A 59 5.89 -2.54 6.02
N TYR A 60 5.83 -3.18 4.86
CA TYR A 60 4.60 -3.25 4.08
C TYR A 60 4.17 -4.69 3.86
N ASN A 61 2.87 -4.91 3.75
CA ASN A 61 2.34 -6.25 3.52
C ASN A 61 0.92 -6.18 2.94
N ILE A 62 0.52 -7.23 2.24
CA ILE A 62 -0.80 -7.29 1.64
C ILE A 62 -1.59 -8.50 2.15
N PHE A 63 -2.73 -8.24 2.77
CA PHE A 63 -3.57 -9.30 3.31
C PHE A 63 -5.01 -9.14 2.84
N LEU A 64 -5.71 -10.26 2.67
CA LEU A 64 -7.10 -10.25 2.23
C LEU A 64 -8.04 -10.63 3.37
N VAL A 65 -9.05 -9.80 3.59
CA VAL A 65 -10.02 -10.04 4.65
C VAL A 65 -11.31 -10.60 4.08
N ASP A 66 -11.88 -11.59 4.77
CA ASP A 66 -13.13 -12.22 4.33
C ASP A 66 -14.10 -12.32 5.49
N LEU A 67 -15.19 -11.56 5.42
CA LEU A 67 -16.22 -11.58 6.46
C LEU A 67 -17.58 -11.21 5.89
N TYR A 68 -18.63 -11.70 6.55
CA TYR A 68 -20.00 -11.43 6.10
C TYR A 68 -20.26 -12.05 4.73
N GLY A 69 -19.61 -13.19 4.47
CA GLY A 69 -19.78 -13.86 3.20
C GLY A 69 -19.25 -13.05 2.03
N GLN A 70 -18.35 -12.12 2.32
CA GLN A 70 -17.78 -11.27 1.28
C GLN A 70 -16.25 -11.23 1.38
N LYS A 71 -15.60 -10.90 0.28
CA LYS A 71 -14.14 -10.83 0.24
C LYS A 71 -13.67 -9.42 -0.08
N TYR A 72 -12.58 -9.00 0.54
CA TYR A 72 -12.03 -7.67 0.32
C TYR A 72 -10.51 -7.69 0.42
N PHE A 73 -9.86 -6.83 -0.36
CA PHE A 73 -8.41 -6.74 -0.36
C PHE A 73 -7.93 -5.52 0.44
N ARG A 74 -6.98 -5.75 1.34
CA ARG A 74 -6.44 -4.67 2.17
C ARG A 74 -4.92 -4.72 2.21
N ILE A 75 -4.30 -3.55 2.22
CA ILE A 75 -2.84 -3.46 2.26
C ILE A 75 -2.38 -2.50 3.34
N LEU A 76 -1.37 -2.91 4.10
CA LEU A 76 -0.83 -2.08 5.17
C LEU A 76 0.64 -1.75 4.92
N PHE A 77 0.93 -0.46 4.77
CA PHE A 77 2.29 -0.01 4.52
C PHE A 77 2.75 0.98 5.58
N GLN A 78 3.78 0.63 6.32
CA GLN A 78 4.31 1.48 7.37
C GLN A 78 5.83 1.53 7.33
N SER A 79 6.40 2.64 7.79
CA SER A 79 7.85 2.81 7.79
C SER A 79 8.40 2.75 9.22
N LYS A 80 9.71 2.85 9.34
CA LYS A 80 10.37 2.81 10.65
C LYS A 80 10.63 4.22 11.17
N LYS A 81 10.48 5.20 10.29
CA LYS A 81 10.69 6.60 10.66
C LYS A 81 9.39 7.26 11.08
N LEU A 82 8.29 6.52 10.97
CA LEU A 82 6.98 7.04 11.34
C LEU A 82 7.02 7.70 12.71
N SER A 83 6.66 8.97 12.76
CA SER A 83 6.64 9.73 14.01
C SER A 83 5.22 10.02 14.46
N GLU A 84 5.03 10.11 15.78
CA GLU A 84 3.71 10.39 16.33
C GLU A 84 3.31 11.83 16.08
N LEU A 85 4.26 12.74 16.21
CA LEU A 85 4.01 14.16 15.99
C LEU A 85 4.03 14.49 14.51
N HIS A 86 4.06 15.80 14.20
CA HIS A 86 4.08 16.25 12.81
C HIS A 86 2.80 15.85 12.08
N PRO A 87 1.71 16.57 12.38
CA PRO A 87 0.41 16.31 11.76
C PRO A 87 0.38 16.69 10.28
N GLU A 88 0.98 17.83 9.96
CA GLU A 88 1.02 18.31 8.58
C GLU A 88 1.68 17.27 7.67
N GLU A 89 2.57 16.47 8.25
CA GLU A 89 3.27 15.43 7.49
C GLU A 89 2.34 14.28 7.15
N ARG A 90 1.52 13.89 8.12
CA ARG A 90 0.58 12.79 7.92
C ARG A 90 -0.30 13.04 6.70
N LYS A 91 -0.94 14.19 6.66
CA LYS A 91 -1.81 14.55 5.54
C LYS A 91 -1.01 14.68 4.25
N LYS A 92 0.23 15.14 4.37
CA LYS A 92 1.10 15.30 3.21
C LYS A 92 1.34 13.97 2.53
N VAL A 93 1.80 12.98 3.30
CA VAL A 93 2.07 11.65 2.76
C VAL A 93 0.79 10.96 2.31
N ARG A 94 -0.30 11.25 3.00
CA ARG A 94 -1.60 10.66 2.67
C ARG A 94 -2.03 11.05 1.27
N GLU A 95 -1.96 12.34 0.97
CA GLU A 95 -2.35 12.84 -0.35
C GLU A 95 -1.32 12.45 -1.41
N LYS A 96 -0.05 12.42 -1.01
CA LYS A 96 1.02 12.06 -1.91
C LYS A 96 0.83 10.63 -2.44
N PHE A 97 0.67 9.69 -1.52
CA PHE A 97 0.48 8.29 -1.90
C PHE A 97 -0.89 8.07 -2.53
N ASP A 98 -1.88 8.82 -2.05
CA ASP A 98 -3.24 8.72 -2.58
C ASP A 98 -3.27 9.05 -4.08
N GLU A 99 -2.66 10.18 -4.44
CA GLU A 99 -2.61 10.60 -5.84
C GLU A 99 -1.71 9.68 -6.66
N ASN A 100 -0.52 9.42 -6.15
CA ASN A 100 0.44 8.57 -6.83
C ASN A 100 -0.20 7.23 -7.21
N SER A 101 -1.04 6.71 -6.32
CA SER A 101 -1.71 5.43 -6.55
C SER A 101 -2.86 5.61 -7.53
N ARG A 102 -3.63 6.68 -7.36
CA ARG A 102 -4.76 6.96 -8.22
C ARG A 102 -4.31 7.41 -9.60
N MET A 103 -3.00 7.65 -9.73
CA MET A 103 -2.43 8.08 -11.00
C MET A 103 -3.02 7.30 -12.17
N GLN A 104 -3.02 7.91 -13.35
CA GLN A 104 -3.56 7.27 -14.54
C GLN A 104 -2.98 5.86 -14.72
N TYR A 105 -3.73 5.00 -15.38
CA TYR A 105 -3.29 3.63 -15.61
C TYR A 105 -2.00 3.61 -16.43
N SER A 106 -1.91 4.51 -17.41
CA SER A 106 -0.73 4.59 -18.26
C SER A 106 0.54 4.73 -17.42
N GLU A 107 0.53 5.68 -16.50
CA GLU A 107 1.68 5.92 -15.63
C GLU A 107 1.81 4.82 -14.60
N LEU A 108 0.68 4.28 -14.16
CA LEU A 108 0.67 3.22 -13.16
C LEU A 108 1.33 1.96 -13.71
N MET A 109 1.03 1.62 -14.95
CA MET A 109 1.59 0.45 -15.59
C MET A 109 3.01 0.72 -16.09
N THR A 110 3.30 1.99 -16.35
CA THR A 110 4.63 2.38 -16.82
C THR A 110 5.63 2.42 -15.67
N LYS A 111 5.25 3.06 -14.57
CA LYS A 111 6.12 3.15 -13.40
C LYS A 111 6.38 1.77 -12.81
N TYR A 112 5.65 0.77 -13.28
CA TYR A 112 5.80 -0.59 -12.78
C TYR A 112 6.45 -1.48 -13.84
N HIS A 113 5.98 -1.37 -15.08
CA HIS A 113 6.52 -2.16 -16.18
C HIS A 113 7.81 -1.55 -16.70
N ASP A 114 8.03 -0.28 -16.39
CA ASP A 114 9.23 0.43 -16.83
C ASP A 114 10.29 0.41 -15.74
N LEU A 115 9.91 0.77 -14.53
CA LEU A 115 10.84 0.80 -13.40
C LEU A 115 11.50 -0.57 -13.20
N LYS A 116 10.79 -1.62 -13.62
CA LYS A 116 11.30 -2.98 -13.49
C LYS A 116 12.49 -3.20 -14.42
N LYS A 117 12.72 -2.25 -15.31
CA LYS A 117 13.83 -2.34 -16.26
C LYS A 117 15.14 -2.62 -15.53
N GLN A 118 15.40 -1.87 -14.48
CA GLN A 118 16.61 -2.04 -13.69
C GLN A 118 16.29 -2.27 -12.22
N GLY A 119 15.13 -2.87 -11.96
CA GLY A 119 14.73 -3.14 -10.59
C GLY A 119 13.53 -4.06 -10.52
N LYS A 120 13.79 -5.37 -10.63
CA LYS A 120 12.72 -6.36 -10.57
C LYS A 120 11.95 -6.27 -9.26
N ILE A 121 10.92 -7.09 -9.12
CA ILE A 121 10.10 -7.09 -7.91
C ILE A 121 9.71 -8.51 -7.53
N LYS A 122 9.13 -8.65 -6.34
CA LYS A 122 8.69 -9.95 -5.84
C LYS A 122 7.21 -9.94 -5.49
N ASP A 123 6.53 -11.04 -5.78
CA ASP A 123 5.11 -11.16 -5.50
C ASP A 123 4.87 -12.11 -4.32
N ARG A 124 4.88 -11.56 -3.11
CA ARG A 124 4.67 -12.35 -1.91
C ARG A 124 3.21 -12.76 -1.77
N PRO A 125 2.96 -13.83 -1.01
CA PRO A 125 1.61 -14.34 -0.78
C PRO A 125 0.77 -13.41 0.07
N VAL A 126 -0.55 -13.47 -0.10
CA VAL A 126 -1.47 -12.63 0.66
C VAL A 126 -1.81 -13.27 2.00
N LYS A 127 -1.81 -12.45 3.05
CA LYS A 127 -2.13 -12.92 4.39
C LYS A 127 -3.63 -12.87 4.65
N GLU A 128 -4.13 -13.86 5.38
CA GLU A 128 -5.56 -13.92 5.70
C GLU A 128 -5.89 -13.03 6.89
N VAL A 129 -6.99 -12.29 6.79
CA VAL A 129 -7.41 -11.40 7.86
C VAL A 129 -8.66 -11.93 8.56
N HIS A 130 -8.70 -11.78 9.88
CA HIS A 130 -9.83 -12.24 10.67
C HIS A 130 -10.47 -11.09 11.45
N GLU A 131 -11.55 -11.40 12.16
CA GLU A 131 -12.26 -10.38 12.94
C GLU A 131 -11.53 -10.12 14.25
N GLU A 132 -11.14 -8.86 14.47
CA GLU A 132 -10.44 -8.47 15.68
C GLU A 132 -10.02 -7.01 15.63
N TYR A 133 -9.15 -6.62 16.55
CA TYR A 133 -8.67 -5.25 16.62
C TYR A 133 -7.15 -5.20 16.69
N ASP A 134 -6.51 -5.22 15.53
CA ASP A 134 -5.05 -5.17 15.45
C ASP A 134 -4.58 -4.19 14.38
N LEU A 135 -5.09 -4.35 13.17
CA LEU A 135 -4.73 -3.49 12.06
C LEU A 135 -5.12 -2.04 12.36
N TRP A 136 -5.05 -1.20 11.34
CA TRP A 136 -5.40 0.21 11.49
C TRP A 136 -6.88 0.37 11.82
N GLU A 137 -7.72 -0.44 11.18
CA GLU A 137 -9.16 -0.39 11.42
C GLU A 137 -9.63 1.05 11.59
N ASP A 138 -9.64 1.80 10.49
CA ASP A 138 -10.06 3.19 10.52
C ASP A 138 -9.99 3.82 9.13
N PRO A 139 -8.77 3.85 8.57
CA PRO A 139 -8.53 4.43 7.24
C PRO A 139 -9.12 3.56 6.13
N ILE A 140 -8.80 2.28 6.15
CA ILE A 140 -9.30 1.34 5.14
C ILE A 140 -10.75 0.95 5.43
N TRP A 141 -11.22 1.29 6.63
CA TRP A 141 -12.58 0.97 7.03
C TRP A 141 -13.56 2.02 6.49
N GLN A 142 -13.05 3.21 6.23
CA GLN A 142 -13.89 4.30 5.72
C GLN A 142 -13.63 4.53 4.24
N TYR A 143 -12.41 4.94 3.91
CA TYR A 143 -12.05 5.20 2.52
C TYR A 143 -10.53 5.18 2.34
N ILE A 144 -10.08 4.62 1.23
CA ILE A 144 -8.65 4.54 0.94
C ILE A 144 -7.90 3.80 2.05
N MET A 23 10.16 11.21 -1.88
CA MET A 23 10.99 10.01 -1.97
C MET A 23 10.65 9.04 -0.84
N GLN A 24 10.93 9.45 0.39
CA GLN A 24 10.66 8.61 1.55
C GLN A 24 9.27 8.88 2.11
N LYS A 25 8.77 7.97 2.93
CA LYS A 25 7.45 8.11 3.52
C LYS A 25 7.55 8.34 5.03
N GLY A 26 8.01 7.33 5.75
CA GLY A 26 8.15 7.44 7.19
C GLY A 26 6.81 7.53 7.90
N LEU A 27 5.75 7.14 7.20
CA LEU A 27 4.40 7.18 7.76
C LEU A 27 3.64 5.90 7.44
N GLU A 28 2.61 5.62 8.24
CA GLU A 28 1.79 4.42 8.03
C GLU A 28 0.51 4.75 7.28
N ILE A 29 0.21 3.98 6.25
CA ILE A 29 -0.98 4.19 5.44
C ILE A 29 -1.59 2.86 5.01
N ALA A 30 -2.93 2.83 4.91
CA ALA A 30 -3.63 1.63 4.50
C ALA A 30 -4.32 1.82 3.15
N PHE A 31 -4.37 0.77 2.35
CA PHE A 31 -5.00 0.83 1.04
C PHE A 31 -6.08 -0.25 0.90
N GLN A 32 -7.21 0.12 0.31
CA GLN A 32 -8.31 -0.81 0.11
C GLN A 32 -8.37 -1.28 -1.33
N THR A 33 -8.82 -2.53 -1.53
CA THR A 33 -8.93 -3.09 -2.86
C THR A 33 -9.90 -4.28 -2.88
N ILE A 34 -10.87 -4.23 -3.78
CA ILE A 34 -11.86 -5.29 -3.90
C ILE A 34 -12.12 -5.63 -5.36
N ASN A 35 -12.35 -4.60 -6.17
CA ASN A 35 -12.63 -4.80 -7.59
C ASN A 35 -12.03 -3.66 -8.41
N GLY A 36 -12.04 -3.82 -9.73
CA GLY A 36 -11.50 -2.80 -10.61
C GLY A 36 -10.02 -2.97 -10.88
N LEU A 37 -9.32 -1.87 -11.08
CA LEU A 37 -7.88 -1.91 -11.35
C LEU A 37 -7.09 -1.82 -10.05
N ASP A 38 -7.78 -1.98 -8.92
CA ASP A 38 -7.14 -1.92 -7.62
C ASP A 38 -5.97 -2.90 -7.54
N GLU A 39 -6.25 -4.16 -7.91
CA GLU A 39 -5.22 -5.20 -7.86
C GLU A 39 -3.96 -4.74 -8.59
N SER A 40 -4.13 -4.12 -9.75
CA SER A 40 -3.00 -3.64 -10.53
C SER A 40 -2.19 -2.61 -9.75
N LEU A 41 -2.89 -1.72 -9.06
CA LEU A 41 -2.23 -0.69 -8.26
C LEU A 41 -1.50 -1.31 -7.07
N VAL A 42 -2.12 -2.32 -6.47
CA VAL A 42 -1.52 -3.00 -5.32
C VAL A 42 -0.19 -3.65 -5.69
N GLN A 43 -0.22 -4.47 -6.73
CA GLN A 43 0.98 -5.16 -7.19
C GLN A 43 1.99 -4.17 -7.76
N ALA A 44 1.50 -3.18 -8.48
CA ALA A 44 2.37 -2.16 -9.07
C ALA A 44 3.06 -1.34 -8.00
N LEU A 45 2.27 -0.78 -7.08
CA LEU A 45 2.81 0.03 -6.00
C LEU A 45 3.71 -0.79 -5.09
N ALA A 46 3.38 -2.07 -4.92
CA ALA A 46 4.15 -2.97 -4.08
C ALA A 46 5.60 -3.05 -4.56
N GLY A 47 5.78 -3.37 -5.84
CA GLY A 47 7.11 -3.46 -6.41
C GLY A 47 7.82 -2.13 -6.47
N VAL A 48 7.12 -1.11 -6.97
CA VAL A 48 7.68 0.22 -7.09
C VAL A 48 8.18 0.73 -5.74
N THR A 49 7.31 0.66 -4.74
CA THR A 49 7.66 1.11 -3.39
C THR A 49 8.85 0.34 -2.84
N ALA A 50 8.75 -0.99 -2.85
CA ALA A 50 9.84 -1.83 -2.36
C ALA A 50 11.15 -1.52 -3.07
N SER A 51 11.06 -1.20 -4.35
CA SER A 51 12.24 -0.89 -5.15
C SER A 51 12.76 0.52 -4.82
N ASP A 52 11.84 1.41 -4.48
CA ASP A 52 12.20 2.78 -4.13
C ASP A 52 12.72 2.87 -2.70
N PHE A 53 12.44 1.83 -1.91
CA PHE A 53 12.89 1.79 -0.52
C PHE A 53 13.93 0.71 -0.32
N PRO A 54 15.16 0.97 -0.79
CA PRO A 54 16.27 0.02 -0.67
C PRO A 54 16.76 -0.13 0.77
N ASP A 55 16.36 0.82 1.62
CA ASP A 55 16.74 0.79 3.03
C ASP A 55 16.28 -0.51 3.69
N LEU A 56 15.32 -1.17 3.07
CA LEU A 56 14.78 -2.42 3.61
C LEU A 56 14.05 -2.18 4.92
N ASP A 57 13.76 -0.91 5.21
CA ASP A 57 13.06 -0.55 6.44
C ASP A 57 11.56 -0.43 6.18
N ILE A 58 11.16 -0.68 4.94
CA ILE A 58 9.74 -0.61 4.57
C ILE A 58 8.97 -1.78 5.14
N LYS A 59 7.91 -1.48 5.88
CA LYS A 59 7.07 -2.51 6.49
C LYS A 59 5.70 -2.55 5.83
N TYR A 60 5.62 -3.15 4.65
CA TYR A 60 4.36 -3.24 3.91
C TYR A 60 4.01 -4.70 3.63
N ASN A 61 2.71 -4.99 3.58
CA ASN A 61 2.24 -6.34 3.31
C ASN A 61 0.80 -6.33 2.81
N ILE A 62 0.41 -7.41 2.13
CA ILE A 62 -0.95 -7.52 1.59
C ILE A 62 -1.66 -8.74 2.16
N PHE A 63 -2.83 -8.51 2.75
CA PHE A 63 -3.61 -9.60 3.33
C PHE A 63 -5.06 -9.54 2.84
N LEU A 64 -5.72 -10.69 2.85
CA LEU A 64 -7.11 -10.77 2.42
C LEU A 64 -8.03 -11.12 3.57
N VAL A 65 -9.03 -10.29 3.80
CA VAL A 65 -9.99 -10.51 4.88
C VAL A 65 -11.32 -11.02 4.35
N ASP A 66 -11.87 -12.03 5.01
CA ASP A 66 -13.14 -12.62 4.59
C ASP A 66 -14.05 -12.84 5.80
N LEU A 67 -15.04 -11.96 5.96
CA LEU A 67 -15.97 -12.07 7.07
C LEU A 67 -17.36 -11.58 6.66
N TYR A 68 -18.37 -12.02 7.39
CA TYR A 68 -19.75 -11.64 7.10
C TYR A 68 -20.18 -12.13 5.72
N GLY A 69 -19.48 -13.15 5.23
CA GLY A 69 -19.80 -13.70 3.92
C GLY A 69 -19.13 -12.95 2.80
N GLN A 70 -18.57 -11.79 3.11
CA GLN A 70 -17.90 -10.97 2.11
C GLN A 70 -16.38 -11.00 2.31
N LYS A 71 -15.65 -10.96 1.20
CA LYS A 71 -14.19 -10.98 1.25
C LYS A 71 -13.61 -9.77 0.54
N TYR A 72 -12.68 -9.09 1.20
CA TYR A 72 -12.05 -7.91 0.62
C TYR A 72 -10.54 -7.95 0.83
N PHE A 73 -9.80 -7.29 -0.04
CA PHE A 73 -8.34 -7.23 0.04
C PHE A 73 -7.87 -5.89 0.59
N ARG A 74 -6.98 -5.94 1.57
CA ARG A 74 -6.45 -4.72 2.17
C ARG A 74 -4.93 -4.81 2.32
N ILE A 75 -4.26 -3.67 2.23
CA ILE A 75 -2.81 -3.62 2.37
C ILE A 75 -2.39 -2.69 3.50
N LEU A 76 -1.42 -3.13 4.29
CA LEU A 76 -0.93 -2.34 5.41
C LEU A 76 0.53 -1.94 5.21
N PHE A 77 0.78 -0.63 5.13
CA PHE A 77 2.12 -0.11 4.92
C PHE A 77 2.53 0.81 6.06
N GLN A 78 3.61 0.45 6.75
CA GLN A 78 4.10 1.25 7.87
C GLN A 78 5.61 1.43 7.79
N SER A 79 6.10 2.52 8.35
CA SER A 79 7.53 2.83 8.34
C SER A 79 8.09 2.87 9.76
N LYS A 80 9.40 3.08 9.86
CA LYS A 80 10.06 3.14 11.16
C LYS A 80 10.20 4.59 11.63
N LYS A 81 10.18 5.52 10.68
CA LYS A 81 10.29 6.94 10.99
C LYS A 81 8.97 7.49 11.51
N LEU A 82 7.94 6.65 11.53
CA LEU A 82 6.63 7.06 12.00
C LEU A 82 6.73 7.76 13.36
N SER A 83 6.61 9.08 13.35
CA SER A 83 6.69 9.86 14.57
C SER A 83 5.33 10.44 14.94
N GLU A 84 5.10 10.61 16.23
CA GLU A 84 3.84 11.15 16.72
C GLU A 84 3.71 12.63 16.40
N LEU A 85 4.83 13.35 16.52
CA LEU A 85 4.86 14.78 16.25
C LEU A 85 4.96 15.05 14.74
N HIS A 86 5.02 16.33 14.37
CA HIS A 86 5.12 16.71 12.98
C HIS A 86 3.88 16.27 12.19
N PRO A 87 2.76 16.97 12.42
CA PRO A 87 1.49 16.67 11.76
C PRO A 87 1.52 17.02 10.28
N GLU A 88 2.34 18.01 9.92
CA GLU A 88 2.46 18.43 8.53
C GLU A 88 2.88 17.27 7.64
N GLU A 89 3.60 16.31 8.21
CA GLU A 89 4.06 15.14 7.47
C GLU A 89 2.89 14.22 7.12
N ARG A 90 1.95 14.09 8.05
CA ARG A 90 0.79 13.23 7.84
C ARG A 90 0.08 13.60 6.54
N LYS A 91 -0.25 14.87 6.40
CA LYS A 91 -0.93 15.35 5.21
C LYS A 91 -0.05 15.20 3.97
N LYS A 92 1.24 15.42 4.14
CA LYS A 92 2.20 15.31 3.04
C LYS A 92 2.18 13.91 2.46
N VAL A 93 2.36 12.91 3.31
CA VAL A 93 2.35 11.51 2.88
C VAL A 93 0.98 11.10 2.36
N ARG A 94 -0.07 11.66 2.96
CA ARG A 94 -1.43 11.36 2.55
C ARG A 94 -1.67 11.71 1.09
N GLU A 95 -1.28 12.92 0.71
CA GLU A 95 -1.45 13.39 -0.67
C GLU A 95 -0.45 12.70 -1.60
N LYS A 96 0.74 12.42 -1.08
CA LYS A 96 1.77 11.76 -1.86
C LYS A 96 1.31 10.39 -2.35
N PHE A 97 0.86 9.57 -1.40
CA PHE A 97 0.39 8.23 -1.72
C PHE A 97 -0.96 8.29 -2.44
N ASP A 98 -1.78 9.26 -2.08
CA ASP A 98 -3.09 9.43 -2.69
C ASP A 98 -2.96 9.71 -4.18
N GLU A 99 -2.11 10.66 -4.53
CA GLU A 99 -1.90 11.02 -5.93
C GLU A 99 -1.17 9.91 -6.67
N ASN A 100 -0.08 9.43 -6.09
CA ASN A 100 0.70 8.36 -6.69
C ASN A 100 -0.18 7.17 -7.07
N SER A 101 -1.17 6.88 -6.22
CA SER A 101 -2.08 5.77 -6.45
C SER A 101 -3.10 6.13 -7.53
N ARG A 102 -3.64 7.35 -7.44
CA ARG A 102 -4.63 7.81 -8.40
C ARG A 102 -3.98 8.08 -9.76
N MET A 103 -2.65 8.05 -9.79
CA MET A 103 -1.91 8.29 -11.03
C MET A 103 -2.59 7.63 -12.21
N GLN A 104 -2.44 8.21 -13.39
CA GLN A 104 -3.04 7.67 -14.61
C GLN A 104 -2.63 6.21 -14.81
N TYR A 105 -3.35 5.53 -15.69
CA TYR A 105 -3.08 4.12 -15.97
C TYR A 105 -1.71 3.96 -16.62
N SER A 106 -1.33 4.93 -17.45
CA SER A 106 -0.05 4.89 -18.14
C SER A 106 1.10 4.84 -17.13
N GLU A 107 1.10 5.78 -16.19
CA GLU A 107 2.14 5.84 -15.17
C GLU A 107 2.07 4.63 -14.24
N LEU A 108 0.85 4.21 -13.93
CA LEU A 108 0.65 3.06 -13.05
C LEU A 108 1.30 1.80 -13.63
N MET A 109 1.10 1.60 -14.93
CA MET A 109 1.67 0.44 -15.61
C MET A 109 3.11 0.70 -16.03
N THR A 110 3.42 1.97 -16.29
CA THR A 110 4.77 2.36 -16.71
C THR A 110 5.77 2.18 -15.56
N LYS A 111 5.41 2.69 -14.39
CA LYS A 111 6.27 2.59 -13.21
C LYS A 111 6.39 1.15 -12.74
N TYR A 112 5.53 0.29 -13.29
CA TYR A 112 5.54 -1.13 -12.92
C TYR A 112 6.31 -1.95 -13.95
N HIS A 113 6.07 -1.67 -15.23
CA HIS A 113 6.74 -2.39 -16.31
C HIS A 113 8.01 -1.65 -16.73
N ASP A 114 7.85 -0.42 -17.18
CA ASP A 114 8.98 0.40 -17.62
C ASP A 114 10.05 0.47 -16.53
N LEU A 115 9.62 0.33 -15.27
CA LEU A 115 10.54 0.38 -14.14
C LEU A 115 10.96 -1.02 -13.71
N LYS A 116 10.16 -2.01 -14.10
CA LYS A 116 10.45 -3.40 -13.76
C LYS A 116 11.86 -3.78 -14.19
N LYS A 117 12.36 -3.12 -15.23
CA LYS A 117 13.70 -3.39 -15.74
C LYS A 117 14.76 -2.72 -14.88
N GLN A 118 14.55 -1.43 -14.59
CA GLN A 118 15.49 -0.68 -13.77
C GLN A 118 15.55 -1.24 -12.36
N GLY A 119 14.47 -1.89 -11.93
CA GLY A 119 14.42 -2.46 -10.60
C GLY A 119 13.91 -3.90 -10.60
N LYS A 120 13.25 -4.28 -9.52
CA LYS A 120 12.71 -5.63 -9.40
C LYS A 120 11.45 -5.64 -8.53
N ILE A 121 10.62 -6.67 -8.72
CA ILE A 121 9.39 -6.79 -7.95
C ILE A 121 9.09 -8.25 -7.62
N LYS A 122 8.55 -8.49 -6.43
CA LYS A 122 8.22 -9.84 -6.00
C LYS A 122 6.76 -9.93 -5.59
N ASP A 123 6.11 -11.03 -5.95
CA ASP A 123 4.70 -11.24 -5.60
C ASP A 123 4.57 -12.26 -4.47
N ARG A 124 4.58 -11.77 -3.24
CA ARG A 124 4.47 -12.63 -2.07
C ARG A 124 3.02 -13.08 -1.87
N PRO A 125 2.84 -14.18 -1.12
CA PRO A 125 1.52 -14.73 -0.85
C PRO A 125 0.69 -13.84 0.07
N VAL A 126 -0.61 -13.73 -0.22
CA VAL A 126 -1.50 -12.91 0.59
C VAL A 126 -1.77 -13.55 1.94
N LYS A 127 -1.73 -12.74 2.99
CA LYS A 127 -1.96 -13.23 4.34
C LYS A 127 -3.45 -13.21 4.68
N GLU A 128 -3.92 -14.26 5.32
CA GLU A 128 -5.33 -14.36 5.70
C GLU A 128 -5.64 -13.49 6.91
N VAL A 129 -6.77 -12.80 6.87
CA VAL A 129 -7.18 -11.93 7.96
C VAL A 129 -8.36 -12.53 8.73
N HIS A 130 -8.33 -12.38 10.04
CA HIS A 130 -9.40 -12.91 10.89
C HIS A 130 -9.98 -11.80 11.77
N GLU A 131 -11.02 -12.14 12.54
CA GLU A 131 -11.67 -11.18 13.42
C GLU A 131 -10.86 -10.99 14.70
N GLU A 132 -10.47 -9.75 14.96
CA GLU A 132 -9.68 -9.43 16.15
C GLU A 132 -9.26 -7.96 16.15
N TYR A 133 -8.34 -7.62 17.04
CA TYR A 133 -7.85 -6.25 17.15
C TYR A 133 -6.35 -6.18 16.92
N ASP A 134 -5.95 -5.90 15.68
CA ASP A 134 -4.55 -5.81 15.32
C ASP A 134 -4.33 -4.76 14.24
N LEU A 135 -4.85 -5.04 13.04
CA LEU A 135 -4.71 -4.13 11.91
C LEU A 135 -5.28 -2.76 12.25
N TRP A 136 -5.27 -1.86 11.27
CA TRP A 136 -5.79 -0.51 11.47
C TRP A 136 -7.29 -0.54 11.74
N GLU A 137 -8.00 -1.41 11.04
CA GLU A 137 -9.44 -1.53 11.20
C GLU A 137 -10.08 -0.17 11.42
N ASP A 138 -10.10 0.64 10.37
CA ASP A 138 -10.69 1.98 10.44
C ASP A 138 -10.59 2.69 9.09
N PRO A 139 -9.36 2.90 8.63
CA PRO A 139 -9.10 3.57 7.35
C PRO A 139 -9.52 2.72 6.15
N ILE A 140 -8.98 1.51 6.08
CA ILE A 140 -9.29 0.60 4.97
C ILE A 140 -10.58 -0.17 5.27
N TRP A 141 -11.06 -0.08 6.50
CA TRP A 141 -12.28 -0.77 6.90
C TRP A 141 -13.47 -0.30 6.06
N GLN A 142 -13.39 0.92 5.56
CA GLN A 142 -14.45 1.49 4.75
C GLN A 142 -14.03 1.59 3.29
N TYR A 143 -13.12 2.51 3.00
CA TYR A 143 -12.63 2.72 1.64
C TYR A 143 -11.12 2.98 1.64
N ILE A 144 -10.58 3.25 0.45
CA ILE A 144 -9.16 3.52 0.32
C ILE A 144 -8.72 4.66 1.25
N MET A 23 14.03 6.73 3.22
CA MET A 23 14.18 7.51 4.44
C MET A 23 12.92 7.41 5.31
N GLN A 24 13.11 7.56 6.62
CA GLN A 24 12.00 7.48 7.56
C GLN A 24 10.88 8.44 7.16
N LYS A 25 9.70 8.24 7.73
CA LYS A 25 8.55 9.10 7.44
C LYS A 25 7.96 9.65 8.72
N GLY A 26 7.35 8.78 9.53
CA GLY A 26 6.75 9.20 10.77
C GLY A 26 5.24 9.12 10.74
N LEU A 27 4.72 8.31 9.82
CA LEU A 27 3.27 8.13 9.70
C LEU A 27 2.94 6.80 9.04
N GLU A 28 1.70 6.35 9.21
CA GLU A 28 1.25 5.08 8.64
C GLU A 28 0.08 5.30 7.70
N ILE A 29 0.10 4.60 6.56
CA ILE A 29 -0.97 4.71 5.57
C ILE A 29 -1.53 3.34 5.22
N ALA A 30 -2.83 3.30 4.94
CA ALA A 30 -3.48 2.04 4.58
C ALA A 30 -4.26 2.19 3.28
N PHE A 31 -4.29 1.12 2.49
CA PHE A 31 -5.00 1.13 1.21
C PHE A 31 -5.82 -0.14 1.04
N GLN A 32 -7.05 0.02 0.54
CA GLN A 32 -7.94 -1.11 0.33
C GLN A 32 -8.02 -1.47 -1.15
N THR A 33 -8.45 -2.70 -1.43
CA THR A 33 -8.57 -3.17 -2.80
C THR A 33 -9.54 -4.34 -2.91
N ILE A 34 -10.11 -4.53 -4.09
CA ILE A 34 -11.06 -5.61 -4.32
C ILE A 34 -10.74 -6.37 -5.61
N ASN A 35 -10.74 -5.65 -6.72
CA ASN A 35 -10.45 -6.23 -8.02
C ASN A 35 -10.34 -5.16 -9.10
N GLY A 36 -9.58 -5.47 -10.15
CA GLY A 36 -9.41 -4.51 -11.24
C GLY A 36 -8.21 -3.61 -11.02
N LEU A 37 -8.44 -2.31 -11.08
CA LEU A 37 -7.37 -1.32 -10.89
C LEU A 37 -6.82 -1.39 -9.47
N ASP A 38 -7.64 -1.90 -8.54
CA ASP A 38 -7.23 -2.01 -7.15
C ASP A 38 -6.09 -3.02 -6.99
N GLU A 39 -6.37 -4.27 -7.32
CA GLU A 39 -5.37 -5.33 -7.22
C GLU A 39 -4.08 -4.92 -7.92
N SER A 40 -4.21 -4.43 -9.15
CA SER A 40 -3.05 -4.01 -9.93
C SER A 40 -2.27 -2.93 -9.20
N LEU A 41 -2.99 -1.95 -8.65
CA LEU A 41 -2.37 -0.85 -7.92
C LEU A 41 -1.62 -1.36 -6.70
N VAL A 42 -2.14 -2.42 -6.09
CA VAL A 42 -1.51 -3.01 -4.92
C VAL A 42 -0.18 -3.66 -5.27
N GLN A 43 -0.22 -4.58 -6.24
CA GLN A 43 0.98 -5.28 -6.68
C GLN A 43 1.97 -4.32 -7.32
N ALA A 44 1.46 -3.22 -7.86
CA ALA A 44 2.30 -2.23 -8.50
C ALA A 44 2.96 -1.31 -7.47
N LEU A 45 2.16 -0.75 -6.59
CA LEU A 45 2.66 0.14 -5.55
C LEU A 45 3.65 -0.58 -4.64
N ALA A 46 3.41 -1.87 -4.43
CA ALA A 46 4.29 -2.68 -3.58
C ALA A 46 5.71 -2.70 -4.13
N GLY A 47 5.85 -3.08 -5.40
CA GLY A 47 7.16 -3.12 -6.03
C GLY A 47 7.80 -1.76 -6.14
N VAL A 48 7.01 -0.76 -6.52
CA VAL A 48 7.51 0.60 -6.67
C VAL A 48 8.00 1.15 -5.33
N THR A 49 7.23 0.90 -4.27
CA THR A 49 7.59 1.37 -2.94
C THR A 49 8.88 0.72 -2.45
N ALA A 50 8.92 -0.60 -2.47
CA ALA A 50 10.09 -1.34 -2.04
C ALA A 50 11.31 -0.95 -2.86
N SER A 51 11.12 -0.71 -4.15
CA SER A 51 12.21 -0.33 -5.03
C SER A 51 12.63 1.12 -4.78
N ASP A 52 11.66 1.98 -4.48
CA ASP A 52 11.93 3.38 -4.22
C ASP A 52 12.50 3.58 -2.81
N PHE A 53 12.33 2.57 -1.97
CA PHE A 53 12.81 2.62 -0.59
C PHE A 53 13.93 1.61 -0.37
N PRO A 54 15.11 1.90 -0.92
CA PRO A 54 16.28 1.03 -0.80
C PRO A 54 16.85 1.00 0.61
N ASP A 55 16.46 2.00 1.41
CA ASP A 55 16.92 2.09 2.80
C ASP A 55 16.31 0.98 3.65
N LEU A 56 15.33 0.28 3.08
CA LEU A 56 14.67 -0.81 3.80
C LEU A 56 13.90 -0.28 5.00
N ASP A 57 13.50 0.98 4.94
CA ASP A 57 12.76 1.60 6.03
C ASP A 57 11.26 1.58 5.74
N ILE A 58 10.85 0.72 4.81
CA ILE A 58 9.44 0.60 4.46
C ILE A 58 8.86 -0.71 4.96
N LYS A 59 7.80 -0.61 5.75
CA LYS A 59 7.13 -1.78 6.30
C LYS A 59 5.70 -1.90 5.78
N TYR A 60 5.53 -2.72 4.74
CA TYR A 60 4.21 -2.92 4.14
C TYR A 60 3.82 -4.40 4.18
N ASN A 61 2.52 -4.66 4.05
CA ASN A 61 2.01 -6.03 4.08
C ASN A 61 0.62 -6.09 3.45
N ILE A 62 0.37 -7.16 2.69
CA ILE A 62 -0.92 -7.35 2.04
C ILE A 62 -1.63 -8.58 2.58
N PHE A 63 -2.83 -8.38 3.12
CA PHE A 63 -3.61 -9.49 3.66
C PHE A 63 -5.03 -9.48 3.09
N LEU A 64 -5.60 -10.67 2.91
CA LEU A 64 -6.95 -10.80 2.37
C LEU A 64 -7.94 -11.12 3.48
N VAL A 65 -8.93 -10.24 3.65
CA VAL A 65 -9.95 -10.43 4.67
C VAL A 65 -11.27 -10.89 4.06
N ASP A 66 -11.89 -11.89 4.67
CA ASP A 66 -13.15 -12.42 4.18
C ASP A 66 -14.14 -12.62 5.32
N LEU A 67 -15.10 -11.72 5.43
CA LEU A 67 -16.11 -11.79 6.48
C LEU A 67 -17.44 -11.21 6.01
N TYR A 68 -18.52 -11.61 6.66
CA TYR A 68 -19.85 -11.12 6.32
C TYR A 68 -20.25 -11.57 4.92
N GLY A 69 -19.78 -12.75 4.53
CA GLY A 69 -20.09 -13.30 3.23
C GLY A 69 -19.51 -12.45 2.10
N GLN A 70 -18.58 -11.58 2.44
CA GLN A 70 -17.95 -10.71 1.45
C GLN A 70 -16.43 -10.74 1.60
N LYS A 71 -15.73 -10.86 0.48
CA LYS A 71 -14.28 -10.89 0.47
C LYS A 71 -13.69 -9.57 0.00
N TYR A 72 -12.65 -9.10 0.68
CA TYR A 72 -12.01 -7.84 0.32
C TYR A 72 -10.52 -7.89 0.63
N PHE A 73 -9.74 -7.14 -0.14
CA PHE A 73 -8.30 -7.10 0.05
C PHE A 73 -7.88 -5.82 0.77
N ARG A 74 -7.06 -5.96 1.80
CA ARG A 74 -6.59 -4.82 2.57
C ARG A 74 -5.06 -4.83 2.71
N ILE A 75 -4.45 -3.67 2.54
CA ILE A 75 -3.00 -3.55 2.64
C ILE A 75 -2.61 -2.54 3.71
N LEU A 76 -1.62 -2.89 4.52
CA LEU A 76 -1.14 -2.00 5.58
C LEU A 76 0.31 -1.59 5.33
N PHE A 77 0.54 -0.29 5.24
CA PHE A 77 1.87 0.24 5.00
C PHE A 77 2.25 1.27 6.07
N GLN A 78 3.33 1.00 6.79
CA GLN A 78 3.79 1.91 7.85
C GLN A 78 5.29 2.16 7.72
N SER A 79 5.72 3.33 8.18
CA SER A 79 7.13 3.71 8.12
C SER A 79 7.95 2.91 9.12
N LYS A 80 9.25 3.17 9.15
CA LYS A 80 10.15 2.48 10.06
C LYS A 80 9.96 2.97 11.50
N LYS A 81 10.03 4.28 11.68
CA LYS A 81 9.86 4.88 13.00
C LYS A 81 8.42 5.30 13.23
N LEU A 82 7.74 5.67 12.14
CA LEU A 82 6.34 6.09 12.22
C LEU A 82 6.08 6.85 13.52
N SER A 83 6.98 7.77 13.86
CA SER A 83 6.84 8.56 15.07
C SER A 83 6.00 9.80 14.81
N GLU A 84 5.38 10.32 15.87
CA GLU A 84 4.53 11.50 15.76
C GLU A 84 5.28 12.63 15.08
N LEU A 85 6.60 12.66 15.26
CA LEU A 85 7.44 13.69 14.65
C LEU A 85 7.17 13.81 13.15
N HIS A 86 7.62 14.91 12.56
CA HIS A 86 7.43 15.13 11.13
C HIS A 86 5.95 15.26 10.79
N PRO A 87 5.32 16.34 11.28
CA PRO A 87 3.90 16.60 11.04
C PRO A 87 3.61 16.95 9.58
N GLU A 88 4.46 17.78 9.00
CA GLU A 88 4.31 18.21 7.61
C GLU A 88 4.50 17.03 6.66
N GLU A 89 5.30 16.06 7.08
CA GLU A 89 5.57 14.88 6.27
C GLU A 89 4.31 14.03 6.11
N ARG A 90 3.47 14.03 7.13
CA ARG A 90 2.24 13.25 7.11
C ARG A 90 1.37 13.64 5.91
N LYS A 91 1.10 14.94 5.77
CA LYS A 91 0.29 15.44 4.67
C LYS A 91 1.01 15.24 3.34
N LYS A 92 2.33 15.41 3.36
CA LYS A 92 3.13 15.25 2.15
C LYS A 92 2.92 13.87 1.53
N VAL A 93 3.11 12.83 2.33
CA VAL A 93 2.92 11.46 1.87
C VAL A 93 1.45 11.16 1.58
N ARG A 94 0.57 11.75 2.38
CA ARG A 94 -0.86 11.55 2.21
C ARG A 94 -1.30 11.89 0.79
N GLU A 95 -0.93 13.08 0.32
CA GLU A 95 -1.28 13.52 -1.01
C GLU A 95 -0.49 12.75 -2.07
N LYS A 96 0.80 12.56 -1.81
CA LYS A 96 1.67 11.83 -2.73
C LYS A 96 1.11 10.45 -3.02
N PHE A 97 0.82 9.70 -1.97
CA PHE A 97 0.28 8.35 -2.11
C PHE A 97 -1.13 8.39 -2.69
N ASP A 98 -1.88 9.42 -2.35
CA ASP A 98 -3.25 9.57 -2.83
C ASP A 98 -3.28 9.60 -4.36
N GLU A 99 -2.46 10.48 -4.94
CA GLU A 99 -2.40 10.61 -6.40
C GLU A 99 -1.75 9.38 -7.02
N ASN A 100 -0.63 8.95 -6.45
CA ASN A 100 0.08 7.78 -6.95
C ASN A 100 -0.86 6.59 -7.11
N SER A 101 -1.79 6.45 -6.15
CA SER A 101 -2.74 5.35 -6.18
C SER A 101 -3.86 5.62 -7.19
N ARG A 102 -4.29 6.87 -7.26
CA ARG A 102 -5.35 7.27 -8.17
C ARG A 102 -4.83 7.32 -9.61
N MET A 103 -3.52 7.19 -9.77
CA MET A 103 -2.91 7.21 -11.09
C MET A 103 -3.74 6.44 -12.10
N GLN A 104 -3.69 6.87 -13.35
CA GLN A 104 -4.45 6.21 -14.42
C GLN A 104 -3.91 4.81 -14.67
N TYR A 105 -4.78 3.94 -15.19
CA TYR A 105 -4.39 2.56 -15.48
C TYR A 105 -3.18 2.52 -16.40
N SER A 106 -3.14 3.43 -17.37
CA SER A 106 -2.04 3.50 -18.32
C SER A 106 -0.73 3.79 -17.61
N GLU A 107 -0.73 4.84 -16.79
CA GLU A 107 0.47 5.22 -16.05
C GLU A 107 0.83 4.16 -15.01
N LEU A 108 -0.19 3.52 -14.45
CA LEU A 108 0.02 2.48 -13.45
C LEU A 108 0.69 1.26 -14.05
N MET A 109 0.18 0.82 -15.20
CA MET A 109 0.73 -0.34 -15.88
C MET A 109 2.07 -0.01 -16.53
N THR A 110 2.28 1.27 -16.82
CA THR A 110 3.52 1.72 -17.44
C THR A 110 4.65 1.80 -16.40
N LYS A 111 4.30 2.26 -15.20
CA LYS A 111 5.28 2.39 -14.13
C LYS A 111 5.62 1.02 -13.54
N TYR A 112 4.86 0.01 -13.93
CA TYR A 112 5.07 -1.35 -13.43
C TYR A 112 5.63 -2.25 -14.52
N HIS A 113 5.20 -2.00 -15.76
CA HIS A 113 5.65 -2.79 -16.90
C HIS A 113 6.83 -2.12 -17.59
N ASP A 114 6.92 -0.80 -17.46
CA ASP A 114 8.00 -0.03 -18.07
C ASP A 114 9.09 0.27 -17.04
N LEU A 115 8.70 0.86 -15.92
CA LEU A 115 9.65 1.20 -14.87
C LEU A 115 10.38 -0.04 -14.36
N LYS A 116 9.80 -1.21 -14.63
CA LYS A 116 10.39 -2.47 -14.21
C LYS A 116 11.74 -2.70 -14.90
N LYS A 117 11.99 -1.94 -15.96
CA LYS A 117 13.23 -2.06 -16.72
C LYS A 117 14.44 -1.92 -15.79
N GLN A 118 14.33 -1.01 -14.83
CA GLN A 118 15.42 -0.78 -13.89
C GLN A 118 14.97 -1.08 -12.45
N GLY A 119 13.68 -0.90 -12.19
CA GLY A 119 13.15 -1.16 -10.87
C GLY A 119 12.91 -2.64 -10.61
N LYS A 120 12.32 -2.95 -9.46
CA LYS A 120 12.05 -4.33 -9.11
C LYS A 120 10.75 -4.44 -8.31
N ILE A 121 10.11 -5.61 -8.38
CA ILE A 121 8.86 -5.84 -7.67
C ILE A 121 8.76 -7.27 -7.17
N LYS A 122 8.17 -7.45 -6.00
CA LYS A 122 8.01 -8.77 -5.41
C LYS A 122 6.54 -9.07 -5.12
N ASP A 123 6.13 -10.30 -5.37
CA ASP A 123 4.75 -10.71 -5.13
C ASP A 123 4.67 -11.73 -4.00
N ARG A 124 4.73 -11.24 -2.76
CA ARG A 124 4.68 -12.12 -1.59
C ARG A 124 3.27 -12.65 -1.39
N PRO A 125 3.16 -13.75 -0.62
CA PRO A 125 1.87 -14.39 -0.33
C PRO A 125 0.99 -13.54 0.58
N VAL A 126 -0.27 -13.42 0.22
CA VAL A 126 -1.23 -12.64 1.01
C VAL A 126 -1.58 -13.35 2.30
N LYS A 127 -1.61 -12.60 3.39
CA LYS A 127 -1.95 -13.15 4.70
C LYS A 127 -3.45 -13.14 4.94
N GLU A 128 -3.98 -14.20 5.52
CA GLU A 128 -5.40 -14.31 5.80
C GLU A 128 -5.78 -13.45 7.00
N VAL A 129 -6.92 -12.76 6.90
CA VAL A 129 -7.40 -11.91 7.98
C VAL A 129 -8.62 -12.51 8.65
N HIS A 130 -8.67 -12.40 9.98
CA HIS A 130 -9.79 -12.93 10.75
C HIS A 130 -10.45 -11.84 11.58
N GLU A 131 -11.52 -12.20 12.28
CA GLU A 131 -12.24 -11.24 13.11
C GLU A 131 -11.50 -11.00 14.43
N GLU A 132 -11.12 -9.74 14.66
CA GLU A 132 -10.41 -9.38 15.88
C GLU A 132 -9.95 -7.92 15.82
N TYR A 133 -9.07 -7.54 16.75
CA TYR A 133 -8.56 -6.19 16.80
C TYR A 133 -7.06 -6.16 16.55
N ASP A 134 -6.68 -6.30 15.28
CA ASP A 134 -5.28 -6.29 14.88
C ASP A 134 -4.97 -5.11 13.98
N LEU A 135 -5.37 -5.22 12.72
CA LEU A 135 -5.13 -4.16 11.74
C LEU A 135 -5.79 -2.87 12.19
N TRP A 136 -5.72 -1.85 11.33
CA TRP A 136 -6.31 -0.55 11.63
C TRP A 136 -7.83 -0.67 11.83
N GLU A 137 -8.47 -1.47 10.98
CA GLU A 137 -9.91 -1.67 11.06
C GLU A 137 -10.64 -0.33 11.12
N ASP A 138 -10.52 0.46 10.05
CA ASP A 138 -11.17 1.76 9.99
C ASP A 138 -10.89 2.43 8.65
N PRO A 139 -9.61 2.70 8.38
CA PRO A 139 -9.18 3.35 7.13
C PRO A 139 -9.35 2.45 5.92
N ILE A 140 -8.81 1.24 6.02
CA ILE A 140 -8.91 0.27 4.94
C ILE A 140 -10.24 -0.45 4.94
N TRP A 141 -11.00 -0.26 6.01
CA TRP A 141 -12.32 -0.89 6.15
C TRP A 141 -13.40 -0.03 5.50
N GLN A 142 -13.19 1.28 5.51
CA GLN A 142 -14.15 2.21 4.93
C GLN A 142 -13.89 2.39 3.44
N TYR A 143 -12.85 3.12 3.10
CA TYR A 143 -12.49 3.37 1.70
C TYR A 143 -11.04 3.81 1.58
N ILE A 144 -10.62 4.06 0.34
CA ILE A 144 -9.25 4.50 0.08
C ILE A 144 -8.87 5.69 0.95
N MET A 23 11.44 11.97 4.23
CA MET A 23 10.41 12.73 3.54
C MET A 23 9.25 11.83 3.13
N GLN A 24 9.52 10.87 2.25
CA GLN A 24 8.50 9.94 1.79
C GLN A 24 8.34 8.77 2.75
N LYS A 25 9.45 8.34 3.34
CA LYS A 25 9.44 7.23 4.28
C LYS A 25 9.31 7.74 5.72
N GLY A 26 8.77 6.89 6.59
CA GLY A 26 8.60 7.27 7.98
C GLY A 26 7.15 7.45 8.35
N LEU A 27 6.25 6.88 7.55
CA LEU A 27 4.82 6.99 7.81
C LEU A 27 4.11 5.66 7.50
N GLU A 28 2.92 5.49 8.08
CA GLU A 28 2.15 4.28 7.87
C GLU A 28 0.82 4.59 7.18
N ILE A 29 0.49 3.80 6.16
CA ILE A 29 -0.75 4.00 5.42
C ILE A 29 -1.35 2.66 5.00
N ALA A 30 -2.67 2.60 4.95
CA ALA A 30 -3.37 1.39 4.56
C ALA A 30 -4.20 1.61 3.30
N PHE A 31 -4.29 0.58 2.47
CA PHE A 31 -5.05 0.66 1.23
C PHE A 31 -5.90 -0.59 1.02
N GLN A 32 -7.14 -0.39 0.58
CA GLN A 32 -8.06 -1.51 0.34
C GLN A 32 -8.04 -1.91 -1.12
N THR A 33 -8.29 -3.20 -1.38
CA THR A 33 -8.31 -3.72 -2.74
C THR A 33 -9.14 -5.00 -2.83
N ILE A 34 -9.72 -5.24 -4.00
CA ILE A 34 -10.54 -6.42 -4.22
C ILE A 34 -10.16 -7.11 -5.52
N ASN A 35 -10.30 -6.39 -6.63
CA ASN A 35 -9.96 -6.94 -7.94
C ASN A 35 -10.20 -5.91 -9.04
N GLY A 36 -9.70 -6.20 -10.24
CA GLY A 36 -9.87 -5.28 -11.35
C GLY A 36 -8.84 -4.18 -11.34
N LEU A 37 -9.29 -2.96 -11.06
CA LEU A 37 -8.40 -1.80 -11.03
C LEU A 37 -7.62 -1.76 -9.72
N ASP A 38 -8.08 -2.52 -8.74
CA ASP A 38 -7.42 -2.57 -7.44
C ASP A 38 -6.21 -3.49 -7.48
N GLU A 39 -6.42 -4.73 -7.92
CA GLU A 39 -5.34 -5.71 -8.01
C GLU A 39 -4.13 -5.11 -8.71
N SER A 40 -4.38 -4.37 -9.79
CA SER A 40 -3.30 -3.76 -10.57
C SER A 40 -2.56 -2.72 -9.72
N LEU A 41 -3.32 -1.90 -9.00
CA LEU A 41 -2.74 -0.86 -8.15
C LEU A 41 -1.92 -1.48 -7.03
N VAL A 42 -2.38 -2.61 -6.50
CA VAL A 42 -1.69 -3.30 -5.43
C VAL A 42 -0.36 -3.87 -5.91
N GLN A 43 -0.40 -4.62 -7.00
CA GLN A 43 0.80 -5.21 -7.56
C GLN A 43 1.73 -4.15 -8.12
N ALA A 44 1.15 -3.03 -8.54
CA ALA A 44 1.94 -1.93 -9.10
C ALA A 44 2.58 -1.10 -8.00
N LEU A 45 1.76 -0.65 -7.05
CA LEU A 45 2.26 0.16 -5.93
C LEU A 45 3.22 -0.64 -5.07
N ALA A 46 2.98 -1.94 -4.97
CA ALA A 46 3.83 -2.82 -4.17
C ALA A 46 5.26 -2.82 -4.69
N GLY A 47 5.41 -3.11 -5.98
CA GLY A 47 6.74 -3.14 -6.58
C GLY A 47 7.38 -1.77 -6.63
N VAL A 48 6.60 -0.75 -6.94
CA VAL A 48 7.11 0.61 -7.01
C VAL A 48 7.61 1.09 -5.65
N THR A 49 6.87 0.74 -4.60
CA THR A 49 7.23 1.13 -3.25
C THR A 49 8.51 0.42 -2.80
N ALA A 50 8.51 -0.90 -2.90
CA ALA A 50 9.67 -1.69 -2.51
C ALA A 50 10.90 -1.30 -3.32
N SER A 51 10.68 -1.01 -4.60
CA SER A 51 11.78 -0.61 -5.49
C SER A 51 12.24 0.81 -5.21
N ASP A 52 11.29 1.67 -4.87
CA ASP A 52 11.60 3.07 -4.58
C ASP A 52 12.20 3.21 -3.18
N PHE A 53 12.01 2.16 -2.36
CA PHE A 53 12.53 2.17 -1.00
C PHE A 53 13.65 1.14 -0.83
N PRO A 54 14.83 1.47 -1.37
CA PRO A 54 16.01 0.59 -1.30
C PRO A 54 16.56 0.48 0.12
N ASP A 55 16.15 1.40 0.98
CA ASP A 55 16.61 1.40 2.36
C ASP A 55 16.24 0.10 3.06
N LEU A 56 15.29 -0.63 2.49
CA LEU A 56 14.85 -1.90 3.05
C LEU A 56 14.15 -1.68 4.39
N ASP A 57 13.80 -0.43 4.68
CA ASP A 57 13.13 -0.09 5.93
C ASP A 57 11.62 -0.15 5.76
N ILE A 58 11.17 -0.52 4.56
CA ILE A 58 9.75 -0.61 4.27
C ILE A 58 9.12 -1.82 4.96
N LYS A 59 8.17 -1.56 5.84
CA LYS A 59 7.48 -2.63 6.57
C LYS A 59 6.03 -2.72 6.15
N TYR A 60 5.79 -3.22 4.94
CA TYR A 60 4.43 -3.36 4.43
C TYR A 60 4.13 -4.81 4.06
N ASN A 61 2.87 -5.09 3.76
CA ASN A 61 2.45 -6.44 3.39
C ASN A 61 0.99 -6.46 2.96
N ILE A 62 0.57 -7.57 2.39
CA ILE A 62 -0.81 -7.73 1.92
C ILE A 62 -1.45 -9.00 2.49
N PHE A 63 -2.62 -8.84 3.09
CA PHE A 63 -3.34 -9.98 3.67
C PHE A 63 -4.80 -9.98 3.23
N LEU A 64 -5.38 -11.17 3.13
CA LEU A 64 -6.78 -11.31 2.72
C LEU A 64 -7.67 -11.57 3.93
N VAL A 65 -8.56 -10.63 4.22
CA VAL A 65 -9.48 -10.77 5.35
C VAL A 65 -10.86 -11.19 4.87
N ASP A 66 -11.50 -12.07 5.65
CA ASP A 66 -12.84 -12.55 5.31
C ASP A 66 -13.76 -12.48 6.52
N LEU A 67 -14.65 -11.50 6.52
CA LEU A 67 -15.59 -11.31 7.61
C LEU A 67 -17.02 -11.19 7.09
N TYR A 68 -17.97 -11.66 7.88
CA TYR A 68 -19.38 -11.61 7.50
C TYR A 68 -19.61 -12.34 6.18
N GLY A 69 -18.76 -13.31 5.89
CA GLY A 69 -18.89 -14.07 4.67
C GLY A 69 -18.24 -13.38 3.48
N GLN A 70 -17.88 -12.11 3.67
CA GLN A 70 -17.25 -11.34 2.60
C GLN A 70 -15.74 -11.30 2.78
N LYS A 71 -15.02 -11.53 1.68
CA LYS A 71 -13.57 -11.53 1.71
C LYS A 71 -13.00 -10.39 0.86
N TYR A 72 -12.08 -9.62 1.44
CA TYR A 72 -11.47 -8.50 0.74
C TYR A 72 -9.97 -8.44 1.01
N PHE A 73 -9.23 -7.83 0.09
CA PHE A 73 -7.79 -7.70 0.22
C PHE A 73 -7.41 -6.32 0.77
N ARG A 74 -6.56 -6.31 1.79
CA ARG A 74 -6.12 -5.06 2.40
C ARG A 74 -4.60 -5.04 2.56
N ILE A 75 -3.99 -3.90 2.25
CA ILE A 75 -2.55 -3.75 2.37
C ILE A 75 -2.19 -2.80 3.50
N LEU A 76 -1.22 -3.20 4.31
CA LEU A 76 -0.77 -2.38 5.43
C LEU A 76 0.72 -2.04 5.29
N PHE A 77 1.02 -0.75 5.26
CA PHE A 77 2.39 -0.28 5.14
C PHE A 77 2.80 0.52 6.36
N GLN A 78 3.91 0.12 6.98
CA GLN A 78 4.41 0.81 8.17
C GLN A 78 5.91 1.07 8.06
N SER A 79 6.37 2.14 8.70
CA SER A 79 7.78 2.49 8.67
C SER A 79 8.43 2.28 10.04
N LYS A 80 9.75 2.39 10.08
CA LYS A 80 10.49 2.21 11.33
C LYS A 80 10.76 3.55 12.00
N LYS A 81 11.07 4.57 11.21
CA LYS A 81 11.34 5.89 11.72
C LYS A 81 10.05 6.62 12.07
N LEU A 82 8.93 5.97 11.80
CA LEU A 82 7.62 6.55 12.09
C LEU A 82 7.60 7.18 13.48
N SER A 83 7.55 8.51 13.52
CA SER A 83 7.54 9.24 14.78
C SER A 83 6.17 9.88 15.01
N GLU A 84 5.79 10.02 16.28
CA GLU A 84 4.51 10.61 16.64
C GLU A 84 4.52 12.11 16.36
N LEU A 85 5.69 12.72 16.47
CA LEU A 85 5.82 14.16 16.23
C LEU A 85 5.74 14.47 14.73
N HIS A 86 5.73 15.76 14.40
CA HIS A 86 5.65 16.19 13.01
C HIS A 86 4.34 15.74 12.37
N PRO A 87 3.24 16.41 12.74
CA PRO A 87 1.91 16.09 12.22
C PRO A 87 1.76 16.48 10.74
N GLU A 88 2.69 17.28 10.26
CA GLU A 88 2.67 17.72 8.86
C GLU A 88 3.07 16.58 7.93
N GLU A 89 3.89 15.67 8.43
CA GLU A 89 4.36 14.54 7.64
C GLU A 89 3.20 13.58 7.34
N ARG A 90 2.25 13.49 8.26
CA ARG A 90 1.10 12.61 8.11
C ARG A 90 0.29 13.01 6.87
N LYS A 91 -0.06 14.29 6.78
CA LYS A 91 -0.83 14.79 5.64
C LYS A 91 -0.01 14.72 4.35
N LYS A 92 1.29 14.99 4.48
CA LYS A 92 2.18 14.96 3.32
C LYS A 92 2.15 13.59 2.64
N VAL A 93 2.38 12.54 3.42
CA VAL A 93 2.38 11.18 2.90
C VAL A 93 0.98 10.78 2.44
N ARG A 94 -0.03 11.26 3.13
CA ARG A 94 -1.41 10.95 2.80
C ARG A 94 -1.73 11.36 1.36
N GLU A 95 -1.40 12.61 1.02
CA GLU A 95 -1.65 13.13 -0.31
C GLU A 95 -0.69 12.51 -1.32
N LYS A 96 0.55 12.27 -0.90
CA LYS A 96 1.56 11.69 -1.76
C LYS A 96 1.13 10.30 -2.25
N PHE A 97 0.76 9.44 -1.30
CA PHE A 97 0.33 8.09 -1.62
C PHE A 97 -1.03 8.11 -2.30
N ASP A 98 -1.89 9.02 -1.88
CA ASP A 98 -3.23 9.15 -2.46
C ASP A 98 -3.15 9.45 -3.96
N GLU A 99 -2.35 10.45 -4.30
CA GLU A 99 -2.19 10.84 -5.70
C GLU A 99 -1.45 9.77 -6.49
N ASN A 100 -0.32 9.31 -5.94
CA ASN A 100 0.47 8.28 -6.59
C ASN A 100 -0.39 7.08 -6.98
N SER A 101 -1.34 6.74 -6.12
CA SER A 101 -2.23 5.62 -6.37
C SER A 101 -3.29 5.98 -7.40
N ARG A 102 -3.80 7.21 -7.29
CA ARG A 102 -4.84 7.69 -8.21
C ARG A 102 -4.24 7.98 -9.58
N MET A 103 -2.91 7.95 -9.67
CA MET A 103 -2.23 8.21 -10.93
C MET A 103 -2.94 7.54 -12.10
N GLN A 104 -2.81 8.12 -13.29
CA GLN A 104 -3.45 7.57 -14.47
C GLN A 104 -2.97 6.15 -14.75
N TYR A 105 -3.60 5.49 -15.71
CA TYR A 105 -3.23 4.13 -16.07
C TYR A 105 -1.83 4.07 -16.66
N SER A 106 -1.47 5.11 -17.42
CA SER A 106 -0.16 5.19 -18.05
C SER A 106 0.95 4.99 -17.02
N GLU A 107 0.89 5.79 -15.96
CA GLU A 107 1.90 5.71 -14.90
C GLU A 107 1.74 4.43 -14.09
N LEU A 108 0.49 4.02 -13.88
CA LEU A 108 0.20 2.80 -13.13
C LEU A 108 0.80 1.57 -13.82
N MET A 109 0.69 1.55 -15.14
CA MET A 109 1.21 0.43 -15.91
C MET A 109 2.70 0.62 -16.19
N THR A 110 3.13 1.86 -16.33
CA THR A 110 4.52 2.17 -16.60
C THR A 110 5.40 1.86 -15.39
N LYS A 111 4.96 2.32 -14.22
CA LYS A 111 5.70 2.09 -12.98
C LYS A 111 5.60 0.63 -12.54
N TYR A 112 4.79 -0.14 -13.27
CA TYR A 112 4.60 -1.56 -12.96
C TYR A 112 5.36 -2.43 -13.95
N HIS A 113 5.27 -2.08 -15.23
CA HIS A 113 5.94 -2.84 -16.28
C HIS A 113 7.31 -2.25 -16.58
N ASP A 114 7.36 -0.93 -16.74
CA ASP A 114 8.61 -0.24 -17.04
C ASP A 114 9.49 -0.17 -15.79
N LEU A 115 8.94 -0.58 -14.65
CA LEU A 115 9.68 -0.56 -13.40
C LEU A 115 10.91 -1.47 -13.48
N LYS A 116 10.69 -2.73 -13.83
CA LYS A 116 11.78 -3.69 -13.94
C LYS A 116 12.93 -3.12 -14.75
N LYS A 117 12.62 -2.17 -15.64
CA LYS A 117 13.63 -1.54 -16.47
C LYS A 117 14.79 -1.02 -15.62
N GLN A 118 14.47 -0.54 -14.43
CA GLN A 118 15.49 -0.01 -13.52
C GLN A 118 15.41 -0.71 -12.17
N GLY A 119 14.42 -1.58 -12.01
CA GLY A 119 14.26 -2.29 -10.75
C GLY A 119 13.07 -3.22 -10.76
N LYS A 120 13.33 -4.53 -10.75
CA LYS A 120 12.28 -5.53 -10.76
C LYS A 120 11.36 -5.37 -9.54
N ILE A 121 10.36 -6.24 -9.45
CA ILE A 121 9.43 -6.20 -8.33
C ILE A 121 9.42 -7.52 -7.57
N LYS A 122 8.75 -7.54 -6.43
CA LYS A 122 8.66 -8.75 -5.61
C LYS A 122 7.20 -9.10 -5.32
N ASP A 123 6.89 -10.39 -5.36
CA ASP A 123 5.54 -10.85 -5.09
C ASP A 123 5.49 -11.65 -3.80
N ARG A 124 5.32 -10.95 -2.68
CA ARG A 124 5.26 -11.60 -1.38
C ARG A 124 3.93 -12.33 -1.20
N PRO A 125 3.93 -13.35 -0.32
CA PRO A 125 2.74 -14.15 -0.04
C PRO A 125 1.67 -13.36 0.72
N VAL A 126 0.42 -13.77 0.56
CA VAL A 126 -0.69 -13.10 1.22
C VAL A 126 -1.00 -13.75 2.56
N LYS A 127 -1.22 -12.92 3.58
CA LYS A 127 -1.53 -13.41 4.91
C LYS A 127 -3.03 -13.50 5.13
N GLU A 128 -3.46 -14.52 5.88
CA GLU A 128 -4.88 -14.71 6.16
C GLU A 128 -5.30 -13.89 7.37
N VAL A 129 -6.47 -13.24 7.26
CA VAL A 129 -6.99 -12.43 8.34
C VAL A 129 -8.37 -12.92 8.79
N HIS A 130 -8.60 -12.91 10.09
CA HIS A 130 -9.87 -13.35 10.65
C HIS A 130 -10.79 -12.16 10.91
N GLU A 131 -12.01 -12.45 11.38
CA GLU A 131 -12.98 -11.40 11.67
C GLU A 131 -12.68 -10.72 13.00
N GLU A 132 -12.41 -9.43 12.96
CA GLU A 132 -12.10 -8.67 14.16
C GLU A 132 -11.62 -7.26 13.81
N TYR A 133 -11.08 -6.56 14.81
CA TYR A 133 -10.59 -5.21 14.60
C TYR A 133 -9.13 -5.08 15.06
N ASP A 134 -8.21 -5.36 14.15
CA ASP A 134 -6.79 -5.28 14.45
C ASP A 134 -6.09 -4.30 13.52
N LEU A 135 -6.53 -4.28 12.26
CA LEU A 135 -5.94 -3.38 11.27
C LEU A 135 -6.07 -1.92 11.70
N TRP A 136 -5.70 -1.01 10.81
CA TRP A 136 -5.78 0.42 11.10
C TRP A 136 -7.21 0.83 11.45
N GLU A 137 -8.17 0.29 10.71
CA GLU A 137 -9.57 0.60 10.95
C GLU A 137 -9.79 2.10 11.05
N ASP A 138 -9.71 2.79 9.91
CA ASP A 138 -9.90 4.23 9.88
C ASP A 138 -9.78 4.76 8.44
N PRO A 139 -8.60 4.55 7.84
CA PRO A 139 -8.34 4.99 6.47
C PRO A 139 -9.12 4.19 5.43
N ILE A 140 -8.82 2.90 5.34
CA ILE A 140 -9.49 2.03 4.39
C ILE A 140 -10.85 1.57 4.94
N TRP A 141 -11.07 1.79 6.23
CA TRP A 141 -12.31 1.40 6.88
C TRP A 141 -13.50 2.08 6.21
N GLN A 142 -13.25 3.23 5.60
CA GLN A 142 -14.30 3.98 4.92
C GLN A 142 -14.08 3.99 3.41
N TYR A 143 -13.12 4.79 2.96
CA TYR A 143 -12.81 4.88 1.54
C TYR A 143 -11.35 4.54 1.27
N ILE A 144 -10.98 4.52 0.00
CA ILE A 144 -9.61 4.21 -0.39
C ILE A 144 -8.61 5.08 0.36
N MET A 23 14.28 10.66 3.86
CA MET A 23 13.76 11.97 4.27
C MET A 23 12.28 12.10 3.91
N GLN A 24 11.54 12.81 4.74
CA GLN A 24 10.10 13.01 4.51
C GLN A 24 9.36 11.68 4.56
N LYS A 25 9.65 10.88 5.57
CA LYS A 25 9.01 9.58 5.74
C LYS A 25 8.79 9.27 7.21
N GLY A 26 8.21 8.10 7.48
CA GLY A 26 7.96 7.71 8.87
C GLY A 26 6.48 7.69 9.20
N LEU A 27 5.64 7.61 8.16
CA LEU A 27 4.20 7.58 8.36
C LEU A 27 3.61 6.25 7.91
N GLU A 28 2.40 5.94 8.39
CA GLU A 28 1.74 4.71 8.03
C GLU A 28 0.44 4.98 7.27
N ILE A 29 0.20 4.20 6.23
CA ILE A 29 -1.01 4.37 5.42
C ILE A 29 -1.56 3.01 4.99
N ALA A 30 -2.89 2.93 4.89
CA ALA A 30 -3.55 1.69 4.49
C ALA A 30 -4.43 1.91 3.26
N PHE A 31 -4.51 0.90 2.40
CA PHE A 31 -5.32 0.98 1.20
C PHE A 31 -6.25 -0.22 1.07
N GLN A 32 -7.49 0.04 0.68
CA GLN A 32 -8.48 -1.01 0.53
C GLN A 32 -8.73 -1.31 -0.94
N THR A 33 -8.81 -2.60 -1.28
CA THR A 33 -9.04 -3.02 -2.65
C THR A 33 -9.99 -4.21 -2.70
N ILE A 34 -10.39 -4.59 -3.92
CA ILE A 34 -11.31 -5.71 -4.11
C ILE A 34 -11.28 -6.20 -5.55
N ASN A 35 -11.97 -7.31 -5.80
CA ASN A 35 -12.03 -7.89 -7.13
C ASN A 35 -12.57 -6.87 -8.14
N GLY A 36 -11.67 -6.27 -8.91
CA GLY A 36 -12.07 -5.29 -9.90
C GLY A 36 -10.92 -4.87 -10.79
N LEU A 37 -10.17 -3.87 -10.36
CA LEU A 37 -9.04 -3.36 -11.13
C LEU A 37 -8.03 -2.68 -10.23
N ASP A 38 -8.03 -3.04 -8.95
CA ASP A 38 -7.10 -2.45 -8.00
C ASP A 38 -5.90 -3.37 -7.76
N GLU A 39 -6.10 -4.66 -7.99
CA GLU A 39 -5.04 -5.64 -7.80
C GLU A 39 -3.75 -5.19 -8.51
N SER A 40 -3.92 -4.55 -9.66
CA SER A 40 -2.78 -4.09 -10.44
C SER A 40 -2.03 -2.99 -9.69
N LEU A 41 -2.77 -2.00 -9.22
CA LEU A 41 -2.17 -0.89 -8.47
C LEU A 41 -1.48 -1.38 -7.22
N VAL A 42 -2.05 -2.41 -6.60
CA VAL A 42 -1.47 -2.97 -5.38
C VAL A 42 -0.17 -3.69 -5.66
N GLN A 43 -0.20 -4.63 -6.60
CA GLN A 43 0.99 -5.39 -6.97
C GLN A 43 2.03 -4.49 -7.62
N ALA A 44 1.56 -3.39 -8.22
CA ALA A 44 2.46 -2.44 -8.86
C ALA A 44 3.13 -1.53 -7.85
N LEU A 45 2.32 -0.91 -7.00
CA LEU A 45 2.85 0.00 -5.98
C LEU A 45 3.76 -0.74 -5.00
N ALA A 46 3.44 -2.00 -4.74
CA ALA A 46 4.24 -2.82 -3.84
C ALA A 46 5.68 -2.94 -4.33
N GLY A 47 5.83 -3.37 -5.59
CA GLY A 47 7.16 -3.52 -6.16
C GLY A 47 7.87 -2.19 -6.36
N VAL A 48 7.11 -1.18 -6.79
CA VAL A 48 7.67 0.14 -7.02
C VAL A 48 8.17 0.76 -5.72
N THR A 49 7.31 0.77 -4.70
CA THR A 49 7.66 1.33 -3.40
C THR A 49 8.82 0.55 -2.77
N ALA A 50 8.72 -0.76 -2.78
CA ALA A 50 9.76 -1.61 -2.20
C ALA A 50 11.08 -1.44 -2.94
N SER A 51 11.00 -1.29 -4.27
CA SER A 51 12.18 -1.13 -5.10
C SER A 51 12.75 0.28 -4.94
N ASP A 52 11.88 1.25 -4.76
CA ASP A 52 12.29 2.65 -4.60
C ASP A 52 12.73 2.91 -3.17
N PHE A 53 12.38 2.02 -2.26
CA PHE A 53 12.73 2.16 -0.85
C PHE A 53 13.55 0.96 -0.38
N PRO A 54 14.71 0.75 -1.01
CA PRO A 54 15.61 -0.35 -0.66
C PRO A 54 16.28 -0.16 0.70
N ASP A 55 16.62 1.08 1.01
CA ASP A 55 17.26 1.39 2.28
C ASP A 55 16.26 1.99 3.26
N LEU A 56 15.15 2.49 2.72
CA LEU A 56 14.11 3.10 3.56
C LEU A 56 13.43 2.05 4.42
N ASP A 57 13.71 0.78 4.15
CA ASP A 57 13.14 -0.32 4.91
C ASP A 57 11.62 -0.20 4.97
N ILE A 58 10.97 -0.29 3.80
CA ILE A 58 9.53 -0.18 3.71
C ILE A 58 8.86 -1.43 4.30
N LYS A 59 7.80 -1.22 5.07
CA LYS A 59 7.06 -2.32 5.68
C LYS A 59 5.64 -2.37 5.15
N TYR A 60 5.45 -3.10 4.05
CA TYR A 60 4.13 -3.23 3.45
C TYR A 60 3.72 -4.70 3.35
N ASN A 61 2.42 -4.95 3.31
CA ASN A 61 1.91 -6.31 3.22
C ASN A 61 0.47 -6.31 2.69
N ILE A 62 0.06 -7.43 2.10
CA ILE A 62 -1.28 -7.56 1.56
C ILE A 62 -2.00 -8.78 2.15
N PHE A 63 -3.13 -8.53 2.79
CA PHE A 63 -3.91 -9.61 3.41
C PHE A 63 -5.37 -9.51 2.99
N LEU A 64 -6.03 -10.67 2.89
CA LEU A 64 -7.43 -10.72 2.50
C LEU A 64 -8.32 -11.01 3.71
N VAL A 65 -9.26 -10.12 3.99
CA VAL A 65 -10.17 -10.28 5.11
C VAL A 65 -11.55 -10.76 4.63
N ASP A 66 -12.13 -11.68 5.38
CA ASP A 66 -13.45 -12.21 5.04
C ASP A 66 -14.35 -12.26 6.26
N LEU A 67 -15.30 -11.34 6.33
CA LEU A 67 -16.23 -11.26 7.45
C LEU A 67 -17.67 -11.06 6.96
N TYR A 68 -18.61 -11.73 7.60
CA TYR A 68 -20.02 -11.61 7.22
C TYR A 68 -20.25 -12.13 5.81
N GLY A 69 -19.56 -13.20 5.46
CA GLY A 69 -19.70 -13.79 4.13
C GLY A 69 -19.23 -12.85 3.04
N GLN A 70 -18.56 -11.77 3.42
CA GLN A 70 -18.06 -10.79 2.47
C GLN A 70 -16.54 -10.85 2.37
N LYS A 71 -16.04 -10.87 1.14
CA LYS A 71 -14.60 -10.93 0.91
C LYS A 71 -14.07 -9.58 0.43
N TYR A 72 -13.00 -9.10 1.06
CA TYR A 72 -12.41 -7.82 0.71
C TYR A 72 -10.89 -7.88 0.84
N PHE A 73 -10.19 -7.07 0.04
CA PHE A 73 -8.75 -7.02 0.07
C PHE A 73 -8.25 -5.78 0.80
N ARG A 74 -7.34 -5.96 1.74
CA ARG A 74 -6.79 -4.86 2.52
C ARG A 74 -5.27 -4.92 2.55
N ILE A 75 -4.63 -3.77 2.36
CA ILE A 75 -3.17 -3.69 2.36
C ILE A 75 -2.68 -2.71 3.43
N LEU A 76 -1.64 -3.11 4.15
CA LEU A 76 -1.07 -2.26 5.20
C LEU A 76 0.36 -1.87 4.86
N PHE A 77 0.61 -0.58 4.71
CA PHE A 77 1.94 -0.07 4.39
C PHE A 77 2.37 0.99 5.40
N GLN A 78 3.46 0.71 6.11
CA GLN A 78 3.99 1.64 7.11
C GLN A 78 5.50 1.77 6.98
N SER A 79 6.02 2.93 7.37
CA SER A 79 7.45 3.19 7.30
C SER A 79 8.18 2.55 8.48
N LYS A 80 9.49 2.74 8.52
CA LYS A 80 10.31 2.18 9.60
C LYS A 80 9.91 2.77 10.95
N LYS A 81 9.88 4.10 11.02
CA LYS A 81 9.50 4.79 12.25
C LYS A 81 7.99 4.77 12.45
N LEU A 82 7.26 4.81 11.34
CA LEU A 82 5.80 4.80 11.39
C LEU A 82 5.29 5.52 12.64
N SER A 83 5.82 6.73 12.87
CA SER A 83 5.42 7.51 14.03
C SER A 83 4.41 8.59 13.64
N GLU A 84 3.53 8.93 14.57
CA GLU A 84 2.50 9.95 14.32
C GLU A 84 3.13 11.33 14.23
N LEU A 85 4.34 11.47 14.77
CA LEU A 85 5.04 12.75 14.75
C LEU A 85 5.09 13.33 13.34
N HIS A 86 5.53 14.58 13.23
CA HIS A 86 5.62 15.25 11.94
C HIS A 86 4.23 15.44 11.33
N PRO A 87 3.52 16.47 11.77
CA PRO A 87 2.17 16.78 11.29
C PRO A 87 2.19 17.29 9.85
N GLU A 88 3.28 17.94 9.46
CA GLU A 88 3.41 18.48 8.11
C GLU A 88 3.72 17.37 7.11
N GLU A 89 4.38 16.32 7.59
CA GLU A 89 4.74 15.19 6.73
C GLU A 89 3.51 14.33 6.45
N ARG A 90 2.58 14.28 7.40
CA ARG A 90 1.36 13.50 7.24
C ARG A 90 0.67 13.82 5.93
N LYS A 91 0.43 15.10 5.69
CA LYS A 91 -0.24 15.55 4.48
C LYS A 91 0.62 15.23 3.25
N LYS A 92 1.93 15.35 3.40
CA LYS A 92 2.85 15.07 2.30
C LYS A 92 2.72 13.62 1.84
N VAL A 93 2.84 12.69 2.78
CA VAL A 93 2.74 11.27 2.47
C VAL A 93 1.34 10.91 2.00
N ARG A 94 0.34 11.60 2.55
CA ARG A 94 -1.06 11.35 2.19
C ARG A 94 -1.29 11.61 0.71
N GLU A 95 -0.83 12.77 0.24
CA GLU A 95 -0.99 13.14 -1.16
C GLU A 95 -0.07 12.31 -2.05
N LYS A 96 1.10 11.98 -1.53
CA LYS A 96 2.08 11.19 -2.28
C LYS A 96 1.49 9.81 -2.63
N PHE A 97 1.01 9.10 -1.63
CA PHE A 97 0.43 7.79 -1.84
C PHE A 97 -0.92 7.89 -2.54
N ASP A 98 -1.66 8.94 -2.24
CA ASP A 98 -2.97 9.15 -2.85
C ASP A 98 -2.84 9.38 -4.35
N GLU A 99 -1.94 10.28 -4.73
CA GLU A 99 -1.72 10.58 -6.14
C GLU A 99 -1.10 9.39 -6.87
N ASN A 100 -0.05 8.83 -6.27
CA ASN A 100 0.63 7.68 -6.86
C ASN A 100 -0.34 6.51 -7.07
N SER A 101 -1.31 6.40 -6.17
CA SER A 101 -2.29 5.32 -6.27
C SER A 101 -3.33 5.63 -7.34
N ARG A 102 -3.74 6.89 -7.42
CA ARG A 102 -4.73 7.30 -8.41
C ARG A 102 -4.07 7.53 -9.77
N MET A 103 -2.74 7.48 -9.80
CA MET A 103 -2.00 7.68 -11.04
C MET A 103 -2.69 6.97 -12.20
N GLN A 104 -2.57 7.55 -13.39
CA GLN A 104 -3.18 6.98 -14.59
C GLN A 104 -2.56 5.62 -14.91
N TYR A 105 -3.28 4.84 -15.71
CA TYR A 105 -2.81 3.50 -16.09
C TYR A 105 -1.48 3.60 -16.83
N SER A 106 -1.31 4.66 -17.62
CA SER A 106 -0.09 4.85 -18.38
C SER A 106 1.13 4.78 -17.46
N GLU A 107 1.11 5.56 -16.39
CA GLU A 107 2.21 5.59 -15.44
C GLU A 107 2.20 4.35 -14.54
N LEU A 108 1.00 3.84 -14.27
CA LEU A 108 0.84 2.66 -13.44
C LEU A 108 1.54 1.46 -14.05
N MET A 109 1.38 1.30 -15.36
CA MET A 109 1.99 0.19 -16.08
C MET A 109 3.45 0.50 -16.43
N THR A 110 3.73 1.78 -16.63
CA THR A 110 5.08 2.21 -16.98
C THR A 110 6.03 2.04 -15.79
N LYS A 111 5.61 2.55 -14.64
CA LYS A 111 6.42 2.46 -13.43
C LYS A 111 6.50 1.02 -12.93
N TYR A 112 5.71 0.15 -13.54
CA TYR A 112 5.69 -1.26 -13.16
C TYR A 112 6.52 -2.10 -14.13
N HIS A 113 6.34 -1.84 -15.43
CA HIS A 113 7.07 -2.57 -16.46
C HIS A 113 8.35 -1.83 -16.85
N ASP A 114 8.20 -0.57 -17.25
CA ASP A 114 9.35 0.24 -17.64
C ASP A 114 10.38 0.31 -16.53
N LEU A 115 9.94 0.04 -15.30
CA LEU A 115 10.82 0.07 -14.15
C LEU A 115 11.85 -1.07 -14.21
N LYS A 116 11.66 -1.96 -15.17
CA LYS A 116 12.56 -3.09 -15.34
C LYS A 116 14.02 -2.66 -15.23
N LYS A 117 14.32 -1.48 -15.78
CA LYS A 117 15.67 -0.94 -15.75
C LYS A 117 16.21 -0.94 -14.33
N GLN A 118 15.44 -0.36 -13.40
CA GLN A 118 15.85 -0.30 -12.00
C GLN A 118 15.83 -1.68 -11.36
N GLY A 119 14.94 -2.54 -11.85
CA GLY A 119 14.83 -3.88 -11.32
C GLY A 119 13.45 -4.48 -11.52
N LYS A 120 13.20 -5.61 -10.87
CA LYS A 120 11.92 -6.29 -10.99
C LYS A 120 11.10 -6.13 -9.71
N ILE A 121 10.01 -6.88 -9.62
CA ILE A 121 9.14 -6.82 -8.44
C ILE A 121 8.95 -8.20 -7.84
N LYS A 122 8.35 -8.25 -6.65
CA LYS A 122 8.10 -9.50 -5.96
C LYS A 122 6.63 -9.67 -5.62
N ASP A 123 6.11 -10.88 -5.77
CA ASP A 123 4.72 -11.16 -5.48
C ASP A 123 4.58 -12.03 -4.23
N ARG A 124 4.53 -11.39 -3.07
CA ARG A 124 4.41 -12.10 -1.80
C ARG A 124 3.00 -12.69 -1.64
N PRO A 125 2.91 -13.77 -0.85
CA PRO A 125 1.63 -14.45 -0.60
C PRO A 125 0.70 -13.60 0.27
N VAL A 126 -0.60 -13.67 -0.04
CA VAL A 126 -1.59 -12.91 0.72
C VAL A 126 -1.90 -13.58 2.05
N LYS A 127 -1.98 -12.78 3.10
CA LYS A 127 -2.26 -13.29 4.44
C LYS A 127 -3.76 -13.22 4.74
N GLU A 128 -4.26 -14.22 5.46
CA GLU A 128 -5.67 -14.27 5.82
C GLU A 128 -5.95 -13.40 7.04
N VAL A 129 -7.06 -12.67 7.00
CA VAL A 129 -7.45 -11.80 8.10
C VAL A 129 -8.71 -12.32 8.80
N HIS A 130 -8.73 -12.20 10.12
CA HIS A 130 -9.88 -12.66 10.90
C HIS A 130 -10.40 -11.54 11.80
N GLU A 131 -11.48 -11.83 12.52
CA GLU A 131 -12.08 -10.85 13.42
C GLU A 131 -11.29 -10.74 14.72
N GLU A 132 -10.80 -9.54 15.01
CA GLU A 132 -10.02 -9.31 16.22
C GLU A 132 -9.47 -7.89 16.26
N TYR A 133 -8.54 -7.65 17.17
CA TYR A 133 -7.93 -6.32 17.30
C TYR A 133 -6.44 -6.38 17.02
N ASP A 134 -6.06 -6.01 15.80
CA ASP A 134 -4.67 -6.01 15.39
C ASP A 134 -4.41 -4.96 14.31
N LEU A 135 -4.88 -5.23 13.10
CA LEU A 135 -4.70 -4.31 11.99
C LEU A 135 -5.30 -2.95 12.31
N TRP A 136 -5.29 -2.05 11.32
CA TRP A 136 -5.84 -0.72 11.50
C TRP A 136 -7.32 -0.77 11.84
N GLU A 137 -8.06 -1.61 11.12
CA GLU A 137 -9.50 -1.75 11.35
C GLU A 137 -10.09 -0.44 11.88
N ASP A 138 -10.22 0.54 10.99
CA ASP A 138 -10.78 1.84 11.36
C ASP A 138 -10.82 2.77 10.16
N PRO A 139 -9.63 3.06 9.60
CA PRO A 139 -9.49 3.95 8.44
C PRO A 139 -10.05 3.33 7.17
N ILE A 140 -9.50 2.18 6.78
CA ILE A 140 -9.94 1.48 5.58
C ILE A 140 -11.21 0.67 5.86
N TRP A 141 -11.52 0.48 7.13
CA TRP A 141 -12.70 -0.27 7.53
C TRP A 141 -13.97 0.35 6.95
N GLN A 142 -13.91 1.65 6.67
CA GLN A 142 -15.05 2.36 6.10
C GLN A 142 -14.70 2.97 4.76
N TYR A 143 -13.86 4.00 4.77
CA TYR A 143 -13.44 4.67 3.55
C TYR A 143 -12.24 3.97 2.92
N ILE A 144 -11.70 4.57 1.87
CA ILE A 144 -10.55 4.01 1.18
C ILE A 144 -9.34 3.90 2.11
N MET A 23 8.32 11.57 -1.79
CA MET A 23 8.93 11.67 -0.47
C MET A 23 7.99 11.15 0.61
N GLN A 24 7.21 10.13 0.27
CA GLN A 24 6.26 9.54 1.22
C GLN A 24 6.92 8.47 2.05
N LYS A 25 8.04 8.82 2.69
CA LYS A 25 8.77 7.90 3.53
C LYS A 25 8.74 8.34 4.99
N GLY A 26 8.78 7.36 5.91
CA GLY A 26 8.76 7.68 7.33
C GLY A 26 7.35 7.80 7.87
N LEU A 27 6.38 7.31 7.10
CA LEU A 27 4.98 7.37 7.51
C LEU A 27 4.27 6.06 7.21
N GLU A 28 3.16 5.82 7.90
CA GLU A 28 2.38 4.59 7.69
C GLU A 28 0.99 4.92 7.16
N ILE A 29 0.59 4.20 6.11
CA ILE A 29 -0.72 4.40 5.51
C ILE A 29 -1.34 3.08 5.08
N ALA A 30 -2.67 3.01 5.14
CA ALA A 30 -3.39 1.81 4.76
C ALA A 30 -4.25 2.05 3.53
N PHE A 31 -4.39 1.03 2.69
CA PHE A 31 -5.18 1.13 1.47
C PHE A 31 -6.08 -0.10 1.30
N GLN A 32 -7.31 0.13 0.88
CA GLN A 32 -8.26 -0.96 0.67
C GLN A 32 -8.27 -1.40 -0.79
N THR A 33 -8.78 -2.61 -1.03
CA THR A 33 -8.85 -3.15 -2.37
C THR A 33 -9.75 -4.38 -2.43
N ILE A 34 -10.54 -4.48 -3.50
CA ILE A 34 -11.45 -5.61 -3.67
C ILE A 34 -11.36 -6.17 -5.08
N ASN A 35 -10.14 -6.27 -5.60
CA ASN A 35 -9.92 -6.80 -6.94
C ASN A 35 -10.78 -6.06 -7.96
N GLY A 36 -11.07 -4.79 -7.68
CA GLY A 36 -11.87 -4.00 -8.58
C GLY A 36 -11.04 -3.25 -9.61
N LEU A 37 -10.29 -2.25 -9.14
CA LEU A 37 -9.44 -1.46 -10.03
C LEU A 37 -8.19 -0.99 -9.29
N ASP A 38 -7.89 -1.62 -8.16
CA ASP A 38 -6.72 -1.26 -7.37
C ASP A 38 -5.75 -2.44 -7.30
N GLU A 39 -6.21 -3.62 -7.69
CA GLU A 39 -5.39 -4.82 -7.67
C GLU A 39 -4.02 -4.55 -8.32
N SER A 40 -4.05 -3.95 -9.51
CA SER A 40 -2.83 -3.64 -10.24
C SER A 40 -1.97 -2.64 -9.46
N LEU A 41 -2.61 -1.62 -8.91
CA LEU A 41 -1.91 -0.60 -8.14
C LEU A 41 -1.26 -1.20 -6.90
N VAL A 42 -1.91 -2.20 -6.32
CA VAL A 42 -1.40 -2.86 -5.13
C VAL A 42 -0.15 -3.67 -5.45
N GLN A 43 -0.28 -4.57 -6.42
CA GLN A 43 0.84 -5.42 -6.83
C GLN A 43 1.96 -4.58 -7.45
N ALA A 44 1.59 -3.43 -8.00
CA ALA A 44 2.56 -2.54 -8.62
C ALA A 44 3.32 -1.73 -7.58
N LEU A 45 2.57 -1.07 -6.70
CA LEU A 45 3.17 -0.25 -5.64
C LEU A 45 4.01 -1.11 -4.71
N ALA A 46 3.59 -2.35 -4.51
CA ALA A 46 4.31 -3.27 -3.64
C ALA A 46 5.76 -3.42 -4.09
N GLY A 47 5.97 -3.76 -5.35
CA GLY A 47 7.31 -3.93 -5.87
C GLY A 47 8.03 -2.61 -6.05
N VAL A 48 7.35 -1.64 -6.66
CA VAL A 48 7.93 -0.33 -6.90
C VAL A 48 8.40 0.31 -5.58
N THR A 49 7.50 0.36 -4.61
CA THR A 49 7.82 0.95 -3.31
C THR A 49 8.92 0.15 -2.60
N ALA A 50 8.69 -1.14 -2.46
CA ALA A 50 9.66 -2.02 -1.80
C ALA A 50 11.02 -1.93 -2.49
N SER A 51 11.01 -1.76 -3.80
CA SER A 51 12.26 -1.67 -4.56
C SER A 51 12.90 -0.30 -4.39
N ASP A 52 12.06 0.72 -4.19
CA ASP A 52 12.54 2.09 -4.01
C ASP A 52 13.06 2.29 -2.59
N PHE A 53 12.67 1.39 -1.68
CA PHE A 53 13.09 1.48 -0.29
C PHE A 53 13.85 0.22 0.13
N PRO A 54 14.98 -0.04 -0.54
CA PRO A 54 15.82 -1.20 -0.25
C PRO A 54 16.52 -1.11 1.10
N ASP A 55 16.96 0.10 1.44
CA ASP A 55 17.65 0.34 2.70
C ASP A 55 16.71 1.00 3.71
N LEU A 56 15.62 1.57 3.21
CA LEU A 56 14.65 2.23 4.08
C LEU A 56 13.90 1.21 4.94
N ASP A 57 14.10 -0.07 4.64
CA ASP A 57 13.44 -1.14 5.37
C ASP A 57 11.94 -0.89 5.47
N ILE A 58 11.27 -0.91 4.32
CA ILE A 58 9.83 -0.69 4.28
C ILE A 58 9.07 -1.87 4.88
N LYS A 59 8.03 -1.57 5.65
CA LYS A 59 7.22 -2.61 6.28
C LYS A 59 5.80 -2.61 5.71
N TYR A 60 5.66 -3.19 4.51
CA TYR A 60 4.37 -3.26 3.86
C TYR A 60 3.97 -4.70 3.57
N ASN A 61 2.68 -4.98 3.60
CA ASN A 61 2.17 -6.33 3.35
C ASN A 61 0.72 -6.28 2.89
N ILE A 62 0.24 -7.40 2.37
CA ILE A 62 -1.13 -7.51 1.90
C ILE A 62 -1.82 -8.75 2.44
N PHE A 63 -3.00 -8.56 3.03
CA PHE A 63 -3.76 -9.67 3.60
C PHE A 63 -5.20 -9.65 3.09
N LEU A 64 -5.80 -10.83 3.00
CA LEU A 64 -7.17 -10.96 2.54
C LEU A 64 -8.12 -11.32 3.68
N VAL A 65 -9.18 -10.55 3.82
CA VAL A 65 -10.16 -10.78 4.88
C VAL A 65 -11.46 -11.33 4.31
N ASP A 66 -12.03 -12.31 5.01
CA ASP A 66 -13.28 -12.94 4.57
C ASP A 66 -14.24 -13.10 5.75
N LEU A 67 -15.24 -12.24 5.81
CA LEU A 67 -16.24 -12.28 6.87
C LEU A 67 -17.58 -11.72 6.40
N TYR A 68 -18.65 -12.14 7.06
CA TYR A 68 -19.99 -11.67 6.71
C TYR A 68 -20.36 -12.13 5.31
N GLY A 69 -19.69 -13.16 4.83
CA GLY A 69 -19.97 -13.68 3.49
C GLY A 69 -19.26 -12.89 2.40
N GLN A 70 -18.69 -11.75 2.78
CA GLN A 70 -17.97 -10.90 1.82
C GLN A 70 -16.48 -10.88 2.14
N LYS A 71 -15.66 -11.06 1.10
CA LYS A 71 -14.21 -11.06 1.26
C LYS A 71 -13.59 -9.82 0.62
N TYR A 72 -12.75 -9.13 1.38
CA TYR A 72 -12.10 -7.92 0.88
C TYR A 72 -10.60 -7.96 1.14
N PHE A 73 -9.83 -7.29 0.29
CA PHE A 73 -8.37 -7.26 0.45
C PHE A 73 -7.92 -5.93 1.03
N ARG A 74 -7.04 -5.99 2.02
CA ARG A 74 -6.53 -4.79 2.67
C ARG A 74 -5.00 -4.80 2.71
N ILE A 75 -4.40 -3.64 2.46
CA ILE A 75 -2.94 -3.52 2.47
C ILE A 75 -2.48 -2.57 3.56
N LEU A 76 -1.44 -2.97 4.28
CA LEU A 76 -0.90 -2.15 5.36
C LEU A 76 0.57 -1.80 5.10
N PHE A 77 0.85 -0.51 4.98
CA PHE A 77 2.20 -0.05 4.72
C PHE A 77 2.68 0.90 5.83
N GLN A 78 3.73 0.49 6.53
CA GLN A 78 4.28 1.30 7.62
C GLN A 78 5.80 1.36 7.54
N SER A 79 6.37 2.44 8.05
CA SER A 79 7.83 2.62 8.04
C SER A 79 8.45 2.13 9.34
N LYS A 80 9.77 2.16 9.41
CA LYS A 80 10.49 1.71 10.59
C LYS A 80 10.84 2.90 11.49
N LYS A 81 11.12 4.04 10.87
CA LYS A 81 11.47 5.25 11.62
C LYS A 81 10.24 6.11 11.86
N LEU A 82 9.10 5.67 11.32
CA LEU A 82 7.85 6.41 11.48
C LEU A 82 7.67 6.87 12.93
N SER A 83 7.46 8.17 13.10
CA SER A 83 7.27 8.74 14.43
C SER A 83 5.83 9.18 14.63
N GLU A 84 5.38 9.13 15.88
CA GLU A 84 4.01 9.51 16.22
C GLU A 84 3.82 11.02 16.09
N LEU A 85 4.93 11.75 16.13
CA LEU A 85 4.89 13.20 16.02
C LEU A 85 4.97 13.64 14.56
N HIS A 86 5.16 14.94 14.34
CA HIS A 86 5.26 15.48 13.00
C HIS A 86 3.95 15.29 12.24
N PRO A 87 2.93 16.09 12.60
CA PRO A 87 1.61 16.03 11.97
C PRO A 87 1.62 16.55 10.55
N GLU A 88 2.49 17.53 10.29
CA GLU A 88 2.60 18.13 8.97
C GLU A 88 3.00 17.07 7.93
N GLU A 89 3.73 16.06 8.39
CA GLU A 89 4.19 14.99 7.50
C GLU A 89 3.04 14.05 7.16
N ARG A 90 2.12 13.88 8.10
CA ARG A 90 0.96 13.01 7.89
C ARG A 90 0.20 13.41 6.63
N LYS A 91 -0.14 14.69 6.53
CA LYS A 91 -0.87 15.20 5.38
C LYS A 91 -0.03 15.08 4.11
N LYS A 92 1.26 15.33 4.23
CA LYS A 92 2.17 15.24 3.09
C LYS A 92 2.13 13.86 2.46
N VAL A 93 2.32 12.84 3.28
CA VAL A 93 2.29 11.46 2.80
C VAL A 93 0.88 11.05 2.36
N ARG A 94 -0.12 11.60 3.03
CA ARG A 94 -1.51 11.29 2.71
C ARG A 94 -1.83 11.65 1.27
N GLU A 95 -1.55 12.89 0.90
CA GLU A 95 -1.80 13.35 -0.47
C GLU A 95 -0.80 12.75 -1.44
N LYS A 96 0.43 12.56 -0.99
CA LYS A 96 1.48 11.99 -1.82
C LYS A 96 1.13 10.57 -2.25
N PHE A 97 0.78 9.73 -1.27
CA PHE A 97 0.42 8.35 -1.55
C PHE A 97 -0.93 8.27 -2.25
N ASP A 98 -1.84 9.18 -1.89
CA ASP A 98 -3.17 9.22 -2.49
C ASP A 98 -3.08 9.46 -3.99
N GLU A 99 -2.32 10.48 -4.38
CA GLU A 99 -2.16 10.82 -5.78
C GLU A 99 -1.35 9.75 -6.51
N ASN A 100 -0.21 9.37 -5.93
CA ASN A 100 0.65 8.37 -6.53
C ASN A 100 -0.13 7.10 -6.84
N SER A 101 -1.07 6.75 -5.97
CA SER A 101 -1.89 5.55 -6.16
C SER A 101 -2.94 5.79 -7.23
N ARG A 102 -3.58 6.94 -7.18
CA ARG A 102 -4.62 7.29 -8.15
C ARG A 102 -4.01 7.61 -9.51
N MET A 103 -2.68 7.69 -9.55
CA MET A 103 -1.97 7.99 -10.78
C MET A 103 -2.61 7.27 -11.97
N GLN A 104 -2.55 7.89 -13.14
CA GLN A 104 -3.12 7.31 -14.35
C GLN A 104 -2.65 5.88 -14.55
N TYR A 105 -3.37 5.13 -15.37
CA TYR A 105 -3.03 3.74 -15.64
C TYR A 105 -1.70 3.65 -16.42
N SER A 106 -1.49 4.61 -17.30
CA SER A 106 -0.27 4.63 -18.11
C SER A 106 0.97 4.65 -17.22
N GLU A 107 1.01 5.61 -16.30
CA GLU A 107 2.15 5.75 -15.39
C GLU A 107 2.23 4.54 -14.45
N LEU A 108 1.07 4.03 -14.06
CA LEU A 108 1.01 2.88 -13.16
C LEU A 108 1.59 1.64 -13.82
N MET A 109 1.24 1.43 -15.08
CA MET A 109 1.72 0.28 -15.83
C MET A 109 3.11 0.56 -16.41
N THR A 110 3.44 1.83 -16.57
CA THR A 110 4.72 2.23 -17.11
C THR A 110 5.84 2.09 -16.07
N LYS A 111 5.52 2.46 -14.83
CA LYS A 111 6.49 2.36 -13.74
C LYS A 111 6.67 0.92 -13.29
N TYR A 112 5.82 0.04 -13.80
CA TYR A 112 5.89 -1.37 -13.45
C TYR A 112 6.38 -2.21 -14.64
N HIS A 113 6.01 -1.79 -15.84
CA HIS A 113 6.42 -2.50 -17.05
C HIS A 113 7.68 -1.87 -17.65
N ASP A 114 7.89 -0.59 -17.35
CA ASP A 114 9.05 0.13 -17.86
C ASP A 114 10.15 0.21 -16.80
N LEU A 115 9.78 0.70 -15.62
CA LEU A 115 10.72 0.83 -14.53
C LEU A 115 11.32 -0.52 -14.14
N LYS A 116 10.65 -1.59 -14.56
CA LYS A 116 11.11 -2.94 -14.28
C LYS A 116 12.43 -3.24 -15.00
N LYS A 117 12.77 -2.38 -15.96
CA LYS A 117 14.01 -2.54 -16.71
C LYS A 117 15.22 -2.61 -15.79
N GLN A 118 15.22 -1.76 -14.77
CA GLN A 118 16.31 -1.73 -13.81
C GLN A 118 15.80 -1.90 -12.38
N GLY A 119 14.66 -2.56 -12.25
CA GLY A 119 14.07 -2.79 -10.94
C GLY A 119 13.65 -4.23 -10.73
N LYS A 120 13.17 -4.54 -9.54
CA LYS A 120 12.73 -5.88 -9.20
C LYS A 120 11.45 -5.85 -8.36
N ILE A 121 10.63 -6.89 -8.50
CA ILE A 121 9.39 -6.97 -7.74
C ILE A 121 9.07 -8.42 -7.39
N LYS A 122 8.56 -8.62 -6.17
CA LYS A 122 8.21 -9.95 -5.70
C LYS A 122 6.76 -10.00 -5.23
N ASP A 123 6.07 -11.09 -5.54
CA ASP A 123 4.68 -11.26 -5.14
C ASP A 123 4.56 -12.21 -3.96
N ARG A 124 4.58 -11.66 -2.76
CA ARG A 124 4.48 -12.47 -1.54
C ARG A 124 3.06 -12.97 -1.35
N PRO A 125 2.93 -14.06 -0.56
CA PRO A 125 1.63 -14.67 -0.28
C PRO A 125 0.75 -13.79 0.61
N VAL A 126 -0.53 -13.69 0.25
CA VAL A 126 -1.47 -12.88 1.02
C VAL A 126 -1.76 -13.52 2.37
N LYS A 127 -1.79 -12.69 3.42
CA LYS A 127 -2.06 -13.18 4.76
C LYS A 127 -3.57 -13.21 5.03
N GLU A 128 -4.00 -14.22 5.77
CA GLU A 128 -5.42 -14.37 6.10
C GLU A 128 -5.80 -13.45 7.27
N VAL A 129 -6.96 -12.82 7.16
CA VAL A 129 -7.44 -11.92 8.21
C VAL A 129 -8.61 -12.54 8.96
N HIS A 130 -8.62 -12.34 10.28
CA HIS A 130 -9.68 -12.88 11.12
C HIS A 130 -10.48 -11.75 11.77
N GLU A 131 -11.53 -12.13 12.51
CA GLU A 131 -12.37 -11.14 13.18
C GLU A 131 -11.72 -10.65 14.47
N GLU A 132 -12.17 -9.50 14.96
CA GLU A 132 -11.63 -8.93 16.18
C GLU A 132 -10.13 -8.67 16.05
N TYR A 133 -9.74 -8.07 14.93
CA TYR A 133 -8.33 -7.77 14.67
C TYR A 133 -8.19 -6.64 13.65
N ASP A 134 -8.96 -5.58 13.85
CA ASP A 134 -8.93 -4.44 12.95
C ASP A 134 -7.49 -3.96 12.73
N LEU A 135 -7.23 -3.39 11.55
CA LEU A 135 -5.90 -2.90 11.22
C LEU A 135 -5.72 -1.45 11.68
N TRP A 136 -6.09 -0.51 10.82
CA TRP A 136 -5.98 0.91 11.14
C TRP A 136 -7.26 1.42 11.79
N GLU A 137 -8.40 0.95 11.31
CA GLU A 137 -9.70 1.36 11.84
C GLU A 137 -9.95 2.83 11.56
N ASP A 138 -10.00 3.19 10.28
CA ASP A 138 -10.25 4.56 9.87
C ASP A 138 -10.15 4.70 8.36
N PRO A 139 -8.96 4.43 7.81
CA PRO A 139 -8.71 4.52 6.37
C PRO A 139 -9.43 3.44 5.59
N ILE A 140 -9.01 2.19 5.78
CA ILE A 140 -9.61 1.07 5.08
C ILE A 140 -10.90 0.63 5.76
N TRP A 141 -11.13 1.15 6.97
CA TRP A 141 -12.33 0.81 7.73
C TRP A 141 -13.59 1.18 6.95
N GLN A 142 -13.44 2.11 6.01
CA GLN A 142 -14.56 2.55 5.20
C GLN A 142 -14.30 2.31 3.72
N TYR A 143 -13.41 3.12 3.15
CA TYR A 143 -13.07 3.00 1.72
C TYR A 143 -11.71 3.62 1.45
N ILE A 144 -11.31 3.60 0.17
CA ILE A 144 -10.02 4.16 -0.23
C ILE A 144 -9.86 5.58 0.29
N MET A 23 8.10 12.23 -3.62
CA MET A 23 7.79 11.01 -2.89
C MET A 23 8.62 10.91 -1.62
N GLN A 24 7.95 10.66 -0.50
CA GLN A 24 8.63 10.53 0.79
C GLN A 24 8.17 9.28 1.53
N LYS A 25 8.80 9.01 2.67
CA LYS A 25 8.47 7.83 3.47
C LYS A 25 8.57 8.15 4.95
N GLY A 26 8.33 7.14 5.78
CA GLY A 26 8.39 7.33 7.22
C GLY A 26 7.03 7.56 7.84
N LEU A 27 5.98 7.16 7.12
CA LEU A 27 4.61 7.33 7.61
C LEU A 27 3.79 6.06 7.36
N GLU A 28 2.70 5.93 8.11
CA GLU A 28 1.83 4.76 7.97
C GLU A 28 0.59 5.10 7.15
N ILE A 29 0.27 4.27 6.18
CA ILE A 29 -0.90 4.49 5.32
C ILE A 29 -1.58 3.17 4.99
N ALA A 30 -2.91 3.21 4.86
CA ALA A 30 -3.69 2.02 4.54
C ALA A 30 -4.42 2.19 3.21
N PHE A 31 -4.56 1.09 2.47
CA PHE A 31 -5.25 1.13 1.19
C PHE A 31 -6.26 -0.01 1.09
N GLN A 32 -7.44 0.29 0.54
CA GLN A 32 -8.49 -0.70 0.39
C GLN A 32 -8.67 -1.08 -1.07
N THR A 33 -8.93 -2.35 -1.33
CA THR A 33 -9.12 -2.85 -2.68
C THR A 33 -10.05 -4.06 -2.70
N ILE A 34 -10.74 -4.25 -3.83
CA ILE A 34 -11.66 -5.38 -3.98
C ILE A 34 -11.88 -5.72 -5.44
N ASN A 35 -11.93 -4.68 -6.28
CA ASN A 35 -12.14 -4.87 -7.71
C ASN A 35 -12.06 -3.54 -8.45
N GLY A 36 -11.53 -3.57 -9.67
CA GLY A 36 -11.41 -2.37 -10.47
C GLY A 36 -9.97 -2.03 -10.79
N LEU A 37 -9.24 -2.99 -11.37
CA LEU A 37 -7.85 -2.79 -11.72
C LEU A 37 -7.05 -2.28 -10.52
N ASP A 38 -7.48 -2.65 -9.33
CA ASP A 38 -6.81 -2.23 -8.11
C ASP A 38 -5.54 -3.05 -7.88
N GLU A 39 -5.62 -4.35 -8.14
CA GLU A 39 -4.48 -5.23 -7.95
C GLU A 39 -3.26 -4.70 -8.69
N SER A 40 -3.50 -4.01 -9.80
CA SER A 40 -2.41 -3.44 -10.59
C SER A 40 -1.66 -2.37 -9.80
N LEU A 41 -2.41 -1.48 -9.17
CA LEU A 41 -1.80 -0.41 -8.38
C LEU A 41 -1.08 -0.97 -7.17
N VAL A 42 -1.69 -1.94 -6.52
CA VAL A 42 -1.11 -2.57 -5.34
C VAL A 42 0.19 -3.30 -5.69
N GLN A 43 0.13 -4.12 -6.74
CA GLN A 43 1.30 -4.88 -7.18
C GLN A 43 2.36 -3.95 -7.77
N ALA A 44 1.90 -2.83 -8.33
CA ALA A 44 2.82 -1.86 -8.93
C ALA A 44 3.55 -1.06 -7.86
N LEU A 45 2.79 -0.48 -6.94
CA LEU A 45 3.38 0.31 -5.85
C LEU A 45 4.29 -0.54 -4.98
N ALA A 46 3.89 -1.79 -4.78
CA ALA A 46 4.67 -2.71 -3.97
C ALA A 46 6.00 -3.07 -4.64
N GLY A 47 5.95 -3.24 -5.97
CA GLY A 47 7.15 -3.57 -6.72
C GLY A 47 8.15 -2.43 -6.75
N VAL A 48 7.65 -1.23 -7.00
CA VAL A 48 8.51 -0.05 -7.07
C VAL A 48 9.14 0.25 -5.71
N THR A 49 8.34 0.11 -4.65
CA THR A 49 8.82 0.38 -3.30
C THR A 49 9.90 -0.61 -2.91
N ALA A 50 9.66 -1.90 -3.15
CA ALA A 50 10.61 -2.94 -2.82
C ALA A 50 11.83 -2.87 -3.74
N SER A 51 11.58 -2.73 -5.04
CA SER A 51 12.65 -2.66 -6.02
C SER A 51 13.66 -1.56 -5.65
N ASP A 52 13.15 -0.38 -5.36
CA ASP A 52 14.00 0.75 -5.00
C ASP A 52 14.62 0.53 -3.62
N PHE A 53 13.81 0.12 -2.66
CA PHE A 53 14.29 -0.14 -1.31
C PHE A 53 15.25 0.96 -0.87
N PRO A 54 14.79 2.22 -0.93
CA PRO A 54 15.60 3.38 -0.53
C PRO A 54 15.83 3.44 0.96
N ASP A 55 14.84 3.00 1.73
CA ASP A 55 14.94 3.01 3.18
C ASP A 55 15.34 1.63 3.70
N LEU A 56 14.93 0.59 3.00
CA LEU A 56 15.24 -0.78 3.39
C LEU A 56 14.56 -1.15 4.70
N ASP A 57 13.60 -0.32 5.11
CA ASP A 57 12.86 -0.56 6.33
C ASP A 57 11.36 -0.48 6.09
N ILE A 58 10.95 -0.69 4.84
CA ILE A 58 9.54 -0.64 4.48
C ILE A 58 8.79 -1.86 5.00
N LYS A 59 7.79 -1.61 5.84
CA LYS A 59 6.99 -2.68 6.42
C LYS A 59 5.56 -2.66 5.88
N TYR A 60 5.41 -3.07 4.62
CA TYR A 60 4.10 -3.08 3.98
C TYR A 60 3.75 -4.49 3.49
N ASN A 61 2.46 -4.79 3.44
CA ASN A 61 2.00 -6.10 2.99
C ASN A 61 0.52 -6.04 2.61
N ILE A 62 0.03 -7.14 2.02
CA ILE A 62 -1.36 -7.22 1.62
C ILE A 62 -2.04 -8.45 2.21
N PHE A 63 -3.22 -8.24 2.80
CA PHE A 63 -3.97 -9.33 3.40
C PHE A 63 -5.43 -9.31 2.95
N LEU A 64 -6.02 -10.49 2.83
CA LEU A 64 -7.41 -10.61 2.41
C LEU A 64 -8.31 -10.96 3.59
N VAL A 65 -9.30 -10.11 3.85
CA VAL A 65 -10.24 -10.33 4.94
C VAL A 65 -11.57 -10.86 4.42
N ASP A 66 -12.14 -11.82 5.15
CA ASP A 66 -13.41 -12.41 4.77
C ASP A 66 -14.35 -12.50 5.97
N LEU A 67 -15.33 -11.61 6.02
CA LEU A 67 -16.30 -11.60 7.11
C LEU A 67 -17.64 -11.04 6.64
N TYR A 68 -18.70 -11.39 7.36
CA TYR A 68 -20.04 -10.92 7.02
C TYR A 68 -20.46 -11.41 5.64
N GLY A 69 -20.04 -12.62 5.29
CA GLY A 69 -20.38 -13.19 4.00
C GLY A 69 -19.74 -12.43 2.85
N GLN A 70 -18.83 -11.51 3.18
CA GLN A 70 -18.14 -10.72 2.18
C GLN A 70 -16.64 -10.71 2.41
N LYS A 71 -15.87 -10.67 1.33
CA LYS A 71 -14.42 -10.65 1.42
C LYS A 71 -13.84 -9.41 0.74
N TYR A 72 -12.95 -8.73 1.44
CA TYR A 72 -12.33 -7.52 0.90
C TYR A 72 -10.82 -7.56 1.09
N PHE A 73 -10.10 -6.89 0.18
CA PHE A 73 -8.64 -6.86 0.25
C PHE A 73 -8.16 -5.52 0.80
N ARG A 74 -7.24 -5.58 1.77
CA ARG A 74 -6.69 -4.37 2.39
C ARG A 74 -5.18 -4.46 2.51
N ILE A 75 -4.51 -3.33 2.30
CA ILE A 75 -3.05 -3.28 2.39
C ILE A 75 -2.60 -2.39 3.54
N LEU A 76 -1.60 -2.85 4.29
CA LEU A 76 -1.08 -2.09 5.42
C LEU A 76 0.38 -1.71 5.18
N PHE A 77 0.64 -0.40 5.15
CA PHE A 77 1.99 0.10 4.93
C PHE A 77 2.46 0.93 6.12
N GLN A 78 3.54 0.49 6.76
CA GLN A 78 4.09 1.20 7.90
C GLN A 78 5.60 1.28 7.82
N SER A 79 6.17 2.32 8.43
CA SER A 79 7.61 2.53 8.41
C SER A 79 8.21 2.27 9.79
N LYS A 80 9.52 2.41 9.89
CA LYS A 80 10.22 2.20 11.15
C LYS A 80 10.43 3.51 11.90
N LYS A 81 10.81 4.55 11.15
CA LYS A 81 11.04 5.87 11.73
C LYS A 81 9.72 6.58 12.01
N LEU A 82 8.62 5.96 11.61
CA LEU A 82 7.29 6.53 11.81
C LEU A 82 7.16 7.10 13.21
N SER A 83 6.80 8.38 13.29
CA SER A 83 6.64 9.05 14.58
C SER A 83 5.16 9.34 14.86
N GLU A 84 4.80 9.34 16.13
CA GLU A 84 3.43 9.60 16.54
C GLU A 84 3.07 11.08 16.33
N LEU A 85 4.03 11.96 16.61
CA LEU A 85 3.82 13.39 16.46
C LEU A 85 4.04 13.82 15.01
N HIS A 86 4.01 15.13 14.79
CA HIS A 86 4.21 15.67 13.45
C HIS A 86 3.08 15.26 12.52
N PRO A 87 1.89 15.84 12.72
CA PRO A 87 0.71 15.54 11.90
C PRO A 87 0.83 16.07 10.48
N GLU A 88 1.60 17.14 10.32
CA GLU A 88 1.80 17.75 9.02
C GLU A 88 2.34 16.73 8.02
N GLU A 89 3.07 15.74 8.53
CA GLU A 89 3.64 14.70 7.69
C GLU A 89 2.57 13.72 7.22
N ARG A 90 1.64 13.41 8.12
CA ARG A 90 0.56 12.47 7.79
C ARG A 90 -0.19 12.93 6.55
N LYS A 91 -0.59 14.20 6.53
CA LYS A 91 -1.31 14.76 5.40
C LYS A 91 -0.44 14.80 4.15
N LYS A 92 0.82 15.13 4.33
CA LYS A 92 1.76 15.19 3.22
C LYS A 92 1.83 13.86 2.48
N VAL A 93 2.06 12.79 3.22
CA VAL A 93 2.14 11.46 2.64
C VAL A 93 0.78 11.01 2.11
N ARG A 94 -0.28 11.43 2.80
CA ARG A 94 -1.64 11.07 2.40
C ARG A 94 -1.92 11.51 0.97
N GLU A 95 -1.70 12.79 0.69
CA GLU A 95 -1.92 13.34 -0.63
C GLU A 95 -0.89 12.82 -1.63
N LYS A 96 0.36 12.72 -1.18
CA LYS A 96 1.44 12.24 -2.02
C LYS A 96 1.14 10.83 -2.54
N PHE A 97 0.83 9.93 -1.62
CA PHE A 97 0.52 8.55 -1.99
C PHE A 97 -0.79 8.46 -2.76
N ASP A 98 -1.73 9.33 -2.40
CA ASP A 98 -3.03 9.36 -3.07
C ASP A 98 -2.87 9.64 -4.56
N GLU A 99 -2.04 10.62 -4.89
CA GLU A 99 -1.81 10.98 -6.29
C GLU A 99 -0.97 9.92 -6.99
N ASN A 100 0.11 9.50 -6.34
CA ASN A 100 0.99 8.49 -6.91
C ASN A 100 0.21 7.23 -7.29
N SER A 101 -0.74 6.85 -6.43
CA SER A 101 -1.56 5.66 -6.68
C SER A 101 -2.61 5.94 -7.74
N ARG A 102 -3.27 7.10 -7.63
CA ARG A 102 -4.30 7.48 -8.59
C ARG A 102 -3.69 7.82 -9.94
N MET A 103 -2.37 7.89 -9.98
CA MET A 103 -1.66 8.21 -11.22
C MET A 103 -2.29 7.49 -12.41
N GLN A 104 -2.19 8.11 -13.59
CA GLN A 104 -2.76 7.53 -14.80
C GLN A 104 -2.31 6.08 -14.98
N TYR A 105 -3.15 5.26 -15.60
CA TYR A 105 -2.83 3.87 -15.83
C TYR A 105 -1.56 3.73 -16.68
N SER A 106 -1.42 4.60 -17.66
CA SER A 106 -0.25 4.58 -18.55
C SER A 106 1.04 4.60 -17.74
N GLU A 107 1.15 5.58 -16.84
CA GLU A 107 2.33 5.72 -16.00
C GLU A 107 2.40 4.60 -14.97
N LEU A 108 1.25 4.22 -14.43
CA LEU A 108 1.18 3.17 -13.43
C LEU A 108 1.71 1.85 -13.99
N MET A 109 1.34 1.54 -15.22
CA MET A 109 1.78 0.32 -15.88
C MET A 109 3.21 0.46 -16.38
N THR A 110 3.59 1.68 -16.74
CA THR A 110 4.93 1.95 -17.25
C THR A 110 5.96 1.86 -16.13
N LYS A 111 5.59 2.35 -14.95
CA LYS A 111 6.49 2.33 -13.80
C LYS A 111 6.61 0.93 -13.24
N TYR A 112 5.78 0.01 -13.73
CA TYR A 112 5.79 -1.37 -13.26
C TYR A 112 6.35 -2.30 -14.34
N HIS A 113 6.04 -1.99 -15.59
CA HIS A 113 6.51 -2.80 -16.72
C HIS A 113 7.81 -2.23 -17.28
N ASP A 114 8.02 -0.93 -17.09
CA ASP A 114 9.22 -0.26 -17.59
C ASP A 114 10.26 -0.11 -16.48
N LEU A 115 9.83 0.49 -15.36
CA LEU A 115 10.73 0.69 -14.22
C LEU A 115 11.29 -0.63 -13.73
N LYS A 116 10.62 -1.73 -14.08
CA LYS A 116 11.06 -3.06 -13.66
C LYS A 116 12.40 -3.40 -14.30
N LYS A 117 12.80 -2.63 -15.31
CA LYS A 117 14.06 -2.86 -15.99
C LYS A 117 15.22 -2.81 -15.01
N GLN A 118 15.22 -1.81 -14.14
CA GLN A 118 16.28 -1.65 -13.15
C GLN A 118 15.74 -1.88 -11.74
N GLY A 119 14.58 -2.53 -11.65
CA GLY A 119 13.99 -2.79 -10.35
C GLY A 119 13.52 -4.23 -10.21
N LYS A 120 13.74 -4.81 -9.04
CA LYS A 120 13.34 -6.18 -8.78
C LYS A 120 12.04 -6.24 -7.99
N ILE A 121 10.99 -6.76 -8.62
CA ILE A 121 9.69 -6.87 -7.97
C ILE A 121 9.35 -8.32 -7.66
N LYS A 122 8.69 -8.54 -6.53
CA LYS A 122 8.30 -9.88 -6.12
C LYS A 122 6.79 -9.97 -5.92
N ASP A 123 6.28 -11.19 -5.84
CA ASP A 123 4.85 -11.42 -5.65
C ASP A 123 4.59 -12.05 -4.28
N ARG A 124 4.44 -11.21 -3.26
CA ARG A 124 4.18 -11.68 -1.91
C ARG A 124 2.75 -12.21 -1.78
N PRO A 125 2.60 -13.37 -1.12
CA PRO A 125 1.29 -13.99 -0.92
C PRO A 125 0.43 -13.22 0.07
N VAL A 126 -0.86 -13.10 -0.25
CA VAL A 126 -1.80 -12.39 0.60
C VAL A 126 -2.05 -13.14 1.90
N LYS A 127 -2.05 -12.43 3.02
CA LYS A 127 -2.28 -13.02 4.32
C LYS A 127 -3.76 -12.98 4.70
N GLU A 128 -4.24 -14.04 5.34
CA GLU A 128 -5.63 -14.12 5.75
C GLU A 128 -5.91 -13.22 6.96
N VAL A 129 -7.04 -12.53 6.93
CA VAL A 129 -7.41 -11.63 8.02
C VAL A 129 -8.58 -12.21 8.83
N HIS A 130 -8.52 -12.04 10.14
CA HIS A 130 -9.58 -12.53 11.02
C HIS A 130 -10.20 -11.40 11.82
N GLU A 131 -11.22 -11.72 12.61
CA GLU A 131 -11.90 -10.73 13.42
C GLU A 131 -11.10 -10.42 14.69
N GLU A 132 -10.73 -9.16 14.86
CA GLU A 132 -9.96 -8.74 16.03
C GLU A 132 -9.51 -7.29 15.89
N TYR A 133 -8.63 -6.87 16.78
CA TYR A 133 -8.11 -5.50 16.76
C TYR A 133 -6.59 -5.48 16.63
N ASP A 134 -6.11 -5.73 15.42
CA ASP A 134 -4.67 -5.75 15.16
C ASP A 134 -4.29 -4.66 14.16
N LEU A 135 -4.88 -4.72 12.98
CA LEU A 135 -4.60 -3.74 11.93
C LEU A 135 -4.92 -2.32 12.41
N TRP A 136 -4.83 -1.36 11.50
CA TRP A 136 -5.10 0.03 11.83
C TRP A 136 -6.55 0.21 12.27
N GLU A 137 -7.46 -0.48 11.57
CA GLU A 137 -8.88 -0.40 11.90
C GLU A 137 -9.34 1.05 11.96
N ASP A 138 -9.32 1.73 10.82
CA ASP A 138 -9.73 3.13 10.75
C ASP A 138 -9.65 3.65 9.32
N PRO A 139 -8.44 3.64 8.74
CA PRO A 139 -8.21 4.11 7.38
C PRO A 139 -8.80 3.17 6.33
N ILE A 140 -8.44 1.90 6.43
CA ILE A 140 -8.94 0.90 5.49
C ILE A 140 -10.31 0.38 5.92
N TRP A 141 -10.72 0.74 7.13
CA TRP A 141 -12.01 0.31 7.65
C TRP A 141 -13.15 1.08 6.98
N GLN A 142 -12.91 2.36 6.70
CA GLN A 142 -13.92 3.21 6.07
C GLN A 142 -13.73 3.22 4.56
N TYR A 143 -12.70 3.94 4.10
CA TYR A 143 -12.41 4.04 2.68
C TYR A 143 -10.99 4.53 2.44
N ILE A 144 -10.53 4.42 1.20
CA ILE A 144 -9.18 4.86 0.84
C ILE A 144 -8.93 6.30 1.29
N MET A 23 13.54 14.49 4.71
CA MET A 23 12.22 14.46 4.08
C MET A 23 11.73 13.03 3.90
N GLN A 24 12.06 12.17 4.86
CA GLN A 24 11.66 10.77 4.79
C GLN A 24 10.16 10.63 5.04
N LYS A 25 9.70 9.39 5.16
CA LYS A 25 8.28 9.12 5.40
C LYS A 25 7.98 9.09 6.90
N GLY A 26 8.38 8.00 7.55
CA GLY A 26 8.14 7.87 8.98
C GLY A 26 6.68 7.95 9.33
N LEU A 27 5.82 7.71 8.34
CA LEU A 27 4.37 7.76 8.55
C LEU A 27 3.73 6.41 8.25
N GLU A 28 2.54 6.19 8.80
CA GLU A 28 1.82 4.93 8.58
C GLU A 28 0.53 5.18 7.81
N ILE A 29 0.39 4.51 6.68
CA ILE A 29 -0.81 4.65 5.85
C ILE A 29 -1.35 3.28 5.43
N ALA A 30 -2.67 3.19 5.32
CA ALA A 30 -3.32 1.94 4.92
C ALA A 30 -4.15 2.13 3.65
N PHE A 31 -4.16 1.11 2.80
CA PHE A 31 -4.92 1.17 1.56
C PHE A 31 -5.77 -0.08 1.37
N GLN A 32 -7.00 0.10 0.93
CA GLN A 32 -7.92 -1.01 0.72
C GLN A 32 -8.06 -1.32 -0.77
N THR A 33 -8.52 -2.54 -1.07
CA THR A 33 -8.69 -2.96 -2.45
C THR A 33 -9.68 -4.12 -2.55
N ILE A 34 -10.51 -4.10 -3.58
CA ILE A 34 -11.50 -5.15 -3.79
C ILE A 34 -11.61 -5.52 -5.26
N ASN A 35 -12.13 -4.59 -6.07
CA ASN A 35 -12.29 -4.81 -7.50
C ASN A 35 -10.95 -5.19 -8.14
N GLY A 36 -11.02 -5.93 -9.24
CA GLY A 36 -9.82 -6.34 -9.93
C GLY A 36 -9.00 -5.17 -10.43
N LEU A 37 -9.64 -4.00 -10.49
CA LEU A 37 -8.96 -2.79 -10.96
C LEU A 37 -8.03 -2.23 -9.89
N ASP A 38 -8.39 -2.48 -8.63
CA ASP A 38 -7.59 -2.01 -7.51
C ASP A 38 -6.42 -2.94 -7.24
N GLU A 39 -6.66 -4.24 -7.41
CA GLU A 39 -5.62 -5.25 -7.19
C GLU A 39 -4.34 -4.88 -7.93
N SER A 40 -4.49 -4.51 -9.20
CA SER A 40 -3.34 -4.14 -10.03
C SER A 40 -2.53 -3.04 -9.35
N LEU A 41 -3.21 -2.05 -8.81
CA LEU A 41 -2.55 -0.93 -8.14
C LEU A 41 -1.82 -1.41 -6.88
N VAL A 42 -2.40 -2.40 -6.21
CA VAL A 42 -1.80 -2.94 -5.00
C VAL A 42 -0.47 -3.64 -5.31
N GLN A 43 -0.51 -4.61 -6.23
CA GLN A 43 0.68 -5.35 -6.61
C GLN A 43 1.68 -4.43 -7.31
N ALA A 44 1.17 -3.43 -8.02
CA ALA A 44 2.01 -2.49 -8.74
C ALA A 44 2.73 -1.55 -7.78
N LEU A 45 1.98 -0.92 -6.89
CA LEU A 45 2.55 0.00 -5.91
C LEU A 45 3.52 -0.72 -4.98
N ALA A 46 3.22 -1.97 -4.67
CA ALA A 46 4.07 -2.78 -3.80
C ALA A 46 5.41 -3.07 -4.46
N GLY A 47 5.37 -3.40 -5.75
CA GLY A 47 6.59 -3.70 -6.48
C GLY A 47 7.46 -2.47 -6.68
N VAL A 48 6.86 -1.38 -7.14
CA VAL A 48 7.59 -0.14 -7.37
C VAL A 48 8.16 0.41 -6.07
N THR A 49 7.37 0.30 -5.00
CA THR A 49 7.78 0.80 -3.69
C THR A 49 8.97 0.00 -3.15
N ALA A 50 8.86 -1.32 -3.20
CA ALA A 50 9.93 -2.19 -2.73
C ALA A 50 11.13 -2.14 -3.65
N SER A 51 10.88 -1.91 -4.94
CA SER A 51 11.94 -1.85 -5.94
C SER A 51 12.71 -0.53 -5.82
N ASP A 52 12.02 0.52 -5.43
CA ASP A 52 12.64 1.84 -5.27
C ASP A 52 13.23 2.00 -3.87
N PHE A 53 12.48 1.55 -2.87
CA PHE A 53 12.92 1.65 -1.49
C PHE A 53 13.74 2.93 -1.27
N PRO A 54 13.10 4.08 -1.50
CA PRO A 54 13.75 5.39 -1.34
C PRO A 54 14.02 5.72 0.13
N ASP A 55 13.15 5.25 1.01
CA ASP A 55 13.30 5.49 2.44
C ASP A 55 14.22 4.45 3.08
N LEU A 56 14.41 3.34 2.39
CA LEU A 56 15.25 2.26 2.89
C LEU A 56 14.70 1.68 4.18
N ASP A 57 13.44 1.97 4.46
CA ASP A 57 12.78 1.47 5.66
C ASP A 57 11.27 1.45 5.49
N ILE A 58 10.80 0.67 4.51
CA ILE A 58 9.38 0.56 4.24
C ILE A 58 8.85 -0.80 4.69
N LYS A 59 7.81 -0.78 5.51
CA LYS A 59 7.20 -2.00 6.01
C LYS A 59 5.74 -2.11 5.58
N TYR A 60 5.48 -2.86 4.51
CA TYR A 60 4.13 -3.04 4.00
C TYR A 60 3.73 -4.51 4.00
N ASN A 61 2.43 -4.76 3.89
CA ASN A 61 1.92 -6.13 3.88
C ASN A 61 0.51 -6.17 3.30
N ILE A 62 0.19 -7.26 2.62
CA ILE A 62 -1.13 -7.44 2.01
C ILE A 62 -1.82 -8.68 2.54
N PHE A 63 -3.02 -8.51 3.09
CA PHE A 63 -3.78 -9.63 3.62
C PHE A 63 -5.21 -9.63 3.07
N LEU A 64 -5.78 -10.81 2.93
CA LEU A 64 -7.13 -10.96 2.41
C LEU A 64 -8.11 -11.31 3.52
N VAL A 65 -9.17 -10.51 3.66
CA VAL A 65 -10.17 -10.74 4.69
C VAL A 65 -11.46 -11.29 4.08
N ASP A 66 -12.06 -12.25 4.77
CA ASP A 66 -13.30 -12.86 4.31
C ASP A 66 -14.32 -12.97 5.43
N LEU A 67 -15.31 -12.09 5.42
CA LEU A 67 -16.35 -12.08 6.44
C LEU A 67 -17.65 -11.50 5.90
N TYR A 68 -18.77 -11.87 6.53
CA TYR A 68 -20.07 -11.38 6.10
C TYR A 68 -20.39 -11.84 4.68
N GLY A 69 -19.91 -13.03 4.33
CA GLY A 69 -20.16 -13.57 3.00
C GLY A 69 -19.47 -12.77 1.92
N GLN A 70 -18.61 -11.83 2.33
CA GLN A 70 -17.89 -10.99 1.39
C GLN A 70 -16.41 -10.93 1.73
N LYS A 71 -15.56 -11.10 0.73
CA LYS A 71 -14.12 -11.07 0.92
C LYS A 71 -13.50 -9.83 0.29
N TYR A 72 -12.68 -9.13 1.06
CA TYR A 72 -12.03 -7.92 0.58
C TYR A 72 -10.53 -7.95 0.87
N PHE A 73 -9.76 -7.22 0.06
CA PHE A 73 -8.32 -7.16 0.23
C PHE A 73 -7.90 -5.86 0.90
N ARG A 74 -7.05 -5.97 1.92
CA ARG A 74 -6.58 -4.80 2.64
C ARG A 74 -5.05 -4.83 2.78
N ILE A 75 -4.43 -3.68 2.56
CA ILE A 75 -2.98 -3.56 2.66
C ILE A 75 -2.57 -2.57 3.74
N LEU A 76 -1.56 -2.93 4.53
CA LEU A 76 -1.07 -2.07 5.60
C LEU A 76 0.38 -1.65 5.34
N PHE A 77 0.60 -0.34 5.28
CA PHE A 77 1.94 0.19 5.04
C PHE A 77 2.35 1.12 6.17
N GLN A 78 3.44 0.77 6.85
CA GLN A 78 3.95 1.58 7.95
C GLN A 78 5.46 1.76 7.86
N SER A 79 5.96 2.86 8.39
CA SER A 79 7.39 3.15 8.36
C SER A 79 8.10 2.44 9.50
N LYS A 80 9.42 2.65 9.58
CA LYS A 80 10.23 2.03 10.63
C LYS A 80 10.00 2.73 11.97
N LYS A 81 10.15 4.04 11.98
CA LYS A 81 9.95 4.83 13.19
C LYS A 81 8.48 5.12 13.43
N LEU A 82 7.72 5.26 12.34
CA LEU A 82 6.29 5.54 12.43
C LEU A 82 5.97 6.34 13.67
N SER A 83 6.68 7.46 13.86
CA SER A 83 6.47 8.31 15.02
C SER A 83 5.25 9.20 14.82
N GLU A 84 4.58 9.54 15.92
CA GLU A 84 3.39 10.38 15.86
C GLU A 84 3.76 11.82 15.53
N LEU A 85 4.98 12.21 15.90
CA LEU A 85 5.46 13.57 15.64
C LEU A 85 5.36 13.90 14.15
N HIS A 86 5.75 15.12 13.80
CA HIS A 86 5.71 15.57 12.41
C HIS A 86 4.28 15.57 11.88
N PRO A 87 3.50 16.59 12.29
CA PRO A 87 2.11 16.73 11.88
C PRO A 87 1.97 17.11 10.40
N GLU A 88 2.97 17.81 9.89
CA GLU A 88 2.98 18.23 8.49
C GLU A 88 3.24 17.05 7.56
N GLU A 89 3.95 16.05 8.07
CA GLU A 89 4.27 14.87 7.29
C GLU A 89 3.01 14.05 6.99
N ARG A 90 2.05 14.11 7.91
CA ARG A 90 0.80 13.38 7.75
C ARG A 90 0.17 13.68 6.39
N LYS A 91 -0.06 14.96 6.12
CA LYS A 91 -0.67 15.38 4.86
C LYS A 91 0.25 15.05 3.68
N LYS A 92 1.57 15.13 3.92
CA LYS A 92 2.55 14.84 2.88
C LYS A 92 2.41 13.40 2.40
N VAL A 93 2.44 12.46 3.33
CA VAL A 93 2.31 11.05 3.00
C VAL A 93 0.92 10.73 2.48
N ARG A 94 -0.08 11.44 3.01
CA ARG A 94 -1.47 11.22 2.60
C ARG A 94 -1.64 11.46 1.11
N GLU A 95 -1.19 12.63 0.65
CA GLU A 95 -1.30 12.99 -0.77
C GLU A 95 -0.36 12.14 -1.61
N LYS A 96 0.80 11.81 -1.05
CA LYS A 96 1.79 11.01 -1.75
C LYS A 96 1.22 9.64 -2.14
N PHE A 97 0.69 8.93 -1.14
CA PHE A 97 0.11 7.62 -1.38
C PHE A 97 -1.22 7.74 -2.12
N ASP A 98 -1.96 8.81 -1.84
CA ASP A 98 -3.24 9.03 -2.48
C ASP A 98 -3.07 9.24 -3.98
N GLU A 99 -2.14 10.12 -4.35
CA GLU A 99 -1.89 10.43 -5.75
C GLU A 99 -1.21 9.24 -6.44
N ASN A 100 -0.23 8.65 -5.76
CA ASN A 100 0.49 7.51 -6.30
C ASN A 100 -0.46 6.36 -6.64
N SER A 101 -1.47 6.17 -5.79
CA SER A 101 -2.44 5.11 -5.99
C SER A 101 -3.45 5.48 -7.07
N ARG A 102 -3.89 6.74 -7.05
CA ARG A 102 -4.84 7.23 -8.03
C ARG A 102 -4.18 7.48 -9.37
N MET A 103 -2.85 7.39 -9.39
CA MET A 103 -2.09 7.60 -10.62
C MET A 103 -2.77 6.93 -11.81
N GLN A 104 -2.73 7.59 -12.95
CA GLN A 104 -3.35 7.06 -14.17
C GLN A 104 -2.82 5.66 -14.47
N TYR A 105 -3.63 4.87 -15.17
CA TYR A 105 -3.24 3.50 -15.52
C TYR A 105 -1.99 3.50 -16.39
N SER A 106 -1.87 4.50 -17.25
CA SER A 106 -0.72 4.62 -18.14
C SER A 106 0.59 4.56 -17.35
N GLU A 107 0.68 5.41 -16.33
CA GLU A 107 1.88 5.47 -15.50
C GLU A 107 1.94 4.27 -14.55
N LEU A 108 0.76 3.79 -14.13
CA LEU A 108 0.69 2.65 -13.23
C LEU A 108 1.27 1.39 -13.88
N MET A 109 0.99 1.21 -15.16
CA MET A 109 1.49 0.05 -15.90
C MET A 109 2.90 0.30 -16.40
N THR A 110 3.23 1.57 -16.64
CA THR A 110 4.55 1.95 -17.12
C THR A 110 5.59 1.81 -16.02
N LYS A 111 5.29 2.37 -14.86
CA LYS A 111 6.21 2.31 -13.72
C LYS A 111 6.31 0.89 -13.17
N TYR A 112 5.45 0.00 -13.68
CA TYR A 112 5.44 -1.38 -13.25
C TYR A 112 6.10 -2.29 -14.28
N HIS A 113 5.79 -2.06 -15.54
CA HIS A 113 6.36 -2.85 -16.63
C HIS A 113 7.62 -2.19 -17.19
N ASP A 114 7.48 -0.93 -17.59
CA ASP A 114 8.61 -0.18 -18.15
C ASP A 114 9.73 -0.06 -17.12
N LEU A 115 9.43 -0.40 -15.87
CA LEU A 115 10.41 -0.32 -14.79
C LEU A 115 11.14 -1.65 -14.62
N LYS A 116 10.70 -2.65 -15.37
CA LYS A 116 11.31 -3.99 -15.31
C LYS A 116 12.82 -3.89 -15.51
N LYS A 117 13.26 -2.82 -16.14
CA LYS A 117 14.69 -2.61 -16.39
C LYS A 117 15.50 -2.78 -15.11
N GLN A 118 15.23 -1.91 -14.14
CA GLN A 118 15.94 -1.98 -12.86
C GLN A 118 14.96 -2.06 -11.70
N GLY A 119 13.81 -2.68 -11.96
CA GLY A 119 12.80 -2.82 -10.92
C GLY A 119 12.62 -4.26 -10.48
N LYS A 120 12.81 -4.51 -9.19
CA LYS A 120 12.67 -5.86 -8.64
C LYS A 120 11.37 -5.99 -7.85
N ILE A 121 10.35 -6.56 -8.47
CA ILE A 121 9.06 -6.74 -7.81
C ILE A 121 8.83 -8.20 -7.45
N LYS A 122 8.31 -8.43 -6.25
CA LYS A 122 8.04 -9.78 -5.78
C LYS A 122 6.59 -9.93 -5.34
N ASP A 123 5.98 -11.07 -5.63
CA ASP A 123 4.60 -11.33 -5.27
C ASP A 123 4.52 -12.28 -4.07
N ARG A 124 4.50 -11.73 -2.87
CA ARG A 124 4.43 -12.52 -1.66
C ARG A 124 3.01 -13.04 -1.42
N PRO A 125 2.90 -14.11 -0.62
CA PRO A 125 1.60 -14.73 -0.30
C PRO A 125 0.74 -13.83 0.58
N VAL A 126 -0.53 -13.70 0.22
CA VAL A 126 -1.46 -12.88 0.99
C VAL A 126 -1.78 -13.53 2.34
N LYS A 127 -1.80 -12.71 3.39
CA LYS A 127 -2.10 -13.20 4.73
C LYS A 127 -3.60 -13.21 4.99
N GLU A 128 -4.08 -14.26 5.66
CA GLU A 128 -5.50 -14.39 5.96
C GLU A 128 -5.90 -13.48 7.11
N VAL A 129 -7.05 -12.84 6.99
CA VAL A 129 -7.54 -11.94 8.03
C VAL A 129 -8.75 -12.53 8.74
N HIS A 130 -8.79 -12.34 10.06
CA HIS A 130 -9.90 -12.86 10.87
C HIS A 130 -10.62 -11.72 11.58
N GLU A 131 -11.70 -12.07 12.29
CA GLU A 131 -12.48 -11.07 13.02
C GLU A 131 -11.80 -10.71 14.34
N GLU A 132 -11.49 -9.43 14.50
CA GLU A 132 -10.83 -8.95 15.72
C GLU A 132 -10.43 -7.49 15.58
N TYR A 133 -9.63 -7.02 16.52
CA TYR A 133 -9.17 -5.63 16.51
C TYR A 133 -7.64 -5.56 16.55
N ASP A 134 -7.02 -5.68 15.38
CA ASP A 134 -5.57 -5.63 15.28
C ASP A 134 -5.13 -4.58 14.27
N LEU A 135 -5.65 -4.70 13.04
CA LEU A 135 -5.31 -3.76 11.98
C LEU A 135 -5.66 -2.32 12.38
N TRP A 136 -5.51 -1.39 11.45
CA TRP A 136 -5.81 0.01 11.71
C TRP A 136 -7.29 0.20 12.05
N GLU A 137 -8.14 -0.50 11.32
CA GLU A 137 -9.58 -0.41 11.54
C GLU A 137 -10.05 1.03 11.48
N ASP A 138 -9.94 1.63 10.30
CA ASP A 138 -10.35 3.02 10.10
C ASP A 138 -10.14 3.45 8.66
N PRO A 139 -8.87 3.44 8.21
CA PRO A 139 -8.50 3.82 6.85
C PRO A 139 -8.99 2.82 5.81
N ILE A 140 -8.67 1.55 6.03
CA ILE A 140 -9.07 0.49 5.11
C ILE A 140 -10.53 0.11 5.32
N TRP A 141 -11.10 0.54 6.45
CA TRP A 141 -12.49 0.25 6.77
C TRP A 141 -13.42 1.28 6.14
N GLN A 142 -12.94 2.52 6.04
CA GLN A 142 -13.73 3.60 5.47
C GLN A 142 -13.70 3.55 3.94
N TYR A 143 -12.53 3.82 3.37
CA TYR A 143 -12.36 3.81 1.92
C TYR A 143 -10.92 4.11 1.54
N ILE A 144 -10.65 4.18 0.24
CA ILE A 144 -9.31 4.45 -0.26
C ILE A 144 -8.75 5.73 0.37
N MET A 23 10.73 12.99 3.55
CA MET A 23 9.81 13.88 2.84
C MET A 23 8.55 13.14 2.41
N GLN A 24 8.75 11.96 1.82
CA GLN A 24 7.63 11.15 1.35
C GLN A 24 7.64 9.78 2.01
N LYS A 25 7.98 9.74 3.29
CA LYS A 25 8.03 8.50 4.04
C LYS A 25 8.13 8.77 5.54
N GLY A 26 7.77 7.77 6.34
CA GLY A 26 7.84 7.93 7.79
C GLY A 26 6.47 7.97 8.43
N LEU A 27 5.46 7.46 7.71
CA LEU A 27 4.10 7.44 8.21
C LEU A 27 3.42 6.10 7.92
N GLU A 28 2.38 5.80 8.67
CA GLU A 28 1.64 4.55 8.49
C GLU A 28 0.40 4.76 7.64
N ILE A 29 0.36 4.12 6.49
CA ILE A 29 -0.78 4.24 5.58
C ILE A 29 -1.28 2.88 5.12
N ALA A 30 -2.59 2.76 4.92
CA ALA A 30 -3.19 1.51 4.48
C ALA A 30 -4.06 1.72 3.25
N PHE A 31 -4.11 0.71 2.39
CA PHE A 31 -4.91 0.79 1.16
C PHE A 31 -5.76 -0.46 1.00
N GLN A 32 -7.07 -0.25 0.86
CA GLN A 32 -8.01 -1.36 0.69
C GLN A 32 -8.44 -1.50 -0.76
N THR A 33 -8.69 -2.73 -1.19
CA THR A 33 -9.11 -3.00 -2.56
C THR A 33 -10.39 -3.83 -2.59
N ILE A 34 -11.46 -3.24 -3.09
CA ILE A 34 -12.75 -3.93 -3.18
C ILE A 34 -13.24 -4.01 -4.62
N ASN A 35 -12.56 -3.28 -5.50
CA ASN A 35 -12.93 -3.26 -6.92
C ASN A 35 -12.72 -4.62 -7.55
N GLY A 36 -11.82 -5.41 -6.97
CA GLY A 36 -11.54 -6.73 -7.48
C GLY A 36 -10.40 -6.73 -8.48
N LEU A 37 -10.45 -5.79 -9.42
CA LEU A 37 -9.41 -5.68 -10.45
C LEU A 37 -8.33 -4.69 -10.03
N ASP A 38 -8.26 -4.41 -8.74
CA ASP A 38 -7.27 -3.47 -8.21
C ASP A 38 -5.93 -4.17 -7.98
N GLU A 39 -5.89 -5.47 -8.27
CA GLU A 39 -4.67 -6.25 -8.09
C GLU A 39 -3.48 -5.56 -8.78
N SER A 40 -3.76 -4.89 -9.89
CA SER A 40 -2.71 -4.20 -10.64
C SER A 40 -2.08 -3.10 -9.78
N LEU A 41 -2.92 -2.28 -9.15
CA LEU A 41 -2.43 -1.21 -8.30
C LEU A 41 -1.69 -1.75 -7.09
N VAL A 42 -2.27 -2.76 -6.45
CA VAL A 42 -1.66 -3.38 -5.27
C VAL A 42 -0.27 -3.91 -5.59
N GLN A 43 -0.18 -4.71 -6.65
CA GLN A 43 1.10 -5.29 -7.05
C GLN A 43 2.05 -4.21 -7.55
N ALA A 44 1.56 -3.33 -8.42
CA ALA A 44 2.36 -2.25 -8.97
C ALA A 44 2.92 -1.37 -7.86
N LEU A 45 2.05 -0.90 -6.98
CA LEU A 45 2.46 -0.04 -5.87
C LEU A 45 3.40 -0.79 -4.93
N ALA A 46 3.18 -2.10 -4.81
CA ALA A 46 4.01 -2.93 -3.94
C ALA A 46 5.46 -2.94 -4.41
N GLY A 47 5.67 -3.28 -5.68
CA GLY A 47 7.01 -3.33 -6.23
C GLY A 47 7.66 -1.96 -6.27
N VAL A 48 6.91 -0.95 -6.71
CA VAL A 48 7.43 0.40 -6.81
C VAL A 48 7.88 0.91 -5.44
N THR A 49 7.08 0.63 -4.42
CA THR A 49 7.40 1.06 -3.06
C THR A 49 8.67 0.37 -2.55
N ALA A 50 8.69 -0.96 -2.62
CA ALA A 50 9.84 -1.73 -2.16
C ALA A 50 11.09 -1.33 -2.92
N SER A 51 10.94 -1.06 -4.22
CA SER A 51 12.07 -0.68 -5.07
C SER A 51 12.48 0.76 -4.79
N ASP A 52 11.51 1.59 -4.43
CA ASP A 52 11.77 3.00 -4.15
C ASP A 52 12.36 3.16 -2.75
N PHE A 53 12.18 2.15 -1.92
CA PHE A 53 12.69 2.18 -0.55
C PHE A 53 13.82 1.16 -0.37
N PRO A 54 15.00 1.46 -0.94
CA PRO A 54 16.17 0.59 -0.86
C PRO A 54 16.76 0.55 0.55
N ASP A 55 16.38 1.51 1.37
CA ASP A 55 16.86 1.59 2.74
C ASP A 55 16.29 0.47 3.59
N LEU A 56 15.32 -0.25 3.03
CA LEU A 56 14.68 -1.35 3.74
C LEU A 56 13.88 -0.84 4.94
N ASP A 57 13.56 0.45 4.92
CA ASP A 57 12.80 1.06 6.01
C ASP A 57 11.30 1.01 5.71
N ILE A 58 10.91 0.19 4.74
CA ILE A 58 9.52 0.06 4.36
C ILE A 58 8.95 -1.29 4.80
N LYS A 59 7.82 -1.26 5.49
CA LYS A 59 7.17 -2.48 5.95
C LYS A 59 5.73 -2.57 5.44
N TYR A 60 5.54 -3.28 4.35
CA TYR A 60 4.21 -3.45 3.76
C TYR A 60 3.83 -4.92 3.69
N ASN A 61 2.52 -5.18 3.62
CA ASN A 61 2.02 -6.54 3.54
C ASN A 61 0.63 -6.58 2.93
N ILE A 62 0.28 -7.69 2.30
CA ILE A 62 -1.03 -7.86 1.68
C ILE A 62 -1.73 -9.11 2.18
N PHE A 63 -2.91 -8.94 2.76
CA PHE A 63 -3.69 -10.06 3.27
C PHE A 63 -5.13 -10.00 2.77
N LEU A 64 -5.75 -11.17 2.66
CA LEU A 64 -7.12 -11.26 2.18
C LEU A 64 -8.08 -11.54 3.34
N VAL A 65 -9.10 -10.71 3.46
CA VAL A 65 -10.09 -10.87 4.52
C VAL A 65 -11.43 -11.33 3.96
N ASP A 66 -12.06 -12.28 4.64
CA ASP A 66 -13.35 -12.81 4.22
C ASP A 66 -14.31 -12.92 5.39
N LEU A 67 -15.31 -12.04 5.42
CA LEU A 67 -16.30 -12.05 6.50
C LEU A 67 -17.69 -11.69 5.97
N TYR A 68 -18.71 -12.32 6.52
CA TYR A 68 -20.08 -12.06 6.11
C TYR A 68 -20.30 -12.47 4.66
N GLY A 69 -19.72 -13.60 4.27
CA GLY A 69 -19.86 -14.09 2.90
C GLY A 69 -19.23 -13.15 1.89
N GLN A 70 -18.48 -12.17 2.38
CA GLN A 70 -17.82 -11.20 1.52
C GLN A 70 -16.32 -11.15 1.78
N LYS A 71 -15.54 -11.21 0.71
CA LYS A 71 -14.09 -11.18 0.83
C LYS A 71 -13.50 -10.02 0.02
N TYR A 72 -12.44 -9.42 0.54
CA TYR A 72 -11.79 -8.30 -0.13
C TYR A 72 -10.29 -8.30 0.15
N PHE A 73 -9.57 -7.41 -0.54
CA PHE A 73 -8.12 -7.30 -0.37
C PHE A 73 -7.77 -6.10 0.50
N ARG A 74 -6.85 -6.31 1.44
CA ARG A 74 -6.42 -5.25 2.34
C ARG A 74 -4.90 -5.23 2.48
N ILE A 75 -4.29 -4.08 2.21
CA ILE A 75 -2.85 -3.94 2.30
C ILE A 75 -2.46 -2.96 3.40
N LEU A 76 -1.48 -3.33 4.21
CA LEU A 76 -1.01 -2.48 5.30
C LEU A 76 0.44 -2.06 5.08
N PHE A 77 0.67 -0.76 5.02
CA PHE A 77 2.02 -0.23 4.83
C PHE A 77 2.41 0.70 5.97
N GLN A 78 3.49 0.34 6.67
CA GLN A 78 3.97 1.13 7.79
C GLN A 78 5.48 1.31 7.71
N SER A 79 5.97 2.42 8.27
CA SER A 79 7.39 2.72 8.27
C SER A 79 8.06 2.19 9.53
N LYS A 80 9.37 2.43 9.64
CA LYS A 80 10.13 1.97 10.80
C LYS A 80 10.31 3.10 11.81
N LYS A 81 10.49 4.31 11.30
CA LYS A 81 10.67 5.48 12.17
C LYS A 81 9.34 6.18 12.41
N LEU A 82 8.28 5.65 11.81
CA LEU A 82 6.95 6.23 11.97
C LEU A 82 6.82 6.94 13.32
N SER A 83 6.78 8.27 13.28
CA SER A 83 6.67 9.07 14.49
C SER A 83 5.29 9.71 14.59
N GLU A 84 4.82 9.91 15.81
CA GLU A 84 3.51 10.51 16.04
C GLU A 84 3.53 12.00 15.70
N LEU A 85 4.65 12.66 15.99
CA LEU A 85 4.80 14.08 15.72
C LEU A 85 5.03 14.32 14.22
N HIS A 86 5.35 15.56 13.88
CA HIS A 86 5.60 15.92 12.49
C HIS A 86 4.35 15.74 11.64
N PRO A 87 3.32 16.54 11.93
CA PRO A 87 2.04 16.48 11.20
C PRO A 87 2.17 16.99 9.77
N GLU A 88 3.13 17.88 9.55
CA GLU A 88 3.35 18.44 8.22
C GLU A 88 3.68 17.34 7.21
N GLU A 89 4.28 16.26 7.70
CA GLU A 89 4.64 15.15 6.84
C GLU A 89 3.42 14.29 6.49
N ARG A 90 2.46 14.26 7.40
CA ARG A 90 1.24 13.49 7.19
C ARG A 90 0.54 13.92 5.90
N LYS A 91 0.35 15.23 5.75
CA LYS A 91 -0.31 15.77 4.56
C LYS A 91 0.47 15.43 3.31
N LYS A 92 1.81 15.46 3.41
CA LYS A 92 2.66 15.16 2.27
C LYS A 92 2.56 13.69 1.89
N VAL A 93 2.74 12.81 2.86
CA VAL A 93 2.67 11.37 2.63
C VAL A 93 1.26 10.96 2.21
N ARG A 94 0.26 11.67 2.74
CA ARG A 94 -1.13 11.38 2.42
C ARG A 94 -1.43 11.68 0.95
N GLU A 95 -1.09 12.89 0.52
CA GLU A 95 -1.32 13.30 -0.86
C GLU A 95 -0.38 12.57 -1.81
N LYS A 96 0.84 12.32 -1.34
CA LYS A 96 1.84 11.64 -2.14
C LYS A 96 1.38 10.23 -2.51
N PHE A 97 0.99 9.46 -1.50
CA PHE A 97 0.53 8.09 -1.72
C PHE A 97 -0.84 8.09 -2.39
N ASP A 98 -1.67 9.07 -2.05
CA ASP A 98 -3.01 9.18 -2.62
C ASP A 98 -2.94 9.38 -4.14
N GLU A 99 -2.09 10.31 -4.57
CA GLU A 99 -1.93 10.60 -5.99
C GLU A 99 -1.23 9.45 -6.69
N ASN A 100 -0.12 9.00 -6.13
CA ASN A 100 0.66 7.91 -6.71
C ASN A 100 -0.23 6.70 -6.98
N SER A 101 -1.15 6.43 -6.06
CA SER A 101 -2.07 5.31 -6.19
C SER A 101 -3.17 5.61 -7.21
N ARG A 102 -3.69 6.83 -7.15
CA ARG A 102 -4.75 7.26 -8.06
C ARG A 102 -4.20 7.48 -9.47
N MET A 103 -2.89 7.43 -9.59
CA MET A 103 -2.23 7.62 -10.89
C MET A 103 -2.98 6.85 -11.99
N GLN A 104 -3.08 7.46 -13.16
CA GLN A 104 -3.76 6.84 -14.28
C GLN A 104 -3.17 5.47 -14.59
N TYR A 105 -3.96 4.61 -15.22
CA TYR A 105 -3.52 3.26 -15.57
C TYR A 105 -2.23 3.31 -16.39
N SER A 106 -2.17 4.24 -17.32
CA SER A 106 -0.99 4.40 -18.17
C SER A 106 0.28 4.52 -17.33
N GLU A 107 0.26 5.43 -16.37
CA GLU A 107 1.41 5.65 -15.50
C GLU A 107 1.55 4.50 -14.50
N LEU A 108 0.43 3.96 -14.05
CA LEU A 108 0.43 2.85 -13.10
C LEU A 108 1.12 1.63 -13.68
N MET A 109 0.83 1.34 -14.95
CA MET A 109 1.43 0.20 -15.63
C MET A 109 2.85 0.53 -16.10
N THR A 110 3.07 1.79 -16.44
CA THR A 110 4.38 2.24 -16.90
C THR A 110 5.42 2.18 -15.79
N LYS A 111 5.07 2.72 -14.63
CA LYS A 111 5.97 2.72 -13.49
C LYS A 111 6.15 1.31 -12.94
N TYR A 112 5.34 0.39 -13.41
CA TYR A 112 5.41 -1.00 -12.97
C TYR A 112 6.21 -1.85 -13.96
N HIS A 113 5.92 -1.65 -15.25
CA HIS A 113 6.61 -2.40 -16.31
C HIS A 113 7.83 -1.63 -16.81
N ASP A 114 7.58 -0.43 -17.32
CA ASP A 114 8.66 0.41 -17.84
C ASP A 114 9.73 0.64 -16.78
N LEU A 115 9.33 0.57 -15.52
CA LEU A 115 10.25 0.78 -14.41
C LEU A 115 10.76 -0.55 -13.88
N LYS A 116 10.08 -1.64 -14.23
CA LYS A 116 10.46 -2.97 -13.79
C LYS A 116 11.88 -3.31 -14.26
N LYS A 117 12.29 -2.70 -15.36
CA LYS A 117 13.63 -2.93 -15.92
C LYS A 117 14.69 -2.25 -15.06
N GLN A 118 14.39 -1.05 -14.58
CA GLN A 118 15.32 -0.31 -13.75
C GLN A 118 15.26 -0.79 -12.30
N GLY A 119 14.10 -1.28 -11.88
CA GLY A 119 13.94 -1.76 -10.52
C GLY A 119 13.56 -3.23 -10.48
N LYS A 120 12.89 -3.63 -9.40
CA LYS A 120 12.46 -5.01 -9.23
C LYS A 120 11.19 -5.09 -8.40
N ILE A 121 10.45 -6.19 -8.55
CA ILE A 121 9.21 -6.39 -7.80
C ILE A 121 9.01 -7.85 -7.45
N LYS A 122 8.47 -8.10 -6.27
CA LYS A 122 8.22 -9.46 -5.80
C LYS A 122 6.76 -9.65 -5.41
N ASP A 123 6.22 -10.82 -5.70
CA ASP A 123 4.83 -11.13 -5.37
C ASP A 123 4.75 -12.09 -4.19
N ARG A 124 4.71 -11.55 -2.99
CA ARG A 124 4.64 -12.36 -1.77
C ARG A 124 3.24 -12.95 -1.61
N PRO A 125 3.14 -14.02 -0.81
CA PRO A 125 1.87 -14.70 -0.54
C PRO A 125 0.93 -13.86 0.30
N VAL A 126 -0.36 -13.96 0.02
CA VAL A 126 -1.37 -13.21 0.75
C VAL A 126 -1.70 -13.88 2.08
N LYS A 127 -1.80 -13.08 3.14
CA LYS A 127 -2.11 -13.61 4.46
C LYS A 127 -3.62 -13.62 4.69
N GLU A 128 -4.09 -14.65 5.40
CA GLU A 128 -5.51 -14.78 5.70
C GLU A 128 -5.90 -13.90 6.89
N VAL A 129 -7.04 -13.22 6.76
CA VAL A 129 -7.54 -12.35 7.82
C VAL A 129 -8.78 -12.93 8.48
N HIS A 130 -8.86 -12.79 9.80
CA HIS A 130 -10.01 -13.30 10.54
C HIS A 130 -10.67 -12.19 11.35
N GLU A 131 -11.74 -12.53 12.06
CA GLU A 131 -12.46 -11.56 12.87
C GLU A 131 -11.70 -11.27 14.17
N GLU A 132 -11.31 -10.00 14.35
CA GLU A 132 -10.59 -9.59 15.53
C GLU A 132 -10.05 -8.17 15.38
N TYR A 133 -9.20 -7.76 16.31
CA TYR A 133 -8.61 -6.42 16.27
C TYR A 133 -7.10 -6.49 16.10
N ASP A 134 -6.65 -6.51 14.84
CA ASP A 134 -5.23 -6.57 14.52
C ASP A 134 -4.81 -5.38 13.68
N LEU A 135 -5.17 -5.42 12.39
CA LEU A 135 -4.83 -4.35 11.47
C LEU A 135 -5.38 -3.02 11.96
N TRP A 136 -5.20 -1.98 11.15
CA TRP A 136 -5.67 -0.64 11.50
C TRP A 136 -7.19 -0.64 11.67
N GLU A 137 -7.89 -1.28 10.75
CA GLU A 137 -9.35 -1.35 10.80
C GLU A 137 -9.94 -0.03 11.29
N ASP A 138 -10.01 0.94 10.38
CA ASP A 138 -10.56 2.26 10.70
C ASP A 138 -10.51 3.18 9.50
N PRO A 139 -9.29 3.42 8.98
CA PRO A 139 -9.08 4.29 7.82
C PRO A 139 -9.62 3.67 6.52
N ILE A 140 -9.18 2.45 6.24
CA ILE A 140 -9.62 1.75 5.03
C ILE A 140 -11.00 1.13 5.23
N TRP A 141 -11.42 1.02 6.49
CA TRP A 141 -12.73 0.45 6.81
C TRP A 141 -13.84 1.25 6.15
N GLN A 142 -13.58 2.53 5.90
CA GLN A 142 -14.57 3.41 5.27
C GLN A 142 -14.02 4.02 3.99
N TYR A 143 -13.14 5.00 4.14
CA TYR A 143 -12.54 5.68 3.00
C TYR A 143 -11.35 4.89 2.46
N ILE A 144 -11.30 4.73 1.14
CA ILE A 144 -10.22 3.99 0.51
C ILE A 144 -10.07 2.59 1.10
N MET A 23 11.42 12.23 1.19
CA MET A 23 10.39 13.01 1.86
C MET A 23 9.06 12.26 1.85
N GLN A 24 8.70 11.69 0.70
CA GLN A 24 7.46 10.94 0.57
C GLN A 24 7.61 9.52 1.10
N LYS A 25 7.95 9.41 2.38
CA LYS A 25 8.13 8.11 3.01
C LYS A 25 8.43 8.26 4.50
N GLY A 26 8.08 7.24 5.27
CA GLY A 26 8.30 7.28 6.71
C GLY A 26 7.02 7.40 7.50
N LEU A 27 5.90 7.02 6.88
CA LEU A 27 4.60 7.08 7.53
C LEU A 27 3.79 5.81 7.27
N GLU A 28 2.81 5.56 8.12
CA GLU A 28 1.96 4.37 7.97
C GLU A 28 0.67 4.72 7.22
N ILE A 29 0.36 3.93 6.21
CA ILE A 29 -0.85 4.15 5.41
C ILE A 29 -1.48 2.83 5.00
N ALA A 30 -2.80 2.82 4.89
CA ALA A 30 -3.52 1.61 4.50
C ALA A 30 -4.23 1.80 3.16
N PHE A 31 -4.32 0.72 2.38
CA PHE A 31 -4.96 0.78 1.07
C PHE A 31 -6.06 -0.27 0.97
N GLN A 32 -7.19 0.11 0.39
CA GLN A 32 -8.31 -0.79 0.22
C GLN A 32 -8.52 -1.14 -1.25
N THR A 33 -8.35 -2.41 -1.58
CA THR A 33 -8.52 -2.87 -2.95
C THR A 33 -9.46 -4.07 -3.02
N ILE A 34 -10.00 -4.31 -4.21
CA ILE A 34 -10.93 -5.43 -4.40
C ILE A 34 -11.04 -5.80 -5.88
N ASN A 35 -11.84 -6.82 -6.17
CA ASN A 35 -12.03 -7.26 -7.55
C ASN A 35 -12.36 -6.09 -8.46
N GLY A 36 -11.38 -5.67 -9.25
CA GLY A 36 -11.58 -4.56 -10.17
C GLY A 36 -10.32 -4.18 -10.91
N LEU A 37 -9.88 -2.93 -10.74
CA LEU A 37 -8.68 -2.45 -11.40
C LEU A 37 -7.67 -1.93 -10.38
N ASP A 38 -7.77 -2.43 -9.15
CA ASP A 38 -6.86 -2.00 -8.09
C ASP A 38 -5.72 -3.01 -7.92
N GLU A 39 -5.97 -4.25 -8.33
CA GLU A 39 -4.97 -5.31 -8.22
C GLU A 39 -3.63 -4.85 -8.79
N SER A 40 -3.67 -4.25 -9.98
CA SER A 40 -2.46 -3.77 -10.63
C SER A 40 -1.74 -2.74 -9.77
N LEU A 41 -2.52 -1.84 -9.17
CA LEU A 41 -1.97 -0.80 -8.31
C LEU A 41 -1.27 -1.40 -7.10
N VAL A 42 -1.84 -2.49 -6.59
CA VAL A 42 -1.26 -3.17 -5.42
C VAL A 42 0.07 -3.82 -5.76
N GLN A 43 0.06 -4.66 -6.80
CA GLN A 43 1.28 -5.35 -7.22
C GLN A 43 2.31 -4.36 -7.75
N ALA A 44 1.84 -3.21 -8.23
CA ALA A 44 2.72 -2.18 -8.75
C ALA A 44 3.34 -1.36 -7.63
N LEU A 45 2.49 -0.84 -6.75
CA LEU A 45 2.94 -0.03 -5.63
C LEU A 45 3.89 -0.83 -4.73
N ALA A 46 3.62 -2.13 -4.61
CA ALA A 46 4.46 -2.99 -3.78
C ALA A 46 5.86 -3.12 -4.36
N GLY A 47 5.95 -3.25 -5.68
CA GLY A 47 7.24 -3.37 -6.33
C GLY A 47 8.05 -2.09 -6.25
N VAL A 48 7.43 -0.96 -6.59
CA VAL A 48 8.10 0.32 -6.55
C VAL A 48 8.55 0.67 -5.13
N THR A 49 7.71 0.33 -4.16
CA THR A 49 8.03 0.60 -2.76
C THR A 49 9.23 -0.21 -2.30
N ALA A 50 9.18 -1.51 -2.51
CA ALA A 50 10.27 -2.39 -2.12
C ALA A 50 11.58 -1.98 -2.79
N SER A 51 11.49 -1.59 -4.06
CA SER A 51 12.66 -1.19 -4.82
C SER A 51 13.13 0.20 -4.39
N ASP A 52 12.18 1.05 -3.99
CA ASP A 52 12.49 2.40 -3.55
C ASP A 52 12.98 2.41 -2.10
N PHE A 53 12.73 1.31 -1.39
CA PHE A 53 13.16 1.19 0.00
C PHE A 53 14.23 0.13 0.15
N PRO A 54 15.45 0.44 -0.32
CA PRO A 54 16.59 -0.48 -0.24
C PRO A 54 17.08 -0.68 1.19
N ASP A 55 16.71 0.24 2.08
CA ASP A 55 17.11 0.16 3.48
C ASP A 55 16.44 -1.02 4.17
N LEU A 56 15.44 -1.60 3.50
CA LEU A 56 14.71 -2.74 4.05
C LEU A 56 13.94 -2.34 5.30
N ASP A 57 13.79 -1.03 5.50
CA ASP A 57 13.07 -0.51 6.66
C ASP A 57 11.57 -0.46 6.39
N ILE A 58 11.18 -0.79 5.16
CA ILE A 58 9.77 -0.78 4.77
C ILE A 58 9.03 -1.95 5.40
N LYS A 59 8.01 -1.63 6.19
CA LYS A 59 7.20 -2.66 6.85
C LYS A 59 5.79 -2.68 6.28
N TYR A 60 5.63 -3.33 5.13
CA TYR A 60 4.32 -3.42 4.50
C TYR A 60 3.91 -4.88 4.29
N ASN A 61 2.65 -5.08 3.96
CA ASN A 61 2.13 -6.43 3.73
C ASN A 61 0.73 -6.39 3.12
N ILE A 62 0.36 -7.46 2.41
CA ILE A 62 -0.95 -7.53 1.79
C ILE A 62 -1.75 -8.72 2.31
N PHE A 63 -2.93 -8.43 2.87
CA PHE A 63 -3.79 -9.47 3.41
C PHE A 63 -5.20 -9.34 2.88
N LEU A 64 -5.93 -10.45 2.87
CA LEU A 64 -7.31 -10.46 2.38
C LEU A 64 -8.29 -10.79 3.50
N VAL A 65 -9.25 -9.91 3.73
CA VAL A 65 -10.25 -10.12 4.77
C VAL A 65 -11.57 -10.56 4.17
N ASP A 66 -12.22 -11.52 4.84
CA ASP A 66 -13.50 -12.04 4.38
C ASP A 66 -14.49 -12.13 5.53
N LEU A 67 -15.46 -11.23 5.55
CA LEU A 67 -16.47 -11.21 6.61
C LEU A 67 -17.77 -10.58 6.10
N TYR A 68 -18.88 -10.94 6.74
CA TYR A 68 -20.18 -10.41 6.35
C TYR A 68 -20.57 -10.87 4.96
N GLY A 69 -20.19 -12.11 4.62
CA GLY A 69 -20.50 -12.65 3.31
C GLY A 69 -19.79 -11.90 2.19
N GLN A 70 -18.87 -11.02 2.56
CA GLN A 70 -18.13 -10.24 1.58
C GLN A 70 -16.63 -10.27 1.87
N LYS A 71 -15.83 -10.41 0.83
CA LYS A 71 -14.37 -10.46 0.98
C LYS A 71 -13.72 -9.28 0.27
N TYR A 72 -12.82 -8.61 0.97
CA TYR A 72 -12.12 -7.46 0.40
C TYR A 72 -10.62 -7.56 0.66
N PHE A 73 -9.84 -6.90 -0.19
CA PHE A 73 -8.38 -6.91 -0.06
C PHE A 73 -7.88 -5.61 0.54
N ARG A 74 -7.01 -5.72 1.55
CA ARG A 74 -6.46 -4.54 2.21
C ARG A 74 -4.95 -4.70 2.41
N ILE A 75 -4.23 -3.60 2.32
CA ILE A 75 -2.78 -3.60 2.50
C ILE A 75 -2.36 -2.68 3.63
N LEU A 76 -1.44 -3.16 4.46
CA LEU A 76 -0.94 -2.38 5.59
C LEU A 76 0.53 -2.02 5.39
N PHE A 77 0.81 -0.73 5.30
CA PHE A 77 2.18 -0.25 5.12
C PHE A 77 2.58 0.69 6.25
N GLN A 78 3.67 0.35 6.94
CA GLN A 78 4.16 1.16 8.04
C GLN A 78 5.67 1.34 7.95
N SER A 79 6.16 2.45 8.48
CA SER A 79 7.59 2.76 8.46
C SER A 79 8.19 2.69 9.86
N LYS A 80 9.51 2.73 9.94
CA LYS A 80 10.21 2.67 11.23
C LYS A 80 10.55 4.07 11.72
N LYS A 81 10.81 4.98 10.78
CA LYS A 81 11.15 6.35 11.13
C LYS A 81 9.90 7.14 11.50
N LEU A 82 8.74 6.50 11.37
CA LEU A 82 7.48 7.14 11.69
C LEU A 82 7.55 7.86 13.04
N SER A 83 7.21 9.15 13.04
CA SER A 83 7.24 9.95 14.26
C SER A 83 5.83 10.28 14.73
N GLU A 84 5.67 10.42 16.04
CA GLU A 84 4.37 10.73 16.62
C GLU A 84 3.97 12.17 16.32
N LEU A 85 4.94 13.08 16.39
CA LEU A 85 4.69 14.49 16.12
C LEU A 85 4.80 14.78 14.64
N HIS A 86 4.81 16.07 14.29
CA HIS A 86 4.93 16.49 12.90
C HIS A 86 3.72 16.01 12.09
N PRO A 87 2.57 16.67 12.31
CA PRO A 87 1.32 16.33 11.61
C PRO A 87 1.37 16.69 10.13
N GLU A 88 2.11 17.74 9.81
CA GLU A 88 2.24 18.20 8.43
C GLU A 88 2.75 17.07 7.53
N GLU A 89 3.51 16.15 8.11
CA GLU A 89 4.05 15.03 7.37
C GLU A 89 2.97 14.01 7.04
N ARG A 90 2.09 13.75 8.01
CA ARG A 90 1.00 12.80 7.83
C ARG A 90 0.15 13.17 6.62
N LYS A 91 -0.32 14.42 6.59
CA LYS A 91 -1.14 14.90 5.48
C LYS A 91 -0.35 14.92 4.18
N LYS A 92 0.92 15.27 4.27
CA LYS A 92 1.79 15.33 3.09
C LYS A 92 1.81 13.99 2.37
N VAL A 93 2.12 12.93 3.12
CA VAL A 93 2.18 11.59 2.56
C VAL A 93 0.79 11.10 2.15
N ARG A 94 -0.22 11.54 2.91
CA ARG A 94 -1.60 11.15 2.62
C ARG A 94 -2.00 11.53 1.21
N GLU A 95 -1.82 12.81 0.87
CA GLU A 95 -2.16 13.31 -0.45
C GLU A 95 -1.20 12.78 -1.50
N LYS A 96 0.06 12.63 -1.11
CA LYS A 96 1.09 12.13 -2.02
C LYS A 96 0.77 10.70 -2.48
N PHE A 97 0.53 9.82 -1.52
CA PHE A 97 0.21 8.43 -1.82
C PHE A 97 -1.16 8.32 -2.49
N ASP A 98 -2.09 9.17 -2.06
CA ASP A 98 -3.45 9.17 -2.60
C ASP A 98 -3.42 9.44 -4.11
N GLU A 99 -2.71 10.49 -4.51
CA GLU A 99 -2.61 10.85 -5.91
C GLU A 99 -1.79 9.81 -6.68
N ASN A 100 -0.63 9.48 -6.15
CA ASN A 100 0.25 8.50 -6.79
C ASN A 100 -0.51 7.22 -7.12
N SER A 101 -1.41 6.83 -6.22
CA SER A 101 -2.21 5.63 -6.40
C SER A 101 -3.31 5.86 -7.44
N ARG A 102 -3.95 7.01 -7.37
CA ARG A 102 -5.02 7.36 -8.30
C ARG A 102 -4.46 7.62 -9.69
N MET A 103 -3.14 7.71 -9.80
CA MET A 103 -2.48 7.96 -11.07
C MET A 103 -3.12 7.13 -12.18
N GLN A 104 -3.01 7.61 -13.42
CA GLN A 104 -3.58 6.91 -14.56
C GLN A 104 -2.93 5.54 -14.74
N TYR A 105 -3.62 4.64 -15.43
CA TYR A 105 -3.10 3.30 -15.67
C TYR A 105 -1.84 3.33 -16.51
N SER A 106 -1.79 4.28 -17.44
CA SER A 106 -0.63 4.43 -18.32
C SER A 106 0.65 4.58 -17.51
N GLU A 107 0.64 5.51 -16.57
CA GLU A 107 1.81 5.76 -15.73
C GLU A 107 2.00 4.63 -14.72
N LEU A 108 0.89 4.08 -14.24
CA LEU A 108 0.93 3.00 -13.26
C LEU A 108 1.59 1.75 -13.87
N MET A 109 1.27 1.48 -15.13
CA MET A 109 1.84 0.32 -15.83
C MET A 109 3.24 0.64 -16.35
N THR A 110 3.47 1.89 -16.72
CA THR A 110 4.76 2.31 -17.23
C THR A 110 5.83 2.27 -16.14
N LYS A 111 5.52 2.88 -15.00
CA LYS A 111 6.45 2.91 -13.88
C LYS A 111 6.64 1.52 -13.30
N TYR A 112 5.80 0.57 -13.72
CA TYR A 112 5.89 -0.79 -13.23
C TYR A 112 6.66 -1.67 -14.21
N HIS A 113 6.35 -1.53 -15.50
CA HIS A 113 7.00 -2.32 -16.54
C HIS A 113 8.20 -1.56 -17.11
N ASP A 114 7.94 -0.38 -17.68
CA ASP A 114 9.00 0.44 -18.26
C ASP A 114 10.13 0.65 -17.26
N LEU A 115 9.80 0.56 -15.97
CA LEU A 115 10.78 0.73 -14.91
C LEU A 115 11.29 -0.61 -14.39
N LYS A 116 10.51 -1.65 -14.63
CA LYS A 116 10.87 -3.00 -14.19
C LYS A 116 12.27 -3.35 -14.64
N LYS A 117 12.72 -2.73 -15.73
CA LYS A 117 14.05 -2.98 -16.26
C LYS A 117 15.12 -2.55 -15.27
N GLN A 118 14.90 -1.43 -14.60
CA GLN A 118 15.84 -0.91 -13.63
C GLN A 118 15.28 -1.01 -12.21
N GLY A 119 14.39 -1.98 -12.00
CA GLY A 119 13.79 -2.15 -10.69
C GLY A 119 13.61 -3.61 -10.34
N LYS A 120 12.88 -3.87 -9.25
CA LYS A 120 12.62 -5.24 -8.80
C LYS A 120 11.30 -5.33 -8.05
N ILE A 121 10.38 -6.13 -8.58
CA ILE A 121 9.07 -6.30 -7.96
C ILE A 121 8.80 -7.77 -7.66
N LYS A 122 8.15 -8.04 -6.53
CA LYS A 122 7.82 -9.40 -6.14
C LYS A 122 6.33 -9.54 -5.85
N ASP A 123 5.86 -10.78 -5.80
CA ASP A 123 4.45 -11.05 -5.53
C ASP A 123 4.28 -12.04 -4.39
N ARG A 124 4.37 -11.54 -3.16
CA ARG A 124 4.24 -12.39 -1.98
C ARG A 124 2.80 -12.84 -1.79
N PRO A 125 2.60 -13.93 -1.04
CA PRO A 125 1.27 -14.48 -0.76
C PRO A 125 0.46 -13.59 0.16
N VAL A 126 -0.85 -13.53 -0.08
CA VAL A 126 -1.74 -12.71 0.73
C VAL A 126 -2.10 -13.42 2.03
N LYS A 127 -2.07 -12.68 3.13
CA LYS A 127 -2.40 -13.23 4.44
C LYS A 127 -3.88 -13.12 4.72
N GLU A 128 -4.46 -14.16 5.31
CA GLU A 128 -5.88 -14.18 5.64
C GLU A 128 -6.16 -13.32 6.86
N VAL A 129 -7.26 -12.56 6.80
CA VAL A 129 -7.64 -11.69 7.91
C VAL A 129 -8.87 -12.23 8.62
N HIS A 130 -8.87 -12.13 9.95
CA HIS A 130 -9.99 -12.60 10.75
C HIS A 130 -10.61 -11.46 11.56
N GLU A 131 -11.68 -11.76 12.27
CA GLU A 131 -12.37 -10.75 13.08
C GLU A 131 -11.66 -10.55 14.41
N GLU A 132 -11.91 -9.40 15.03
CA GLU A 132 -11.29 -9.08 16.32
C GLU A 132 -9.78 -8.95 16.16
N TYR A 133 -9.35 -8.38 15.04
CA TYR A 133 -7.93 -8.19 14.77
C TYR A 133 -7.71 -7.07 13.75
N ASP A 134 -8.62 -6.11 13.75
CA ASP A 134 -8.53 -4.98 12.83
C ASP A 134 -7.15 -4.33 12.90
N LEU A 135 -6.61 -3.99 11.73
CA LEU A 135 -5.30 -3.36 11.65
C LEU A 135 -5.36 -1.90 12.09
N TRP A 136 -5.68 -1.02 11.15
CA TRP A 136 -5.77 0.40 11.45
C TRP A 136 -7.19 0.79 11.85
N GLU A 137 -8.15 -0.04 11.44
CA GLU A 137 -9.55 0.21 11.75
C GLU A 137 -9.87 1.70 11.63
N ASP A 138 -9.81 2.23 10.42
CA ASP A 138 -10.09 3.63 10.18
C ASP A 138 -9.91 3.98 8.70
N PRO A 139 -8.68 3.81 8.21
CA PRO A 139 -8.33 4.10 6.81
C PRO A 139 -8.96 3.11 5.84
N ILE A 140 -8.57 1.84 5.97
CA ILE A 140 -9.10 0.79 5.11
C ILE A 140 -10.43 0.27 5.63
N TRP A 141 -10.79 0.67 6.84
CA TRP A 141 -12.04 0.25 7.45
C TRP A 141 -13.21 1.04 6.91
N GLN A 142 -12.95 2.29 6.53
CA GLN A 142 -13.99 3.16 5.99
C GLN A 142 -14.06 3.04 4.47
N TYR A 143 -13.07 3.59 3.79
CA TYR A 143 -13.01 3.55 2.34
C TYR A 143 -11.66 3.05 1.85
N ILE A 144 -10.66 3.92 1.90
CA ILE A 144 -9.31 3.58 1.47
C ILE A 144 -8.32 3.69 2.63
N MET A 23 7.14 11.77 -1.54
CA MET A 23 7.83 11.56 -0.28
C MET A 23 7.09 10.54 0.59
N GLN A 24 6.48 9.56 -0.07
CA GLN A 24 5.74 8.52 0.64
C GLN A 24 6.68 7.50 1.26
N LYS A 25 7.38 7.92 2.31
CA LYS A 25 8.32 7.05 3.01
C LYS A 25 8.49 7.49 4.45
N GLY A 26 8.53 6.52 5.36
CA GLY A 26 8.70 6.81 6.77
C GLY A 26 7.37 7.07 7.46
N LEU A 27 6.28 6.69 6.81
CA LEU A 27 4.94 6.88 7.38
C LEU A 27 4.10 5.62 7.20
N GLU A 28 3.06 5.50 8.02
CA GLU A 28 2.17 4.35 7.96
C GLU A 28 0.88 4.68 7.20
N ILE A 29 0.57 3.88 6.19
CA ILE A 29 -0.62 4.08 5.39
C ILE A 29 -1.27 2.76 5.02
N ALA A 30 -2.60 2.75 4.92
CA ALA A 30 -3.33 1.55 4.57
C ALA A 30 -4.16 1.76 3.30
N PHE A 31 -4.28 0.72 2.49
CA PHE A 31 -5.02 0.80 1.24
C PHE A 31 -5.87 -0.47 1.03
N GLN A 32 -7.10 -0.28 0.60
CA GLN A 32 -8.01 -1.40 0.35
C GLN A 32 -8.02 -1.78 -1.12
N THR A 33 -8.47 -3.00 -1.41
CA THR A 33 -8.53 -3.49 -2.78
C THR A 33 -9.51 -4.65 -2.91
N ILE A 34 -10.14 -4.77 -4.07
CA ILE A 34 -11.09 -5.83 -4.31
C ILE A 34 -10.84 -6.52 -5.65
N ASN A 35 -10.78 -5.72 -6.71
CA ASN A 35 -10.52 -6.24 -8.05
C ASN A 35 -10.29 -5.11 -9.05
N GLY A 36 -9.79 -5.45 -10.22
CA GLY A 36 -9.53 -4.46 -11.24
C GLY A 36 -8.25 -3.67 -10.97
N LEU A 37 -8.30 -2.36 -11.16
CA LEU A 37 -7.15 -1.50 -10.95
C LEU A 37 -6.64 -1.63 -9.51
N ASP A 38 -7.52 -2.07 -8.62
CA ASP A 38 -7.16 -2.24 -7.22
C ASP A 38 -5.93 -3.13 -7.08
N GLU A 39 -6.10 -4.41 -7.41
CA GLU A 39 -5.00 -5.37 -7.33
C GLU A 39 -3.76 -4.85 -8.06
N SER A 40 -3.96 -4.40 -9.29
CA SER A 40 -2.87 -3.88 -10.10
C SER A 40 -2.10 -2.79 -9.34
N LEU A 41 -2.84 -1.89 -8.72
CA LEU A 41 -2.23 -0.80 -7.96
C LEU A 41 -1.47 -1.33 -6.75
N VAL A 42 -1.98 -2.41 -6.16
CA VAL A 42 -1.35 -3.02 -5.00
C VAL A 42 0.02 -3.59 -5.35
N GLN A 43 0.05 -4.46 -6.36
CA GLN A 43 1.30 -5.08 -6.79
C GLN A 43 2.22 -4.05 -7.42
N ALA A 44 1.63 -3.01 -8.02
CA ALA A 44 2.39 -1.96 -8.65
C ALA A 44 3.08 -1.06 -7.62
N LEU A 45 2.29 -0.56 -6.68
CA LEU A 45 2.81 0.31 -5.63
C LEU A 45 3.84 -0.41 -4.78
N ALA A 46 3.61 -1.71 -4.56
CA ALA A 46 4.52 -2.52 -3.76
C ALA A 46 5.88 -2.63 -4.43
N GLY A 47 5.89 -2.90 -5.73
CA GLY A 47 7.13 -3.02 -6.46
C GLY A 47 7.85 -1.70 -6.61
N VAL A 48 7.08 -0.63 -6.82
CA VAL A 48 7.64 0.70 -6.99
C VAL A 48 8.36 1.16 -5.73
N THR A 49 7.66 1.06 -4.59
CA THR A 49 8.23 1.47 -3.31
C THR A 49 9.37 0.55 -2.90
N ALA A 50 9.20 -0.75 -3.17
CA ALA A 50 10.22 -1.73 -2.83
C ALA A 50 11.45 -1.59 -3.72
N SER A 51 11.22 -1.15 -4.95
CA SER A 51 12.30 -0.98 -5.91
C SER A 51 13.12 0.27 -5.59
N ASP A 52 12.43 1.38 -5.33
CA ASP A 52 13.10 2.63 -5.01
C ASP A 52 13.47 2.69 -3.53
N PHE A 53 12.90 1.79 -2.75
CA PHE A 53 13.17 1.73 -1.31
C PHE A 53 13.70 3.07 -0.82
N PRO A 54 12.86 4.11 -0.88
CA PRO A 54 13.24 5.45 -0.43
C PRO A 54 13.39 5.54 1.08
N ASP A 55 12.73 4.64 1.79
CA ASP A 55 12.79 4.61 3.25
C ASP A 55 13.85 3.62 3.73
N LEU A 56 14.23 2.70 2.86
CA LEU A 56 15.24 1.69 3.19
C LEU A 56 14.75 0.80 4.32
N ASP A 57 13.44 0.84 4.59
CA ASP A 57 12.85 0.03 5.65
C ASP A 57 11.35 -0.09 5.45
N ILE A 58 10.94 -0.49 4.25
CA ILE A 58 9.52 -0.65 3.95
C ILE A 58 8.93 -1.87 4.64
N LYS A 59 7.92 -1.65 5.47
CA LYS A 59 7.27 -2.72 6.19
C LYS A 59 5.79 -2.79 5.86
N TYR A 60 5.46 -3.42 4.73
CA TYR A 60 4.09 -3.55 4.30
C TYR A 60 3.70 -5.03 4.13
N ASN A 61 2.43 -5.27 3.81
CA ASN A 61 1.94 -6.62 3.62
C ASN A 61 0.53 -6.62 3.03
N ILE A 62 0.15 -7.73 2.39
CA ILE A 62 -1.16 -7.84 1.79
C ILE A 62 -1.91 -9.06 2.33
N PHE A 63 -3.09 -8.82 2.89
CA PHE A 63 -3.90 -9.90 3.45
C PHE A 63 -5.34 -9.83 2.91
N LEU A 64 -5.97 -10.99 2.78
CA LEU A 64 -7.34 -11.06 2.28
C LEU A 64 -8.31 -11.31 3.43
N VAL A 65 -9.23 -10.37 3.62
CA VAL A 65 -10.23 -10.50 4.68
C VAL A 65 -11.58 -10.93 4.12
N ASP A 66 -12.23 -11.86 4.80
CA ASP A 66 -13.53 -12.37 4.37
C ASP A 66 -14.50 -12.45 5.55
N LEU A 67 -15.44 -11.50 5.60
CA LEU A 67 -16.43 -11.46 6.67
C LEU A 67 -17.75 -10.92 6.17
N TYR A 68 -18.83 -11.24 6.88
CA TYR A 68 -20.16 -10.79 6.50
C TYR A 68 -20.56 -11.33 5.12
N GLY A 69 -20.07 -12.53 4.80
CA GLY A 69 -20.38 -13.13 3.53
C GLY A 69 -19.81 -12.35 2.36
N GLN A 70 -18.92 -11.42 2.66
CA GLN A 70 -18.30 -10.60 1.61
C GLN A 70 -16.78 -10.73 1.66
N LYS A 71 -16.16 -10.82 0.48
CA LYS A 71 -14.71 -10.95 0.38
C LYS A 71 -14.07 -9.63 -0.04
N TYR A 72 -13.02 -9.23 0.67
CA TYR A 72 -12.33 -7.99 0.36
C TYR A 72 -10.85 -8.09 0.74
N PHE A 73 -10.00 -7.46 -0.06
CA PHE A 73 -8.56 -7.47 0.18
C PHE A 73 -8.09 -6.14 0.76
N ARG A 74 -7.18 -6.21 1.72
CA ARG A 74 -6.65 -5.01 2.36
C ARG A 74 -5.13 -5.09 2.48
N ILE A 75 -4.48 -3.95 2.31
CA ILE A 75 -3.02 -3.89 2.41
C ILE A 75 -2.58 -2.93 3.51
N LEU A 76 -1.60 -3.36 4.31
CA LEU A 76 -1.09 -2.55 5.40
C LEU A 76 0.38 -2.20 5.18
N PHE A 77 0.66 -0.90 5.06
CA PHE A 77 2.03 -0.44 4.85
C PHE A 77 2.48 0.46 6.00
N GLN A 78 3.60 0.08 6.62
CA GLN A 78 4.13 0.85 7.74
C GLN A 78 5.64 1.03 7.60
N SER A 79 6.16 2.13 8.15
CA SER A 79 7.59 2.41 8.09
C SER A 79 8.21 2.39 9.47
N LYS A 80 9.53 2.49 9.52
CA LYS A 80 10.26 2.48 10.79
C LYS A 80 10.56 3.89 11.25
N LYS A 81 10.36 4.86 10.36
CA LYS A 81 10.61 6.26 10.69
C LYS A 81 9.32 6.95 11.15
N LEU A 82 8.22 6.20 11.11
CA LEU A 82 6.93 6.75 11.52
C LEU A 82 7.05 7.44 12.88
N SER A 83 6.68 8.73 12.91
CA SER A 83 6.74 9.50 14.14
C SER A 83 5.34 9.80 14.66
N GLU A 84 5.22 9.90 15.99
CA GLU A 84 3.93 10.18 16.61
C GLU A 84 3.52 11.62 16.39
N LEU A 85 4.48 12.54 16.49
CA LEU A 85 4.23 13.96 16.29
C LEU A 85 4.55 14.38 14.86
N HIS A 86 4.56 15.69 14.63
CA HIS A 86 4.87 16.23 13.31
C HIS A 86 3.88 15.71 12.27
N PRO A 87 2.64 16.20 12.33
CA PRO A 87 1.58 15.81 11.39
C PRO A 87 1.82 16.34 9.99
N GLU A 88 2.83 17.18 9.85
CA GLU A 88 3.16 17.76 8.54
C GLU A 88 3.42 16.66 7.52
N GLU A 89 4.26 15.69 7.89
CA GLU A 89 4.60 14.59 7.01
C GLU A 89 3.38 13.70 6.76
N ARG A 90 2.56 13.54 7.80
CA ARG A 90 1.37 12.70 7.70
C ARG A 90 0.50 13.14 6.51
N LYS A 91 0.17 14.42 6.45
CA LYS A 91 -0.64 14.95 5.37
C LYS A 91 0.11 14.91 4.05
N LYS A 92 1.42 15.15 4.12
CA LYS A 92 2.25 15.14 2.92
C LYS A 92 2.22 13.77 2.24
N VAL A 93 2.48 12.72 3.02
CA VAL A 93 2.48 11.36 2.50
C VAL A 93 1.07 10.93 2.13
N ARG A 94 0.08 11.41 2.88
CA ARG A 94 -1.31 11.06 2.62
C ARG A 94 -1.72 11.49 1.22
N GLU A 95 -1.52 12.77 0.91
CA GLU A 95 -1.88 13.30 -0.40
C GLU A 95 -0.94 12.78 -1.48
N LYS A 96 0.33 12.61 -1.12
CA LYS A 96 1.33 12.11 -2.06
C LYS A 96 0.98 10.70 -2.54
N PHE A 97 0.72 9.80 -1.59
CA PHE A 97 0.37 8.43 -1.92
C PHE A 97 -1.01 8.36 -2.58
N ASP A 98 -1.90 9.24 -2.16
CA ASP A 98 -3.25 9.29 -2.70
C ASP A 98 -3.22 9.55 -4.20
N GLU A 99 -2.48 10.58 -4.61
CA GLU A 99 -2.37 10.94 -6.02
C GLU A 99 -1.57 9.90 -6.78
N ASN A 100 -0.40 9.55 -6.25
CA ASN A 100 0.46 8.56 -6.88
C ASN A 100 -0.31 7.28 -7.18
N SER A 101 -1.21 6.91 -6.28
CA SER A 101 -2.01 5.70 -6.44
C SER A 101 -3.11 5.92 -7.48
N ARG A 102 -3.77 7.06 -7.41
CA ARG A 102 -4.84 7.39 -8.34
C ARG A 102 -4.28 7.70 -9.73
N MET A 103 -2.96 7.81 -9.81
CA MET A 103 -2.29 8.10 -11.08
C MET A 103 -2.95 7.34 -12.22
N GLN A 104 -2.90 7.93 -13.42
CA GLN A 104 -3.49 7.30 -14.60
C GLN A 104 -3.00 5.86 -14.75
N TYR A 105 -3.65 5.11 -15.64
CA TYR A 105 -3.29 3.72 -15.87
C TYR A 105 -1.91 3.62 -16.51
N SER A 106 -1.58 4.59 -17.35
CA SER A 106 -0.28 4.60 -18.04
C SER A 106 0.85 4.63 -17.03
N GLU A 107 0.80 5.58 -16.09
CA GLU A 107 1.83 5.71 -15.08
C GLU A 107 1.81 4.52 -14.12
N LEU A 108 0.61 4.02 -13.84
CA LEU A 108 0.45 2.88 -12.94
C LEU A 108 1.10 1.63 -13.53
N MET A 109 0.90 1.42 -14.83
CA MET A 109 1.47 0.27 -15.52
C MET A 109 2.90 0.54 -15.94
N THR A 110 3.24 1.82 -16.08
CA THR A 110 4.59 2.21 -16.49
C THR A 110 5.56 2.11 -15.33
N LYS A 111 5.18 2.70 -14.19
CA LYS A 111 6.02 2.67 -13.00
C LYS A 111 6.24 1.24 -12.52
N TYR A 112 5.47 0.31 -13.06
CA TYR A 112 5.59 -1.10 -12.69
C TYR A 112 6.27 -1.90 -13.79
N HIS A 113 5.85 -1.66 -15.04
CA HIS A 113 6.41 -2.36 -16.18
C HIS A 113 7.73 -1.71 -16.62
N ASP A 114 8.00 -0.52 -16.09
CA ASP A 114 9.22 0.21 -16.43
C ASP A 114 10.26 0.04 -15.33
N LEU A 115 9.84 0.17 -14.08
CA LEU A 115 10.74 0.04 -12.94
C LEU A 115 11.28 -1.38 -12.84
N LYS A 116 10.61 -2.31 -13.52
CA LYS A 116 11.03 -3.71 -13.51
C LYS A 116 12.34 -3.89 -14.27
N LYS A 117 12.75 -2.86 -14.99
CA LYS A 117 13.99 -2.90 -15.76
C LYS A 117 15.18 -3.22 -14.86
N GLN A 118 15.29 -2.49 -13.75
CA GLN A 118 16.38 -2.69 -12.81
C GLN A 118 15.85 -3.08 -11.43
N GLY A 119 14.64 -2.61 -11.12
CA GLY A 119 14.04 -2.92 -9.83
C GLY A 119 13.20 -4.18 -9.88
N LYS A 120 13.75 -5.27 -9.35
CA LYS A 120 13.05 -6.55 -9.34
C LYS A 120 11.90 -6.52 -8.33
N ILE A 121 10.78 -7.12 -8.71
CA ILE A 121 9.61 -7.17 -7.84
C ILE A 121 9.16 -8.61 -7.60
N LYS A 122 8.67 -8.89 -6.39
CA LYS A 122 8.21 -10.21 -6.04
C LYS A 122 6.78 -10.17 -5.52
N ASP A 123 5.97 -11.15 -5.92
CA ASP A 123 4.58 -11.22 -5.50
C ASP A 123 4.41 -12.21 -4.35
N ARG A 124 4.45 -11.71 -3.12
CA ARG A 124 4.31 -12.56 -1.95
C ARG A 124 2.86 -13.03 -1.79
N PRO A 125 2.67 -14.12 -1.04
CA PRO A 125 1.34 -14.69 -0.79
C PRO A 125 0.50 -13.81 0.11
N VAL A 126 -0.83 -13.91 -0.04
CA VAL A 126 -1.75 -13.12 0.76
C VAL A 126 -2.09 -13.82 2.07
N LYS A 127 -2.10 -13.06 3.16
CA LYS A 127 -2.40 -13.61 4.47
C LYS A 127 -3.89 -13.52 4.77
N GLU A 128 -4.43 -14.54 5.44
CA GLU A 128 -5.85 -14.56 5.78
C GLU A 128 -6.14 -13.63 6.95
N VAL A 129 -7.24 -12.89 6.86
CA VAL A 129 -7.64 -11.96 7.91
C VAL A 129 -8.88 -12.46 8.64
N HIS A 130 -8.89 -12.27 9.96
CA HIS A 130 -10.02 -12.69 10.78
C HIS A 130 -10.57 -11.52 11.59
N GLU A 131 -11.66 -11.77 12.31
CA GLU A 131 -12.28 -10.73 13.14
C GLU A 131 -11.52 -10.55 14.45
N GLU A 132 -11.05 -9.34 14.69
CA GLU A 132 -10.31 -9.02 15.91
C GLU A 132 -9.81 -7.59 15.89
N TYR A 133 -8.90 -7.28 16.81
CA TYR A 133 -8.34 -5.93 16.90
C TYR A 133 -6.83 -5.96 16.74
N ASP A 134 -6.37 -5.71 15.52
CA ASP A 134 -4.94 -5.70 15.22
C ASP A 134 -4.61 -4.66 14.16
N LEU A 135 -5.20 -4.82 12.98
CA LEU A 135 -4.97 -3.89 11.87
C LEU A 135 -5.31 -2.47 12.28
N TRP A 136 -5.19 -1.54 11.33
CA TRP A 136 -5.50 -0.14 11.60
C TRP A 136 -6.96 0.04 11.97
N GLU A 137 -7.84 -0.66 11.27
CA GLU A 137 -9.27 -0.58 11.53
C GLU A 137 -9.73 0.88 11.60
N ASP A 138 -9.75 1.54 10.44
CA ASP A 138 -10.16 2.93 10.37
C ASP A 138 -10.09 3.45 8.93
N PRO A 139 -8.89 3.43 8.36
CA PRO A 139 -8.66 3.89 6.98
C PRO A 139 -9.27 2.95 5.95
N ILE A 140 -8.94 1.67 6.05
CA ILE A 140 -9.45 0.66 5.12
C ILE A 140 -10.86 0.24 5.51
N TRP A 141 -11.26 0.58 6.73
CA TRP A 141 -12.60 0.24 7.22
C TRP A 141 -13.68 0.83 6.32
N GLN A 142 -13.48 2.07 5.90
CA GLN A 142 -14.44 2.75 5.03
C GLN A 142 -13.75 3.29 3.79
N TYR A 143 -12.88 4.27 3.97
CA TYR A 143 -12.15 4.88 2.86
C TYR A 143 -11.14 3.91 2.28
N ILE A 144 -10.42 4.35 1.25
CA ILE A 144 -9.40 3.52 0.60
C ILE A 144 -8.38 3.01 1.62
N MET A 23 11.98 14.13 3.38
CA MET A 23 11.02 14.27 4.47
C MET A 23 9.64 13.79 4.03
N GLN A 24 9.60 12.63 3.37
CA GLN A 24 8.35 12.06 2.91
C GLN A 24 8.21 10.61 3.34
N LYS A 25 8.13 10.40 4.65
CA LYS A 25 8.00 9.06 5.21
C LYS A 25 7.93 9.10 6.73
N GLY A 26 7.74 7.94 7.34
CA GLY A 26 7.67 7.86 8.79
C GLY A 26 6.23 7.86 9.29
N LEU A 27 5.29 7.60 8.40
CA LEU A 27 3.88 7.58 8.76
C LEU A 27 3.23 6.27 8.34
N GLU A 28 2.11 5.94 8.96
CA GLU A 28 1.39 4.71 8.65
C GLU A 28 0.16 4.99 7.79
N ILE A 29 -0.05 4.17 6.77
CA ILE A 29 -1.18 4.34 5.87
C ILE A 29 -1.76 2.99 5.46
N ALA A 30 -3.07 2.94 5.29
CA ALA A 30 -3.74 1.71 4.88
C ALA A 30 -4.54 1.90 3.59
N PHE A 31 -4.60 0.86 2.77
CA PHE A 31 -5.32 0.93 1.51
C PHE A 31 -6.08 -0.38 1.25
N GLN A 32 -7.32 -0.25 0.76
CA GLN A 32 -8.14 -1.41 0.47
C GLN A 32 -8.36 -1.57 -1.03
N THR A 33 -8.73 -2.77 -1.44
CA THR A 33 -8.98 -3.05 -2.86
C THR A 33 -9.93 -4.22 -3.03
N ILE A 34 -10.64 -4.25 -4.15
CA ILE A 34 -11.58 -5.32 -4.44
C ILE A 34 -11.95 -5.34 -5.92
N ASN A 35 -12.74 -6.34 -6.32
CA ASN A 35 -13.16 -6.48 -7.71
C ASN A 35 -11.95 -6.66 -8.62
N GLY A 36 -10.83 -7.04 -8.05
CA GLY A 36 -9.62 -7.25 -8.82
C GLY A 36 -9.29 -6.06 -9.71
N LEU A 37 -9.72 -4.88 -9.29
CA LEU A 37 -9.48 -3.66 -10.06
C LEU A 37 -8.26 -2.91 -9.51
N ASP A 38 -8.21 -2.76 -8.20
CA ASP A 38 -7.09 -2.07 -7.54
C ASP A 38 -5.95 -3.03 -7.27
N GLU A 39 -6.18 -4.33 -7.51
CA GLU A 39 -5.16 -5.34 -7.28
C GLU A 39 -3.86 -4.97 -7.97
N SER A 40 -3.96 -4.51 -9.21
CA SER A 40 -2.77 -4.12 -9.98
C SER A 40 -2.02 -3.00 -9.27
N LEU A 41 -2.75 -2.02 -8.76
CA LEU A 41 -2.15 -0.89 -8.06
C LEU A 41 -1.42 -1.36 -6.80
N VAL A 42 -2.01 -2.33 -6.12
CA VAL A 42 -1.42 -2.87 -4.89
C VAL A 42 -0.09 -3.57 -5.19
N GLN A 43 -0.12 -4.52 -6.11
CA GLN A 43 1.08 -5.27 -6.48
C GLN A 43 2.11 -4.35 -7.14
N ALA A 44 1.62 -3.37 -7.89
CA ALA A 44 2.49 -2.42 -8.58
C ALA A 44 3.18 -1.51 -7.58
N LEU A 45 2.39 -0.87 -6.72
CA LEU A 45 2.93 0.04 -5.71
C LEU A 45 3.89 -0.69 -4.77
N ALA A 46 3.59 -1.96 -4.50
CA ALA A 46 4.41 -2.77 -3.61
C ALA A 46 5.80 -2.98 -4.20
N GLY A 47 5.85 -3.33 -5.48
CA GLY A 47 7.12 -3.57 -6.14
C GLY A 47 7.88 -2.28 -6.38
N VAL A 48 7.16 -1.21 -6.67
CA VAL A 48 7.78 0.09 -6.93
C VAL A 48 8.48 0.62 -5.67
N THR A 49 7.74 0.65 -4.56
CA THR A 49 8.29 1.13 -3.31
C THR A 49 9.40 0.21 -2.79
N ALA A 50 9.20 -1.09 -2.96
CA ALA A 50 10.18 -2.08 -2.51
C ALA A 50 11.42 -2.05 -3.40
N SER A 51 11.23 -1.71 -4.68
CA SER A 51 12.33 -1.65 -5.63
C SER A 51 13.16 -0.38 -5.43
N ASP A 52 12.47 0.76 -5.32
CA ASP A 52 13.14 2.03 -5.12
C ASP A 52 13.51 2.24 -3.65
N PHE A 53 12.92 1.43 -2.78
CA PHE A 53 13.18 1.52 -1.35
C PHE A 53 13.77 2.88 -0.99
N PRO A 54 12.95 3.94 -1.13
CA PRO A 54 13.36 5.30 -0.83
C PRO A 54 13.56 5.53 0.66
N ASP A 55 12.82 4.78 1.48
CA ASP A 55 12.92 4.91 2.93
C ASP A 55 13.87 3.85 3.50
N LEU A 56 14.17 2.84 2.70
CA LEU A 56 15.07 1.77 3.12
C LEU A 56 14.60 1.15 4.43
N ASP A 57 13.30 1.27 4.70
CA ASP A 57 12.72 0.73 5.93
C ASP A 57 11.20 0.61 5.81
N ILE A 58 10.73 0.35 4.59
CA ILE A 58 9.31 0.22 4.34
C ILE A 58 8.77 -1.09 4.91
N LYS A 59 7.72 -1.00 5.72
CA LYS A 59 7.11 -2.18 6.32
C LYS A 59 5.63 -2.27 5.96
N TYR A 60 5.33 -3.00 4.90
CA TYR A 60 3.95 -3.15 4.45
C TYR A 60 3.55 -4.63 4.42
N ASN A 61 2.28 -4.89 4.15
CA ASN A 61 1.77 -6.25 4.08
C ASN A 61 0.39 -6.30 3.44
N ILE A 62 0.15 -7.34 2.64
CA ILE A 62 -1.13 -7.49 1.96
C ILE A 62 -1.85 -8.75 2.44
N PHE A 63 -3.04 -8.57 3.00
CA PHE A 63 -3.82 -9.69 3.50
C PHE A 63 -5.26 -9.62 2.97
N LEU A 64 -5.86 -10.79 2.78
CA LEU A 64 -7.23 -10.87 2.27
C LEU A 64 -8.19 -11.27 3.37
N VAL A 65 -9.31 -10.54 3.48
CA VAL A 65 -10.31 -10.83 4.50
C VAL A 65 -11.59 -11.37 3.86
N ASP A 66 -12.16 -12.39 4.49
CA ASP A 66 -13.38 -13.01 4.00
C ASP A 66 -14.38 -13.23 5.13
N LEU A 67 -15.41 -12.39 5.19
CA LEU A 67 -16.44 -12.50 6.22
C LEU A 67 -17.77 -11.98 5.71
N TYR A 68 -18.85 -12.43 6.34
CA TYR A 68 -20.19 -12.02 5.95
C TYR A 68 -20.52 -12.47 4.53
N GLY A 69 -19.80 -13.49 4.07
CA GLY A 69 -20.02 -14.00 2.72
C GLY A 69 -19.29 -13.20 1.67
N GLN A 70 -18.75 -12.06 2.06
CA GLN A 70 -18.02 -11.20 1.13
C GLN A 70 -16.54 -11.14 1.50
N LYS A 71 -15.69 -11.20 0.48
CA LYS A 71 -14.24 -11.16 0.69
C LYS A 71 -13.64 -9.90 0.07
N TYR A 72 -12.82 -9.20 0.84
CA TYR A 72 -12.18 -7.98 0.35
C TYR A 72 -10.67 -8.02 0.61
N PHE A 73 -9.94 -7.23 -0.16
CA PHE A 73 -8.48 -7.18 -0.03
C PHE A 73 -8.05 -5.91 0.71
N ARG A 74 -7.20 -6.06 1.71
CA ARG A 74 -6.71 -4.93 2.49
C ARG A 74 -5.19 -4.96 2.59
N ILE A 75 -4.58 -3.78 2.58
CA ILE A 75 -3.13 -3.67 2.68
C ILE A 75 -2.73 -2.71 3.80
N LEU A 76 -1.74 -3.11 4.59
CA LEU A 76 -1.26 -2.28 5.69
C LEU A 76 0.20 -1.87 5.46
N PHE A 77 0.42 -0.56 5.35
CA PHE A 77 1.76 -0.03 5.14
C PHE A 77 2.16 0.91 6.27
N GLN A 78 3.27 0.58 6.93
CA GLN A 78 3.77 1.39 8.03
C GLN A 78 5.27 1.61 7.92
N SER A 79 5.74 2.73 8.46
CA SER A 79 7.16 3.07 8.41
C SER A 79 7.90 2.47 9.60
N LYS A 80 9.20 2.71 9.66
CA LYS A 80 10.04 2.20 10.74
C LYS A 80 9.71 2.89 12.05
N LYS A 81 9.74 4.22 12.04
CA LYS A 81 9.45 5.01 13.23
C LYS A 81 7.94 5.13 13.45
N LEU A 82 7.19 5.13 12.35
CA LEU A 82 5.74 5.24 12.42
C LEU A 82 5.31 6.09 13.61
N SER A 83 5.90 7.27 13.73
CA SER A 83 5.58 8.17 14.83
C SER A 83 4.55 9.22 14.40
N GLU A 84 3.75 9.67 15.34
CA GLU A 84 2.72 10.67 15.06
C GLU A 84 3.35 12.03 14.77
N LEU A 85 4.58 12.23 15.25
CA LEU A 85 5.29 13.48 15.05
C LEU A 85 5.38 13.82 13.56
N HIS A 86 5.99 14.96 13.26
CA HIS A 86 6.14 15.40 11.88
C HIS A 86 4.78 15.68 11.24
N PRO A 87 4.19 16.83 11.60
CA PRO A 87 2.88 17.24 11.07
C PRO A 87 2.94 17.61 9.59
N GLU A 88 4.05 18.21 9.19
CA GLU A 88 4.24 18.62 7.80
C GLU A 88 4.42 17.40 6.89
N GLU A 89 4.96 16.33 7.45
CA GLU A 89 5.19 15.10 6.69
C GLU A 89 3.88 14.35 6.45
N ARG A 90 2.94 14.50 7.39
CA ARG A 90 1.65 13.84 7.27
C ARG A 90 0.99 14.13 5.93
N LYS A 91 0.94 15.42 5.56
CA LYS A 91 0.35 15.83 4.31
C LYS A 91 1.19 15.34 3.13
N LYS A 92 2.49 15.26 3.33
CA LYS A 92 3.40 14.79 2.28
C LYS A 92 3.16 13.32 1.96
N VAL A 93 3.15 12.49 2.99
CA VAL A 93 2.93 11.06 2.82
C VAL A 93 1.51 10.79 2.34
N ARG A 94 0.56 11.57 2.83
CA ARG A 94 -0.84 11.41 2.45
C ARG A 94 -1.04 11.65 0.96
N GLU A 95 -0.56 12.79 0.48
CA GLU A 95 -0.68 13.14 -0.94
C GLU A 95 0.23 12.26 -1.79
N LYS A 96 1.38 11.90 -1.24
CA LYS A 96 2.34 11.06 -1.95
C LYS A 96 1.74 9.71 -2.29
N PHE A 97 1.20 9.03 -1.27
CA PHE A 97 0.59 7.73 -1.46
C PHE A 97 -0.74 7.85 -2.19
N ASP A 98 -1.46 8.94 -1.93
CA ASP A 98 -2.74 9.17 -2.56
C ASP A 98 -2.58 9.37 -4.06
N GLU A 99 -1.66 10.24 -4.45
CA GLU A 99 -1.40 10.52 -5.86
C GLU A 99 -0.80 9.31 -6.55
N ASN A 100 0.22 8.73 -5.94
CA ASN A 100 0.89 7.55 -6.51
C ASN A 100 -0.11 6.41 -6.70
N SER A 101 -1.07 6.31 -5.79
CA SER A 101 -2.08 5.26 -5.87
C SER A 101 -3.11 5.57 -6.95
N ARG A 102 -3.47 6.84 -7.07
CA ARG A 102 -4.43 7.28 -8.07
C ARG A 102 -3.78 7.45 -9.44
N MET A 103 -2.46 7.35 -9.47
CA MET A 103 -1.71 7.50 -10.71
C MET A 103 -2.43 6.80 -11.86
N GLN A 104 -2.42 7.44 -13.03
CA GLN A 104 -3.07 6.88 -14.20
C GLN A 104 -2.57 5.47 -14.48
N TYR A 105 -3.46 4.62 -14.98
CA TYR A 105 -3.11 3.23 -15.28
C TYR A 105 -1.95 3.17 -16.27
N SER A 106 -1.92 4.12 -17.20
CA SER A 106 -0.87 4.17 -18.21
C SER A 106 0.50 4.31 -17.56
N GLU A 107 0.62 5.29 -16.67
CA GLU A 107 1.87 5.53 -15.97
C GLU A 107 2.16 4.44 -14.95
N LEU A 108 1.10 3.90 -14.36
CA LEU A 108 1.23 2.83 -13.38
C LEU A 108 1.78 1.56 -14.02
N MET A 109 1.14 1.12 -15.10
CA MET A 109 1.56 -0.08 -15.81
C MET A 109 2.92 0.12 -16.46
N THR A 110 3.24 1.38 -16.77
CA THR A 110 4.51 1.70 -17.41
C THR A 110 5.65 1.68 -16.39
N LYS A 111 5.36 2.12 -15.17
CA LYS A 111 6.36 2.15 -14.11
C LYS A 111 6.59 0.75 -13.55
N TYR A 112 5.73 -0.19 -13.93
CA TYR A 112 5.85 -1.56 -13.46
C TYR A 112 6.28 -2.49 -14.58
N HIS A 113 5.86 -2.16 -15.81
CA HIS A 113 6.21 -2.97 -16.97
C HIS A 113 7.44 -2.40 -17.68
N ASP A 114 7.65 -1.10 -17.53
CA ASP A 114 8.79 -0.43 -18.14
C ASP A 114 9.93 -0.24 -17.15
N LEU A 115 9.60 0.36 -16.01
CA LEU A 115 10.60 0.60 -14.96
C LEU A 115 11.21 -0.71 -14.49
N LYS A 116 10.53 -1.81 -14.76
CA LYS A 116 11.01 -3.13 -14.36
C LYS A 116 12.32 -3.47 -15.07
N LYS A 117 12.62 -2.72 -16.12
CA LYS A 117 13.84 -2.94 -16.88
C LYS A 117 15.07 -2.80 -16.00
N GLN A 118 15.01 -1.89 -15.03
CA GLN A 118 16.11 -1.66 -14.11
C GLN A 118 15.66 -1.82 -12.67
N GLY A 119 14.60 -2.60 -12.47
CA GLY A 119 14.09 -2.83 -11.12
C GLY A 119 13.62 -4.25 -10.92
N LYS A 120 13.36 -4.61 -9.66
CA LYS A 120 12.89 -5.95 -9.33
C LYS A 120 11.66 -5.89 -8.44
N ILE A 121 10.81 -6.91 -8.54
CA ILE A 121 9.59 -6.96 -7.74
C ILE A 121 9.25 -8.40 -7.37
N LYS A 122 8.73 -8.58 -6.16
CA LYS A 122 8.36 -9.91 -5.67
C LYS A 122 6.87 -9.96 -5.32
N ASP A 123 6.24 -11.08 -5.66
CA ASP A 123 4.82 -11.27 -5.38
C ASP A 123 4.62 -12.22 -4.21
N ARG A 124 4.64 -11.68 -3.00
CA ARG A 124 4.45 -12.49 -1.80
C ARG A 124 3.01 -12.94 -1.66
N PRO A 125 2.80 -14.08 -0.97
CA PRO A 125 1.46 -14.64 -0.75
C PRO A 125 0.63 -13.79 0.20
N VAL A 126 -0.63 -13.59 -0.15
CA VAL A 126 -1.54 -12.80 0.67
C VAL A 126 -1.89 -13.54 1.97
N LYS A 127 -1.89 -12.81 3.07
CA LYS A 127 -2.21 -13.39 4.38
C LYS A 127 -3.71 -13.37 4.62
N GLU A 128 -4.22 -14.46 5.21
CA GLU A 128 -5.64 -14.57 5.51
C GLU A 128 -6.02 -13.71 6.71
N VAL A 129 -7.16 -13.04 6.62
CA VAL A 129 -7.63 -12.18 7.70
C VAL A 129 -8.84 -12.80 8.41
N HIS A 130 -8.88 -12.67 9.72
CA HIS A 130 -9.97 -13.22 10.51
C HIS A 130 -10.68 -12.11 11.29
N GLU A 131 -11.74 -12.48 12.01
CA GLU A 131 -12.51 -11.53 12.79
C GLU A 131 -11.80 -11.19 14.09
N GLU A 132 -11.50 -9.91 14.28
CA GLU A 132 -10.82 -9.46 15.49
C GLU A 132 -10.43 -7.99 15.38
N TYR A 133 -9.60 -7.52 16.32
CA TYR A 133 -9.16 -6.14 16.33
C TYR A 133 -7.64 -6.05 16.37
N ASP A 134 -7.01 -6.13 15.20
CA ASP A 134 -5.56 -6.06 15.10
C ASP A 134 -5.14 -4.94 14.15
N LEU A 135 -5.67 -4.97 12.94
CA LEU A 135 -5.35 -3.96 11.93
C LEU A 135 -5.68 -2.56 12.43
N TRP A 136 -5.53 -1.57 11.56
CA TRP A 136 -5.81 -0.18 11.92
C TRP A 136 -7.28 -0.01 12.30
N GLU A 137 -8.13 -0.89 11.79
CA GLU A 137 -9.56 -0.83 12.07
C GLU A 137 -10.04 0.61 12.13
N ASP A 138 -10.05 1.28 10.98
CA ASP A 138 -10.49 2.67 10.90
C ASP A 138 -10.37 3.18 9.47
N PRO A 139 -9.15 3.18 8.93
CA PRO A 139 -8.87 3.65 7.57
C PRO A 139 -9.46 2.72 6.51
N ILE A 140 -9.14 1.43 6.62
CA ILE A 140 -9.64 0.45 5.67
C ILE A 140 -11.09 0.08 5.97
N TRP A 141 -11.56 0.43 7.17
CA TRP A 141 -12.92 0.13 7.57
C TRP A 141 -13.92 0.94 6.75
N GLN A 142 -13.59 2.20 6.51
CA GLN A 142 -14.47 3.09 5.74
C GLN A 142 -13.99 3.20 4.30
N TYR A 143 -12.84 3.84 4.11
CA TYR A 143 -12.27 4.02 2.78
C TYR A 143 -10.75 4.14 2.84
N ILE A 144 -10.06 3.38 2.01
CA ILE A 144 -8.61 3.40 1.97
C ILE A 144 -8.01 3.20 3.35
N MET A 23 14.51 10.65 1.51
CA MET A 23 13.07 10.72 1.30
C MET A 23 12.34 9.70 2.17
N GLN A 24 12.18 10.02 3.44
CA GLN A 24 11.50 9.13 4.39
C GLN A 24 10.11 9.65 4.73
N LYS A 25 9.19 8.73 4.99
CA LYS A 25 7.82 9.10 5.33
C LYS A 25 7.66 9.24 6.84
N GLY A 26 7.70 8.12 7.54
CA GLY A 26 7.56 8.13 8.99
C GLY A 26 6.10 8.06 9.42
N LEU A 27 5.23 7.65 8.51
CA LEU A 27 3.81 7.55 8.82
C LEU A 27 3.27 6.18 8.41
N GLU A 28 2.14 5.81 9.00
CA GLU A 28 1.51 4.52 8.69
C GLU A 28 0.30 4.70 7.79
N ILE A 29 0.32 4.03 6.65
CA ILE A 29 -0.78 4.11 5.69
C ILE A 29 -1.13 2.75 5.13
N ALA A 30 -2.42 2.50 4.94
CA ALA A 30 -2.89 1.22 4.40
C ALA A 30 -3.84 1.44 3.25
N PHE A 31 -3.81 0.53 2.28
CA PHE A 31 -4.68 0.62 1.11
C PHE A 31 -5.56 -0.63 0.99
N GLN A 32 -6.84 -0.41 0.75
CA GLN A 32 -7.79 -1.52 0.61
C GLN A 32 -8.22 -1.68 -0.85
N THR A 33 -8.60 -2.90 -1.20
CA THR A 33 -9.04 -3.20 -2.56
C THR A 33 -10.30 -4.06 -2.56
N ILE A 34 -11.40 -3.48 -3.04
CA ILE A 34 -12.66 -4.19 -3.10
C ILE A 34 -13.32 -4.04 -4.46
N ASN A 35 -14.52 -4.62 -4.61
CA ASN A 35 -15.25 -4.54 -5.87
C ASN A 35 -14.42 -5.10 -7.02
N GLY A 36 -13.69 -6.19 -6.75
CA GLY A 36 -12.88 -6.79 -7.77
C GLY A 36 -11.63 -7.45 -7.21
N LEU A 37 -10.46 -7.01 -7.68
CA LEU A 37 -9.19 -7.55 -7.22
C LEU A 37 -8.14 -6.46 -7.11
N ASP A 38 -8.13 -5.56 -8.07
CA ASP A 38 -7.18 -4.45 -8.08
C ASP A 38 -5.75 -4.96 -7.84
N GLU A 39 -5.50 -6.20 -8.24
CA GLU A 39 -4.18 -6.80 -8.08
C GLU A 39 -3.12 -6.01 -8.83
N SER A 40 -3.53 -5.35 -9.91
CA SER A 40 -2.62 -4.56 -10.72
C SER A 40 -2.04 -3.40 -9.91
N LEU A 41 -2.91 -2.66 -9.25
CA LEU A 41 -2.49 -1.53 -8.43
C LEU A 41 -1.75 -1.99 -7.18
N VAL A 42 -2.24 -3.06 -6.57
CA VAL A 42 -1.62 -3.61 -5.37
C VAL A 42 -0.23 -4.14 -5.67
N GLN A 43 -0.10 -4.93 -6.74
CA GLN A 43 1.17 -5.50 -7.13
C GLN A 43 2.11 -4.43 -7.66
N ALA A 44 1.54 -3.43 -8.33
CA ALA A 44 2.32 -2.33 -8.89
C ALA A 44 2.82 -1.40 -7.80
N LEU A 45 1.90 -0.92 -6.97
CA LEU A 45 2.25 -0.01 -5.88
C LEU A 45 3.18 -0.69 -4.88
N ALA A 46 2.93 -1.97 -4.61
CA ALA A 46 3.75 -2.73 -3.68
C ALA A 46 5.13 -2.99 -4.26
N GLY A 47 5.18 -3.54 -5.48
CA GLY A 47 6.45 -3.83 -6.12
C GLY A 47 7.27 -2.58 -6.37
N VAL A 48 6.62 -1.52 -6.84
CA VAL A 48 7.29 -0.26 -7.12
C VAL A 48 7.87 0.34 -5.84
N THR A 49 7.08 0.33 -4.78
CA THR A 49 7.50 0.88 -3.50
C THR A 49 8.71 0.13 -2.96
N ALA A 50 8.58 -1.18 -2.84
CA ALA A 50 9.66 -2.02 -2.33
C ALA A 50 10.92 -1.87 -3.19
N SER A 51 10.72 -1.76 -4.50
CA SER A 51 11.84 -1.61 -5.42
C SER A 51 12.44 -0.22 -5.34
N ASP A 52 11.60 0.76 -5.05
CA ASP A 52 12.05 2.15 -4.93
C ASP A 52 12.69 2.40 -3.57
N PHE A 53 12.41 1.51 -2.62
CA PHE A 53 12.96 1.64 -1.28
C PHE A 53 13.96 0.51 -0.98
N PRO A 54 15.16 0.61 -1.58
CA PRO A 54 16.21 -0.37 -1.40
C PRO A 54 16.81 -0.35 0.00
N ASP A 55 16.56 0.75 0.72
CA ASP A 55 17.06 0.89 2.08
C ASP A 55 16.43 -0.13 3.02
N LEU A 56 15.36 -0.77 2.54
CA LEU A 56 14.66 -1.77 3.34
C LEU A 56 14.01 -1.14 4.57
N ASP A 57 13.86 0.18 4.53
CA ASP A 57 13.24 0.90 5.64
C ASP A 57 11.73 0.96 5.49
N ILE A 58 11.23 0.30 4.44
CA ILE A 58 9.79 0.28 4.18
C ILE A 58 9.18 -1.06 4.59
N LYS A 59 8.00 -1.00 5.19
CA LYS A 59 7.31 -2.20 5.63
C LYS A 59 5.98 -2.37 4.89
N TYR A 60 5.91 -3.39 4.05
CA TYR A 60 4.71 -3.66 3.28
C TYR A 60 4.17 -5.06 3.58
N ASN A 61 2.85 -5.21 3.48
CA ASN A 61 2.22 -6.50 3.75
C ASN A 61 0.83 -6.56 3.10
N ILE A 62 0.59 -7.64 2.36
CA ILE A 62 -0.69 -7.82 1.70
C ILE A 62 -1.44 -9.04 2.24
N PHE A 63 -2.63 -8.81 2.78
CA PHE A 63 -3.44 -9.90 3.33
C PHE A 63 -4.87 -9.84 2.79
N LEU A 64 -5.50 -11.00 2.69
CA LEU A 64 -6.86 -11.09 2.18
C LEU A 64 -7.85 -11.26 3.33
N VAL A 65 -8.83 -10.37 3.40
CA VAL A 65 -9.85 -10.44 4.45
C VAL A 65 -11.16 -10.98 3.91
N ASP A 66 -11.74 -11.93 4.62
CA ASP A 66 -13.01 -12.53 4.21
C ASP A 66 -13.97 -12.64 5.39
N LEU A 67 -14.93 -11.73 5.46
CA LEU A 67 -15.91 -11.71 6.53
C LEU A 67 -17.32 -11.55 5.98
N TYR A 68 -18.30 -12.05 6.73
CA TYR A 68 -19.70 -11.96 6.31
C TYR A 68 -19.90 -12.64 4.96
N GLY A 69 -19.15 -13.69 4.71
CA GLY A 69 -19.27 -14.41 3.45
C GLY A 69 -18.79 -13.60 2.27
N GLN A 70 -18.15 -12.47 2.55
CA GLN A 70 -17.65 -11.59 1.50
C GLN A 70 -16.13 -11.61 1.46
N LYS A 71 -15.57 -11.58 0.26
CA LYS A 71 -14.12 -11.61 0.08
C LYS A 71 -13.61 -10.22 -0.30
N TYR A 72 -12.59 -9.75 0.41
CA TYR A 72 -12.01 -8.44 0.15
C TYR A 72 -10.50 -8.47 0.38
N PHE A 73 -9.77 -7.68 -0.41
CA PHE A 73 -8.32 -7.60 -0.28
C PHE A 73 -7.90 -6.31 0.39
N ARG A 74 -6.84 -6.38 1.20
CA ARG A 74 -6.34 -5.21 1.92
C ARG A 74 -4.82 -5.27 2.06
N ILE A 75 -4.18 -4.11 2.04
CA ILE A 75 -2.74 -4.03 2.16
C ILE A 75 -2.33 -3.02 3.23
N LEU A 76 -1.33 -3.37 4.04
CA LEU A 76 -0.85 -2.49 5.09
C LEU A 76 0.59 -2.07 4.83
N PHE A 77 0.85 -0.76 4.89
CA PHE A 77 2.18 -0.23 4.66
C PHE A 77 2.61 0.68 5.82
N GLN A 78 3.70 0.31 6.48
CA GLN A 78 4.21 1.10 7.60
C GLN A 78 5.61 1.62 7.30
N SER A 79 5.95 2.77 7.89
CA SER A 79 7.25 3.37 7.68
C SER A 79 8.25 2.88 8.73
N LYS A 80 9.48 3.38 8.65
CA LYS A 80 10.53 3.00 9.59
C LYS A 80 10.26 3.58 10.97
N LYS A 81 10.03 4.89 11.02
CA LYS A 81 9.76 5.57 12.28
C LYS A 81 8.27 5.55 12.59
N LEU A 82 7.44 5.56 11.55
CA LEU A 82 6.00 5.53 11.72
C LEU A 82 5.59 6.26 13.00
N SER A 83 6.08 7.49 13.16
CA SER A 83 5.76 8.29 14.34
C SER A 83 4.72 9.34 14.01
N GLU A 84 3.91 9.70 15.01
CA GLU A 84 2.87 10.70 14.83
C GLU A 84 3.47 12.09 14.65
N LEU A 85 4.70 12.27 15.14
CA LEU A 85 5.39 13.55 15.03
C LEU A 85 5.42 14.04 13.59
N HIS A 86 5.93 15.25 13.38
CA HIS A 86 6.02 15.83 12.05
C HIS A 86 4.63 15.95 11.41
N PRO A 87 3.91 17.01 11.78
CA PRO A 87 2.56 17.26 11.25
C PRO A 87 2.57 17.65 9.78
N GLU A 88 3.71 18.19 9.32
CA GLU A 88 3.84 18.60 7.93
C GLU A 88 4.04 17.39 7.02
N GLU A 89 4.65 16.34 7.57
CA GLU A 89 4.89 15.12 6.81
C GLU A 89 3.61 14.32 6.62
N ARG A 90 2.71 14.42 7.60
CA ARG A 90 1.44 13.71 7.54
C ARG A 90 0.72 13.97 6.22
N LYS A 91 0.49 15.24 5.93
CA LYS A 91 -0.18 15.63 4.69
C LYS A 91 0.65 15.25 3.48
N LYS A 92 1.96 15.27 3.64
CA LYS A 92 2.87 14.94 2.55
C LYS A 92 2.69 13.49 2.11
N VAL A 93 2.73 12.57 3.07
CA VAL A 93 2.56 11.15 2.78
C VAL A 93 1.13 10.84 2.37
N ARG A 94 0.17 11.56 2.97
CA ARG A 94 -1.24 11.37 2.67
C ARG A 94 -1.52 11.65 1.19
N GLU A 95 -1.12 12.82 0.72
CA GLU A 95 -1.33 13.21 -0.67
C GLU A 95 -0.41 12.42 -1.60
N LYS A 96 0.80 12.13 -1.12
CA LYS A 96 1.77 11.38 -1.90
C LYS A 96 1.24 10.00 -2.25
N PHE A 97 0.80 9.26 -1.23
CA PHE A 97 0.27 7.92 -1.42
C PHE A 97 -1.10 7.97 -2.09
N ASP A 98 -1.87 8.98 -1.76
CA ASP A 98 -3.21 9.15 -2.33
C ASP A 98 -3.13 9.37 -3.84
N GLU A 99 -2.27 10.30 -4.26
CA GLU A 99 -2.10 10.61 -5.67
C GLU A 99 -1.43 9.45 -6.40
N ASN A 100 -0.34 8.96 -5.83
CA ASN A 100 0.40 7.85 -6.43
C ASN A 100 -0.51 6.66 -6.67
N SER A 101 -1.45 6.43 -5.75
CA SER A 101 -2.38 5.32 -5.86
C SER A 101 -3.48 5.62 -6.88
N ARG A 102 -3.94 6.87 -6.89
CA ARG A 102 -4.98 7.29 -7.82
C ARG A 102 -4.41 7.52 -9.22
N MET A 103 -3.09 7.49 -9.31
CA MET A 103 -2.42 7.68 -10.59
C MET A 103 -3.12 6.93 -11.71
N GLN A 104 -3.17 7.53 -12.89
CA GLN A 104 -3.83 6.90 -14.04
C GLN A 104 -3.10 5.62 -14.44
N TYR A 105 -3.75 4.82 -15.28
CA TYR A 105 -3.18 3.56 -15.74
C TYR A 105 -1.83 3.79 -16.42
N SER A 106 -1.73 4.92 -17.11
CA SER A 106 -0.49 5.26 -17.82
C SER A 106 0.69 5.31 -16.86
N GLU A 107 0.53 6.08 -15.78
CA GLU A 107 1.58 6.22 -14.78
C GLU A 107 1.72 4.94 -13.96
N LEU A 108 0.61 4.26 -13.74
CA LEU A 108 0.61 3.02 -12.97
C LEU A 108 1.35 1.91 -13.71
N MET A 109 1.20 1.88 -15.03
CA MET A 109 1.87 0.88 -15.85
C MET A 109 3.30 1.31 -16.18
N THR A 110 3.52 2.61 -16.25
CA THR A 110 4.85 3.15 -16.55
C THR A 110 5.81 2.92 -15.39
N LYS A 111 5.37 3.28 -14.19
CA LYS A 111 6.20 3.12 -13.00
C LYS A 111 6.49 1.65 -12.74
N TYR A 112 5.79 0.78 -13.46
CA TYR A 112 5.98 -0.67 -13.31
C TYR A 112 6.81 -1.23 -14.47
N HIS A 113 6.48 -0.80 -15.68
CA HIS A 113 7.19 -1.27 -16.86
C HIS A 113 8.43 -0.42 -17.12
N ASP A 114 8.54 0.70 -16.40
CA ASP A 114 9.68 1.59 -16.55
C ASP A 114 10.69 1.38 -15.43
N LEU A 115 10.20 1.17 -14.22
CA LEU A 115 11.06 0.96 -13.07
C LEU A 115 11.56 -0.48 -13.02
N LYS A 116 11.02 -1.32 -13.91
CA LYS A 116 11.40 -2.73 -13.97
C LYS A 116 12.89 -2.87 -14.28
N LYS A 117 13.50 -1.79 -14.76
CA LYS A 117 14.92 -1.79 -15.10
C LYS A 117 15.74 -2.37 -13.95
N GLN A 118 15.47 -1.90 -12.74
CA GLN A 118 16.19 -2.36 -11.56
C GLN A 118 15.25 -3.06 -10.58
N GLY A 119 14.20 -3.68 -11.13
CA GLY A 119 13.23 -4.37 -10.29
C GLY A 119 11.80 -3.99 -10.61
N LYS A 120 11.03 -4.95 -11.09
CA LYS A 120 9.64 -4.71 -11.44
C LYS A 120 8.75 -4.74 -10.19
N ILE A 121 8.51 -5.93 -9.67
CA ILE A 121 7.68 -6.09 -8.47
C ILE A 121 8.11 -7.30 -7.67
N LYS A 122 7.54 -7.44 -6.47
CA LYS A 122 7.87 -8.56 -5.59
C LYS A 122 6.64 -9.43 -5.34
N ASP A 123 6.84 -10.74 -5.32
CA ASP A 123 5.75 -11.68 -5.09
C ASP A 123 5.81 -12.24 -3.67
N ARG A 124 5.12 -11.56 -2.75
CA ARG A 124 5.10 -11.98 -1.36
C ARG A 124 3.84 -12.79 -1.06
N PRO A 125 3.91 -13.65 -0.03
CA PRO A 125 2.78 -14.49 0.39
C PRO A 125 1.65 -13.69 1.01
N VAL A 126 0.42 -14.03 0.66
CA VAL A 126 -0.76 -13.34 1.19
C VAL A 126 -1.15 -13.89 2.55
N LYS A 127 -1.48 -12.99 3.47
CA LYS A 127 -1.88 -13.40 4.82
C LYS A 127 -3.39 -13.33 4.98
N GLU A 128 -3.93 -14.24 5.78
CA GLU A 128 -5.38 -14.28 6.01
C GLU A 128 -5.78 -13.30 7.10
N VAL A 129 -6.88 -12.59 6.87
CA VAL A 129 -7.38 -11.61 7.84
C VAL A 129 -8.66 -12.10 8.51
N HIS A 130 -8.80 -11.82 9.80
CA HIS A 130 -9.97 -12.23 10.55
C HIS A 130 -10.71 -11.02 11.10
N GLU A 131 -11.77 -11.28 11.87
CA GLU A 131 -12.56 -10.20 12.45
C GLU A 131 -11.82 -9.52 13.59
N GLU A 132 -12.50 -8.64 14.30
CA GLU A 132 -11.90 -7.92 15.42
C GLU A 132 -10.86 -6.92 14.92
N TYR A 133 -10.11 -6.34 15.85
CA TYR A 133 -9.07 -5.37 15.51
C TYR A 133 -7.96 -6.03 14.70
N ASP A 134 -8.11 -6.04 13.38
CA ASP A 134 -7.11 -6.63 12.50
C ASP A 134 -6.27 -5.55 11.84
N LEU A 135 -6.89 -4.77 10.96
CA LEU A 135 -6.18 -3.70 10.26
C LEU A 135 -6.15 -2.43 11.10
N TRP A 136 -5.77 -1.32 10.48
CA TRP A 136 -5.70 -0.04 11.16
C TRP A 136 -7.07 0.37 11.70
N GLU A 137 -8.12 -0.04 10.99
CA GLU A 137 -9.49 0.28 11.40
C GLU A 137 -9.69 1.80 11.48
N ASP A 138 -9.49 2.47 10.35
CA ASP A 138 -9.66 3.91 10.28
C ASP A 138 -9.39 4.43 8.87
N PRO A 139 -8.15 4.21 8.39
CA PRO A 139 -7.73 4.64 7.05
C PRO A 139 -8.41 3.83 5.94
N ILE A 140 -8.24 2.52 5.98
CA ILE A 140 -8.83 1.64 4.99
C ILE A 140 -10.30 1.38 5.29
N TRP A 141 -10.71 1.72 6.51
CA TRP A 141 -12.10 1.51 6.93
C TRP A 141 -13.01 2.59 6.34
N GLN A 142 -12.53 3.82 6.33
CA GLN A 142 -13.30 4.94 5.80
C GLN A 142 -13.09 5.07 4.29
N TYR A 143 -12.39 4.11 3.71
CA TYR A 143 -12.13 4.11 2.27
C TYR A 143 -11.29 5.31 1.88
N ILE A 144 -10.45 5.14 0.86
CA ILE A 144 -9.59 6.22 0.38
C ILE A 144 -10.40 7.48 0.10
N MET A 23 9.24 15.00 2.52
CA MET A 23 8.40 14.16 3.37
C MET A 23 7.41 13.36 2.53
N GLN A 24 7.90 12.76 1.45
CA GLN A 24 7.06 11.97 0.56
C GLN A 24 6.75 10.60 1.17
N LYS A 25 7.75 10.00 1.81
CA LYS A 25 7.59 8.70 2.43
C LYS A 25 8.04 8.73 3.89
N GLY A 26 8.09 7.56 4.51
CA GLY A 26 8.51 7.48 5.90
C GLY A 26 7.35 7.53 6.87
N LEU A 27 6.15 7.20 6.37
CA LEU A 27 4.95 7.22 7.20
C LEU A 27 4.13 5.95 6.98
N GLU A 28 3.22 5.67 7.91
CA GLU A 28 2.37 4.49 7.82
C GLU A 28 1.05 4.82 7.12
N ILE A 29 0.72 4.06 6.08
CA ILE A 29 -0.51 4.28 5.34
C ILE A 29 -1.14 2.96 4.92
N ALA A 30 -2.46 2.93 4.88
CA ALA A 30 -3.18 1.72 4.48
C ALA A 30 -3.98 1.94 3.20
N PHE A 31 -4.05 0.91 2.36
CA PHE A 31 -4.79 1.00 1.10
C PHE A 31 -5.74 -0.18 0.95
N GLN A 32 -6.94 0.11 0.46
CA GLN A 32 -7.95 -0.93 0.26
C GLN A 32 -7.95 -1.41 -1.19
N THR A 33 -8.48 -2.61 -1.40
CA THR A 33 -8.55 -3.19 -2.74
C THR A 33 -9.51 -4.38 -2.78
N ILE A 34 -10.21 -4.53 -3.90
CA ILE A 34 -11.15 -5.63 -4.06
C ILE A 34 -10.98 -6.30 -5.42
N ASN A 35 -11.09 -5.51 -6.48
CA ASN A 35 -10.94 -6.03 -7.84
C ASN A 35 -10.90 -4.88 -8.85
N GLY A 36 -10.94 -5.25 -10.13
CA GLY A 36 -10.89 -4.25 -11.18
C GLY A 36 -9.49 -3.77 -11.48
N LEU A 37 -9.13 -2.62 -10.91
CA LEU A 37 -7.79 -2.05 -11.13
C LEU A 37 -7.02 -1.99 -9.81
N ASP A 38 -7.74 -2.11 -8.70
CA ASP A 38 -7.11 -2.08 -7.38
C ASP A 38 -5.99 -3.11 -7.29
N GLU A 39 -6.29 -4.34 -7.67
CA GLU A 39 -5.30 -5.41 -7.62
C GLU A 39 -4.03 -5.01 -8.35
N SER A 40 -4.18 -4.48 -9.55
CA SER A 40 -3.05 -4.05 -10.36
C SER A 40 -2.23 -2.99 -9.64
N LEU A 41 -2.92 -2.04 -9.01
CA LEU A 41 -2.25 -0.97 -8.28
C LEU A 41 -1.56 -1.52 -7.03
N VAL A 42 -2.18 -2.51 -6.40
CA VAL A 42 -1.61 -3.12 -5.20
C VAL A 42 -0.29 -3.81 -5.51
N GLN A 43 -0.31 -4.71 -6.49
CA GLN A 43 0.89 -5.44 -6.87
C GLN A 43 1.95 -4.49 -7.43
N ALA A 44 1.52 -3.56 -8.27
CA ALA A 44 2.43 -2.60 -8.87
C ALA A 44 3.13 -1.77 -7.80
N LEU A 45 2.35 -1.18 -6.90
CA LEU A 45 2.89 -0.35 -5.84
C LEU A 45 3.74 -1.19 -4.89
N ALA A 46 3.36 -2.46 -4.73
CA ALA A 46 4.10 -3.37 -3.85
C ALA A 46 5.50 -3.61 -4.36
N GLY A 47 5.62 -3.95 -5.64
CA GLY A 47 6.91 -4.21 -6.23
C GLY A 47 7.76 -2.95 -6.34
N VAL A 48 7.17 -1.88 -6.86
CA VAL A 48 7.88 -0.61 -7.01
C VAL A 48 8.39 -0.10 -5.66
N THR A 49 7.50 -0.04 -4.68
CA THR A 49 7.85 0.43 -3.35
C THR A 49 8.91 -0.46 -2.72
N ALA A 50 8.62 -1.75 -2.65
CA ALA A 50 9.55 -2.71 -2.07
C ALA A 50 10.90 -2.67 -2.78
N SER A 51 10.86 -2.47 -4.10
CA SER A 51 12.08 -2.42 -4.90
C SER A 51 12.81 -1.10 -4.68
N ASP A 52 12.05 -0.05 -4.40
CA ASP A 52 12.62 1.28 -4.17
C ASP A 52 13.14 1.41 -2.75
N PHE A 53 12.71 0.50 -1.88
CA PHE A 53 13.14 0.51 -0.49
C PHE A 53 13.79 -0.83 -0.11
N PRO A 54 14.88 -1.17 -0.81
CA PRO A 54 15.60 -2.43 -0.56
C PRO A 54 16.35 -2.40 0.76
N ASP A 55 16.94 -1.25 1.09
CA ASP A 55 17.68 -1.10 2.34
C ASP A 55 16.88 -0.32 3.36
N LEU A 56 15.81 0.31 2.90
CA LEU A 56 14.94 1.10 3.78
C LEU A 56 14.14 0.19 4.71
N ASP A 57 14.21 -1.11 4.47
CA ASP A 57 13.49 -2.08 5.29
C ASP A 57 12.04 -1.66 5.48
N ILE A 58 11.27 -1.70 4.39
CA ILE A 58 9.86 -1.32 4.43
C ILE A 58 9.04 -2.36 5.20
N LYS A 59 8.09 -1.89 6.00
CA LYS A 59 7.23 -2.77 6.78
C LYS A 59 5.82 -2.79 6.21
N TYR A 60 5.68 -3.28 4.98
CA TYR A 60 4.39 -3.36 4.33
C TYR A 60 4.03 -4.81 3.98
N ASN A 61 2.79 -5.02 3.57
CA ASN A 61 2.32 -6.36 3.22
C ASN A 61 0.87 -6.32 2.74
N ILE A 62 0.40 -7.44 2.19
CA ILE A 62 -0.96 -7.53 1.71
C ILE A 62 -1.68 -8.73 2.32
N PHE A 63 -2.84 -8.48 2.91
CA PHE A 63 -3.62 -9.54 3.54
C PHE A 63 -5.08 -9.50 3.06
N LEU A 64 -5.68 -10.67 2.91
CA LEU A 64 -7.06 -10.76 2.45
C LEU A 64 -8.00 -11.07 3.62
N VAL A 65 -8.94 -10.17 3.86
CA VAL A 65 -9.91 -10.33 4.94
C VAL A 65 -11.25 -10.82 4.42
N ASP A 66 -11.82 -11.82 5.09
CA ASP A 66 -13.10 -12.38 4.68
C ASP A 66 -14.01 -12.58 5.90
N LEU A 67 -15.00 -11.70 6.04
CA LEU A 67 -15.93 -11.79 7.16
C LEU A 67 -17.30 -11.25 6.75
N TYR A 68 -18.33 -11.66 7.50
CA TYR A 68 -19.69 -11.22 7.23
C TYR A 68 -20.12 -11.62 5.82
N GLY A 69 -19.59 -12.75 5.34
CA GLY A 69 -19.94 -13.23 4.02
C GLY A 69 -19.44 -12.30 2.93
N GLN A 70 -18.53 -11.41 3.28
CA GLN A 70 -17.99 -10.46 2.32
C GLN A 70 -16.47 -10.59 2.21
N LYS A 71 -15.96 -10.55 0.98
CA LYS A 71 -14.53 -10.66 0.75
C LYS A 71 -13.92 -9.33 0.36
N TYR A 72 -12.82 -8.97 1.01
CA TYR A 72 -12.14 -7.70 0.73
C TYR A 72 -10.65 -7.81 1.01
N PHE A 73 -9.85 -7.18 0.15
CA PHE A 73 -8.40 -7.20 0.31
C PHE A 73 -7.88 -5.88 0.84
N ARG A 74 -7.04 -5.94 1.87
CA ARG A 74 -6.48 -4.73 2.47
C ARG A 74 -4.96 -4.83 2.58
N ILE A 75 -4.29 -3.72 2.31
CA ILE A 75 -2.83 -3.68 2.38
C ILE A 75 -2.35 -2.69 3.44
N LEU A 76 -1.34 -3.08 4.20
CA LEU A 76 -0.79 -2.23 5.24
C LEU A 76 0.68 -1.90 4.96
N PHE A 77 0.99 -0.61 4.96
CA PHE A 77 2.36 -0.16 4.71
C PHE A 77 2.84 0.77 5.82
N GLN A 78 3.92 0.37 6.50
CA GLN A 78 4.48 1.16 7.59
C GLN A 78 5.96 1.40 7.37
N SER A 79 6.44 2.57 7.78
CA SER A 79 7.84 2.93 7.64
C SER A 79 8.58 2.82 8.97
N LYS A 80 9.88 3.10 8.95
CA LYS A 80 10.69 3.04 10.15
C LYS A 80 10.86 4.43 10.76
N LYS A 81 10.91 5.45 9.91
CA LYS A 81 11.07 6.82 10.38
C LYS A 81 9.73 7.41 10.80
N LEU A 82 8.66 6.64 10.61
CA LEU A 82 7.32 7.08 10.98
C LEU A 82 7.33 7.75 12.35
N SER A 83 6.68 8.90 12.45
CA SER A 83 6.62 9.64 13.70
C SER A 83 5.20 9.63 14.25
N GLU A 84 5.09 9.65 15.59
CA GLU A 84 3.79 9.64 16.24
C GLU A 84 3.11 11.00 16.11
N LEU A 85 3.89 12.06 16.25
CA LEU A 85 3.37 13.42 16.15
C LEU A 85 3.72 14.04 14.81
N HIS A 86 3.52 15.35 14.70
CA HIS A 86 3.82 16.07 13.47
C HIS A 86 2.91 15.61 12.34
N PRO A 87 1.66 16.08 12.35
CA PRO A 87 0.67 15.73 11.33
C PRO A 87 0.99 16.35 9.97
N GLU A 88 1.98 17.23 9.95
CA GLU A 88 2.38 17.90 8.71
C GLU A 88 2.86 16.88 7.69
N GLU A 89 3.69 15.94 8.13
CA GLU A 89 4.22 14.91 7.24
C GLU A 89 3.16 13.86 6.92
N ARG A 90 2.30 13.59 7.89
CA ARG A 90 1.23 12.61 7.72
C ARG A 90 0.32 13.00 6.57
N LYS A 91 -0.13 14.25 6.57
CA LYS A 91 -1.02 14.76 5.52
C LYS A 91 -0.29 14.81 4.18
N LYS A 92 0.97 15.22 4.21
CA LYS A 92 1.77 15.32 3.00
C LYS A 92 1.82 13.98 2.27
N VAL A 93 2.20 12.93 2.98
CA VAL A 93 2.27 11.59 2.41
C VAL A 93 0.89 11.07 2.03
N ARG A 94 -0.11 11.45 2.81
CA ARG A 94 -1.49 11.02 2.56
C ARG A 94 -1.92 11.43 1.15
N GLU A 95 -1.77 12.70 0.83
CA GLU A 95 -2.16 13.21 -0.48
C GLU A 95 -1.21 12.69 -1.56
N LYS A 96 0.08 12.69 -1.27
CA LYS A 96 1.09 12.22 -2.20
C LYS A 96 0.78 10.79 -2.65
N PHE A 97 0.62 9.90 -1.68
CA PHE A 97 0.33 8.50 -1.97
C PHE A 97 -1.04 8.34 -2.62
N ASP A 98 -1.98 9.21 -2.23
CA ASP A 98 -3.33 9.18 -2.78
C ASP A 98 -3.30 9.33 -4.30
N GLU A 99 -2.62 10.36 -4.78
CA GLU A 99 -2.52 10.62 -6.20
C GLU A 99 -1.66 9.55 -6.89
N ASN A 100 -0.52 9.23 -6.28
CA ASN A 100 0.38 8.24 -6.84
C ASN A 100 -0.36 6.94 -7.13
N SER A 101 -1.28 6.57 -6.24
CA SER A 101 -2.06 5.35 -6.41
C SER A 101 -3.14 5.53 -7.47
N ARG A 102 -3.82 6.67 -7.43
CA ARG A 102 -4.87 6.97 -8.38
C ARG A 102 -4.29 7.25 -9.76
N MET A 103 -2.97 7.36 -9.84
CA MET A 103 -2.29 7.63 -11.10
C MET A 103 -2.94 6.84 -12.24
N GLN A 104 -2.90 7.42 -13.44
CA GLN A 104 -3.48 6.78 -14.61
C GLN A 104 -2.86 5.41 -14.84
N TYR A 105 -3.49 4.61 -15.70
CA TYR A 105 -2.99 3.27 -16.01
C TYR A 105 -1.63 3.34 -16.69
N SER A 106 -1.44 4.36 -17.51
CA SER A 106 -0.18 4.54 -18.23
C SER A 106 1.00 4.65 -17.25
N GLU A 107 0.87 5.56 -16.29
CA GLU A 107 1.91 5.76 -15.30
C GLU A 107 2.04 4.55 -14.38
N LEU A 108 0.92 3.87 -14.15
CA LEU A 108 0.91 2.69 -13.29
C LEU A 108 1.61 1.52 -13.97
N MET A 109 1.38 1.37 -15.27
CA MET A 109 2.00 0.28 -16.02
C MET A 109 3.44 0.62 -16.39
N THR A 110 3.75 1.92 -16.44
CA THR A 110 5.09 2.37 -16.77
C THR A 110 6.03 2.21 -15.59
N LYS A 111 5.60 2.67 -14.42
CA LYS A 111 6.39 2.57 -13.20
C LYS A 111 6.63 1.12 -12.83
N TYR A 112 5.92 0.21 -13.48
CA TYR A 112 6.05 -1.22 -13.22
C TYR A 112 6.77 -1.93 -14.36
N HIS A 113 6.38 -1.59 -15.59
CA HIS A 113 6.99 -2.20 -16.77
C HIS A 113 8.30 -1.49 -17.12
N ASP A 114 8.51 -0.31 -16.55
CA ASP A 114 9.71 0.45 -16.80
C ASP A 114 10.73 0.26 -15.68
N LEU A 115 10.30 0.50 -14.45
CA LEU A 115 11.17 0.34 -13.29
C LEU A 115 11.77 -1.06 -13.24
N LYS A 116 11.08 -2.01 -13.86
CA LYS A 116 11.54 -3.39 -13.88
C LYS A 116 12.83 -3.52 -14.69
N LYS A 117 13.17 -2.47 -15.42
CA LYS A 117 14.37 -2.46 -16.25
C LYS A 117 15.63 -2.54 -15.37
N GLN A 118 15.58 -1.88 -14.21
CA GLN A 118 16.70 -1.88 -13.29
C GLN A 118 16.33 -2.57 -11.98
N GLY A 119 15.05 -2.56 -11.66
CA GLY A 119 14.58 -3.19 -10.43
C GLY A 119 13.84 -4.48 -10.68
N LYS A 120 13.14 -4.98 -9.67
CA LYS A 120 12.39 -6.22 -9.79
C LYS A 120 11.17 -6.20 -8.87
N ILE A 121 10.32 -7.21 -9.01
CA ILE A 121 9.12 -7.31 -8.19
C ILE A 121 8.78 -8.77 -7.88
N LYS A 122 8.32 -9.01 -6.66
CA LYS A 122 7.96 -10.36 -6.23
C LYS A 122 6.53 -10.40 -5.71
N ASP A 123 5.82 -11.48 -6.03
CA ASP A 123 4.44 -11.65 -5.59
C ASP A 123 4.36 -12.58 -4.40
N ARG A 124 4.37 -12.01 -3.19
CA ARG A 124 4.30 -12.79 -1.97
C ARG A 124 2.87 -13.26 -1.71
N PRO A 125 2.74 -14.32 -0.89
CA PRO A 125 1.43 -14.88 -0.54
C PRO A 125 0.62 -13.96 0.37
N VAL A 126 -0.65 -13.79 0.04
CA VAL A 126 -1.53 -12.94 0.83
C VAL A 126 -1.83 -13.56 2.19
N LYS A 127 -1.79 -12.73 3.24
CA LYS A 127 -2.06 -13.20 4.58
C LYS A 127 -3.56 -13.14 4.89
N GLU A 128 -4.08 -14.21 5.50
CA GLU A 128 -5.49 -14.29 5.84
C GLU A 128 -5.79 -13.42 7.07
N VAL A 129 -6.90 -12.69 7.01
CA VAL A 129 -7.30 -11.82 8.11
C VAL A 129 -8.53 -12.37 8.82
N HIS A 130 -8.56 -12.27 10.15
CA HIS A 130 -9.68 -12.75 10.93
C HIS A 130 -10.40 -11.60 11.61
N GLU A 131 -11.50 -11.90 12.28
CA GLU A 131 -12.28 -10.89 12.98
C GLU A 131 -11.65 -10.54 14.32
N GLU A 132 -11.27 -9.28 14.47
CA GLU A 132 -10.64 -8.81 15.71
C GLU A 132 -10.07 -7.41 15.54
N TYR A 133 -9.28 -6.98 16.51
CA TYR A 133 -8.68 -5.65 16.47
C TYR A 133 -7.15 -5.75 16.44
N ASP A 134 -6.60 -5.89 15.24
CA ASP A 134 -5.16 -5.98 15.06
C ASP A 134 -4.64 -4.91 14.12
N LEU A 135 -5.01 -5.02 12.84
CA LEU A 135 -4.58 -4.06 11.83
C LEU A 135 -5.06 -2.66 12.18
N TRP A 136 -4.94 -1.74 11.23
CA TRP A 136 -5.37 -0.36 11.44
C TRP A 136 -6.85 -0.29 11.76
N GLU A 137 -7.65 -1.07 11.04
CA GLU A 137 -9.09 -1.09 11.26
C GLU A 137 -9.64 0.32 11.48
N ASP A 138 -9.68 1.09 10.40
CA ASP A 138 -10.18 2.47 10.47
C ASP A 138 -10.13 3.13 9.10
N PRO A 139 -8.91 3.25 8.54
CA PRO A 139 -8.70 3.87 7.22
C PRO A 139 -9.26 3.02 6.09
N ILE A 140 -8.89 1.74 6.06
CA ILE A 140 -9.35 0.82 5.04
C ILE A 140 -10.77 0.33 5.33
N TRP A 141 -11.22 0.56 6.55
CA TRP A 141 -12.56 0.15 6.96
C TRP A 141 -13.60 1.20 6.56
N GLN A 142 -13.14 2.44 6.41
CA GLN A 142 -14.03 3.54 6.03
C GLN A 142 -13.37 4.46 5.01
N TYR A 143 -12.26 5.07 5.41
CA TYR A 143 -11.54 5.98 4.53
C TYR A 143 -11.27 5.32 3.18
N ILE A 144 -11.03 6.15 2.16
CA ILE A 144 -10.75 5.65 0.82
C ILE A 144 -11.83 4.68 0.36
N MET A 23 14.73 5.82 0.86
CA MET A 23 14.32 6.96 1.66
C MET A 23 13.08 6.64 2.49
N GLN A 24 13.26 6.49 3.80
CA GLN A 24 12.16 6.18 4.69
C GLN A 24 11.01 7.15 4.50
N LYS A 25 9.81 6.74 4.89
CA LYS A 25 8.63 7.57 4.76
C LYS A 25 8.37 8.36 6.05
N GLY A 26 8.09 7.64 7.13
CA GLY A 26 7.83 8.29 8.41
C GLY A 26 6.35 8.38 8.72
N LEU A 27 5.56 7.55 8.07
CA LEU A 27 4.11 7.54 8.28
C LEU A 27 3.51 6.19 7.89
N GLU A 28 2.44 5.80 8.59
CA GLU A 28 1.78 4.53 8.32
C GLU A 28 0.57 4.74 7.41
N ILE A 29 0.48 3.93 6.36
CA ILE A 29 -0.64 4.02 5.42
C ILE A 29 -1.06 2.64 4.94
N ALA A 30 -2.37 2.47 4.72
CA ALA A 30 -2.91 1.21 4.26
C ALA A 30 -3.83 1.40 3.06
N PHE A 31 -3.83 0.44 2.16
CA PHE A 31 -4.67 0.51 0.96
C PHE A 31 -5.65 -0.66 0.91
N GLN A 32 -6.94 -0.36 0.94
CA GLN A 32 -7.97 -1.39 0.89
C GLN A 32 -8.44 -1.63 -0.54
N THR A 33 -8.57 -2.89 -0.91
CA THR A 33 -9.01 -3.26 -2.25
C THR A 33 -10.28 -4.10 -2.20
N ILE A 34 -11.38 -3.54 -2.71
CA ILE A 34 -12.65 -4.24 -2.72
C ILE A 34 -13.20 -4.35 -4.13
N ASN A 35 -12.56 -3.66 -5.08
CA ASN A 35 -12.99 -3.68 -6.47
C ASN A 35 -12.27 -4.78 -7.24
N GLY A 36 -12.47 -4.81 -8.55
CA GLY A 36 -11.84 -5.82 -9.39
C GLY A 36 -10.62 -5.30 -10.12
N LEU A 37 -9.80 -6.20 -10.63
CA LEU A 37 -8.59 -5.82 -11.34
C LEU A 37 -7.75 -4.84 -10.53
N ASP A 38 -7.83 -4.95 -9.21
CA ASP A 38 -7.09 -4.07 -8.32
C ASP A 38 -5.67 -4.60 -8.11
N GLU A 39 -5.48 -5.89 -8.35
CA GLU A 39 -4.18 -6.52 -8.18
C GLU A 39 -3.09 -5.73 -8.90
N SER A 40 -3.46 -5.09 -10.01
CA SER A 40 -2.53 -4.30 -10.79
C SER A 40 -1.91 -3.19 -9.93
N LEU A 41 -2.75 -2.49 -9.19
CA LEU A 41 -2.29 -1.40 -8.33
C LEU A 41 -1.55 -1.96 -7.10
N VAL A 42 -2.12 -3.00 -6.50
CA VAL A 42 -1.51 -3.63 -5.33
C VAL A 42 -0.09 -4.09 -5.62
N GLN A 43 0.07 -4.81 -6.72
CA GLN A 43 1.38 -5.33 -7.10
C GLN A 43 2.29 -4.18 -7.57
N ALA A 44 1.76 -3.33 -8.43
CA ALA A 44 2.52 -2.19 -8.95
C ALA A 44 3.04 -1.32 -7.82
N LEU A 45 2.14 -0.90 -6.95
CA LEU A 45 2.50 -0.06 -5.81
C LEU A 45 3.46 -0.79 -4.87
N ALA A 46 3.26 -2.09 -4.74
CA ALA A 46 4.10 -2.91 -3.87
C ALA A 46 5.53 -2.96 -4.39
N GLY A 47 5.69 -3.33 -5.66
CA GLY A 47 7.02 -3.41 -6.24
C GLY A 47 7.71 -2.06 -6.31
N VAL A 48 6.96 -1.04 -6.71
CA VAL A 48 7.51 0.31 -6.81
C VAL A 48 8.00 0.81 -5.46
N THR A 49 7.18 0.62 -4.43
CA THR A 49 7.52 1.05 -3.08
C THR A 49 8.78 0.35 -2.59
N ALA A 50 8.78 -0.98 -2.64
CA ALA A 50 9.92 -1.76 -2.20
C ALA A 50 11.18 -1.37 -2.96
N SER A 51 11.03 -1.07 -4.25
CA SER A 51 12.16 -0.68 -5.08
C SER A 51 12.60 0.75 -4.77
N ASP A 52 11.63 1.60 -4.42
CA ASP A 52 11.91 2.99 -4.09
C ASP A 52 12.48 3.12 -2.68
N PHE A 53 12.28 2.07 -1.88
CA PHE A 53 12.77 2.06 -0.50
C PHE A 53 13.86 1.02 -0.32
N PRO A 54 15.05 1.28 -0.89
CA PRO A 54 16.20 0.38 -0.80
C PRO A 54 16.78 0.32 0.60
N ASP A 55 16.42 1.28 1.43
CA ASP A 55 16.91 1.34 2.80
C ASP A 55 16.36 0.18 3.61
N LEU A 56 15.38 -0.53 3.06
CA LEU A 56 14.77 -1.67 3.73
C LEU A 56 14.00 -1.22 4.97
N ASP A 57 13.67 0.07 5.02
CA ASP A 57 12.93 0.63 6.15
C ASP A 57 11.44 0.67 5.84
N ILE A 58 11.01 -0.14 4.88
CA ILE A 58 9.60 -0.19 4.49
C ILE A 58 8.97 -1.51 4.91
N LYS A 59 7.96 -1.44 5.77
CA LYS A 59 7.27 -2.63 6.25
C LYS A 59 5.87 -2.72 5.64
N TYR A 60 5.72 -3.57 4.64
CA TYR A 60 4.44 -3.75 3.97
C TYR A 60 4.00 -5.21 4.04
N ASN A 61 2.70 -5.44 3.86
CA ASN A 61 2.14 -6.78 3.90
C ASN A 61 0.77 -6.83 3.23
N ILE A 62 0.56 -7.86 2.43
CA ILE A 62 -0.71 -8.01 1.72
C ILE A 62 -1.46 -9.25 2.21
N PHE A 63 -2.67 -9.03 2.73
CA PHE A 63 -3.50 -10.13 3.23
C PHE A 63 -4.90 -10.08 2.63
N LEU A 64 -5.50 -11.24 2.48
CA LEU A 64 -6.85 -11.34 1.91
C LEU A 64 -7.88 -11.60 3.01
N VAL A 65 -8.86 -10.71 3.11
CA VAL A 65 -9.91 -10.84 4.11
C VAL A 65 -11.19 -11.37 3.49
N ASP A 66 -11.82 -12.33 4.17
CA ASP A 66 -13.06 -12.92 3.68
C ASP A 66 -14.07 -13.07 4.81
N LEU A 67 -15.08 -12.19 4.81
CA LEU A 67 -16.12 -12.23 5.84
C LEU A 67 -17.44 -11.70 5.28
N TYR A 68 -18.54 -12.08 5.93
CA TYR A 68 -19.87 -11.65 5.51
C TYR A 68 -20.19 -12.17 4.11
N GLY A 69 -19.53 -13.26 3.73
CA GLY A 69 -19.77 -13.85 2.42
C GLY A 69 -19.10 -13.06 1.31
N GLN A 70 -18.38 -12.01 1.68
CA GLN A 70 -17.69 -11.17 0.71
C GLN A 70 -16.17 -11.27 0.87
N LYS A 71 -15.47 -11.45 -0.24
CA LYS A 71 -14.02 -11.56 -0.22
C LYS A 71 -13.37 -10.29 -0.74
N TYR A 72 -12.40 -9.77 0.02
CA TYR A 72 -11.70 -8.55 -0.35
C TYR A 72 -10.23 -8.62 0.04
N PHE A 73 -9.39 -7.88 -0.68
CA PHE A 73 -7.96 -7.86 -0.41
C PHE A 73 -7.54 -6.52 0.18
N ARG A 74 -6.74 -6.56 1.23
CA ARG A 74 -6.26 -5.35 1.89
C ARG A 74 -4.74 -5.40 2.10
N ILE A 75 -4.12 -4.24 2.04
CA ILE A 75 -2.67 -4.14 2.22
C ILE A 75 -2.32 -3.12 3.30
N LEU A 76 -1.36 -3.48 4.15
CA LEU A 76 -0.93 -2.60 5.23
C LEU A 76 0.55 -2.21 5.05
N PHE A 77 0.81 -0.90 5.10
CA PHE A 77 2.17 -0.40 4.95
C PHE A 77 2.52 0.56 6.09
N GLN A 78 3.58 0.23 6.82
CA GLN A 78 4.03 1.05 7.93
C GLN A 78 5.54 1.24 7.91
N SER A 79 6.00 2.36 8.45
CA SER A 79 7.42 2.66 8.49
C SER A 79 7.95 2.67 9.93
N LYS A 80 9.27 2.74 10.07
CA LYS A 80 9.88 2.76 11.39
C LYS A 80 10.18 4.19 11.83
N LYS A 81 10.36 5.07 10.85
CA LYS A 81 10.65 6.47 11.13
C LYS A 81 9.38 7.22 11.56
N LEU A 82 8.25 6.51 11.52
CA LEU A 82 6.98 7.11 11.91
C LEU A 82 7.12 7.90 13.21
N SER A 83 7.14 9.22 13.09
CA SER A 83 7.26 10.09 14.24
C SER A 83 5.96 10.85 14.50
N GLU A 84 5.68 11.15 15.77
CA GLU A 84 4.48 11.87 16.14
C GLU A 84 4.58 13.33 15.73
N LEU A 85 5.75 13.92 15.90
CA LEU A 85 5.97 15.31 15.54
C LEU A 85 6.02 15.49 14.03
N HIS A 86 6.23 16.73 13.59
CA HIS A 86 6.30 17.03 12.16
C HIS A 86 4.97 16.72 11.48
N PRO A 87 3.98 17.60 11.67
CA PRO A 87 2.64 17.44 11.08
C PRO A 87 2.65 17.64 9.57
N GLU A 88 3.75 18.18 9.06
CA GLU A 88 3.89 18.42 7.62
C GLU A 88 4.17 17.12 6.87
N GLU A 89 4.81 16.18 7.56
CA GLU A 89 5.13 14.89 6.96
C GLU A 89 3.88 14.02 6.79
N ARG A 90 3.01 14.06 7.80
CA ARG A 90 1.78 13.29 7.77
C ARG A 90 0.89 13.72 6.61
N LYS A 91 0.79 15.03 6.41
CA LYS A 91 -0.02 15.59 5.33
C LYS A 91 0.62 15.33 3.97
N LYS A 92 1.95 15.43 3.93
CA LYS A 92 2.69 15.21 2.69
C LYS A 92 2.52 13.77 2.20
N VAL A 93 2.79 12.81 3.09
CA VAL A 93 2.67 11.41 2.75
C VAL A 93 1.22 11.04 2.43
N ARG A 94 0.30 11.60 3.19
CA ARG A 94 -1.12 11.33 3.00
C ARG A 94 -1.56 11.71 1.59
N GLU A 95 -1.27 12.96 1.20
CA GLU A 95 -1.64 13.44 -0.13
C GLU A 95 -0.78 12.78 -1.20
N LYS A 96 0.48 12.52 -0.86
CA LYS A 96 1.41 11.90 -1.80
C LYS A 96 0.93 10.51 -2.19
N PHE A 97 0.64 9.68 -1.19
CA PHE A 97 0.17 8.32 -1.43
C PHE A 97 -1.23 8.33 -2.03
N ASP A 98 -2.05 9.29 -1.61
CA ASP A 98 -3.41 9.40 -2.11
C ASP A 98 -3.42 9.62 -3.61
N GLU A 99 -2.62 10.58 -4.07
CA GLU A 99 -2.54 10.88 -5.49
C GLU A 99 -1.88 9.75 -6.26
N ASN A 100 -0.72 9.31 -5.76
CA ASN A 100 0.02 8.23 -6.40
C ASN A 100 -0.88 7.02 -6.64
N SER A 101 -1.79 6.77 -5.71
CA SER A 101 -2.71 5.64 -5.81
C SER A 101 -3.81 5.93 -6.82
N ARG A 102 -4.35 7.15 -6.76
CA ARG A 102 -5.42 7.55 -7.67
C ARG A 102 -4.88 7.80 -9.07
N MET A 103 -3.55 7.79 -9.20
CA MET A 103 -2.91 8.01 -10.49
C MET A 103 -3.63 7.25 -11.59
N GLN A 104 -3.50 7.73 -12.83
CA GLN A 104 -4.14 7.10 -13.97
C GLN A 104 -3.52 5.73 -14.26
N TYR A 105 -4.21 4.94 -15.07
CA TYR A 105 -3.72 3.61 -15.42
C TYR A 105 -2.40 3.69 -16.17
N SER A 106 -2.25 4.73 -16.99
CA SER A 106 -1.03 4.92 -17.77
C SER A 106 0.20 4.89 -16.87
N GLU A 107 0.20 5.73 -15.84
CA GLU A 107 1.31 5.80 -14.90
C GLU A 107 1.37 4.55 -14.04
N LEU A 108 0.21 4.11 -13.56
CA LEU A 108 0.12 2.92 -12.72
C LEU A 108 0.74 1.71 -13.42
N MET A 109 0.52 1.61 -14.72
CA MET A 109 1.06 0.51 -15.51
C MET A 109 2.49 0.80 -15.95
N THR A 110 2.73 2.04 -16.37
CA THR A 110 4.06 2.44 -16.83
C THR A 110 5.09 2.29 -15.72
N LYS A 111 4.77 2.83 -14.54
CA LYS A 111 5.68 2.75 -13.40
C LYS A 111 5.78 1.32 -12.89
N TYR A 112 4.97 0.43 -13.45
CA TYR A 112 4.97 -0.98 -13.05
C TYR A 112 5.77 -1.83 -14.05
N HIS A 113 5.48 -1.63 -15.33
CA HIS A 113 6.17 -2.38 -16.39
C HIS A 113 7.33 -1.58 -16.95
N ASP A 114 7.05 -0.35 -17.37
CA ASP A 114 8.07 0.52 -17.94
C ASP A 114 9.21 0.74 -16.95
N LEU A 115 8.92 0.49 -15.67
CA LEU A 115 9.93 0.65 -14.63
C LEU A 115 10.69 -0.63 -14.39
N LYS A 116 10.35 -1.67 -15.16
CA LYS A 116 11.01 -2.97 -15.04
C LYS A 116 12.49 -2.80 -14.74
N LYS A 117 13.17 -1.99 -15.56
CA LYS A 117 14.60 -1.75 -15.38
C LYS A 117 14.84 -0.75 -14.25
N GLN A 118 14.04 0.31 -14.21
CA GLN A 118 14.17 1.33 -13.19
C GLN A 118 13.37 0.96 -11.95
N GLY A 119 13.31 -0.35 -11.66
CA GLY A 119 12.57 -0.81 -10.49
C GLY A 119 12.08 -2.24 -10.65
N LYS A 120 12.19 -3.02 -9.58
CA LYS A 120 11.76 -4.41 -9.61
C LYS A 120 10.52 -4.61 -8.75
N ILE A 121 9.93 -5.80 -8.82
CA ILE A 121 8.73 -6.11 -8.04
C ILE A 121 8.73 -7.57 -7.61
N LYS A 122 8.21 -7.83 -6.42
CA LYS A 122 8.14 -9.19 -5.89
C LYS A 122 6.71 -9.57 -5.53
N ASP A 123 6.33 -10.81 -5.81
CA ASP A 123 4.98 -11.29 -5.51
C ASP A 123 4.99 -12.18 -4.28
N ARG A 124 4.78 -11.57 -3.12
CA ARG A 124 4.77 -12.32 -1.86
C ARG A 124 3.42 -12.98 -1.64
N PRO A 125 3.39 -14.02 -0.78
CA PRO A 125 2.16 -14.75 -0.46
C PRO A 125 1.19 -13.92 0.36
N VAL A 126 -0.10 -14.04 0.04
CA VAL A 126 -1.13 -13.30 0.75
C VAL A 126 -1.52 -14.01 2.05
N LYS A 127 -1.65 -13.23 3.11
CA LYS A 127 -2.02 -13.78 4.42
C LYS A 127 -3.53 -13.72 4.62
N GLU A 128 -4.07 -14.74 5.27
CA GLU A 128 -5.50 -14.82 5.53
C GLU A 128 -5.90 -13.87 6.66
N VAL A 129 -6.99 -13.13 6.45
CA VAL A 129 -7.47 -12.18 7.45
C VAL A 129 -8.78 -12.66 8.07
N HIS A 130 -8.93 -12.44 9.37
CA HIS A 130 -10.14 -12.85 10.08
C HIS A 130 -10.84 -11.64 10.69
N GLU A 131 -12.01 -11.87 11.26
CA GLU A 131 -12.79 -10.79 11.87
C GLU A 131 -12.26 -10.47 13.27
N GLU A 132 -11.83 -9.22 13.46
CA GLU A 132 -11.31 -8.79 14.75
C GLU A 132 -10.70 -7.40 14.63
N TYR A 133 -9.98 -6.99 15.68
CA TYR A 133 -9.35 -5.68 15.71
C TYR A 133 -7.83 -5.81 15.67
N ASP A 134 -7.30 -6.08 14.49
CA ASP A 134 -5.86 -6.23 14.30
C ASP A 134 -5.30 -5.11 13.42
N LEU A 135 -5.77 -5.07 12.18
CA LEU A 135 -5.31 -4.06 11.23
C LEU A 135 -5.61 -2.66 11.75
N TRP A 136 -5.40 -1.65 10.90
CA TRP A 136 -5.66 -0.26 11.27
C TRP A 136 -7.12 -0.05 11.63
N GLU A 137 -8.00 -0.62 10.82
CA GLU A 137 -9.44 -0.48 11.05
C GLU A 137 -9.80 0.95 11.41
N ASP A 138 -9.70 1.85 10.44
CA ASP A 138 -10.00 3.26 10.67
C ASP A 138 -9.82 4.06 9.38
N PRO A 139 -8.58 4.09 8.87
CA PRO A 139 -8.24 4.82 7.65
C PRO A 139 -8.85 4.17 6.41
N ILE A 140 -8.51 2.91 6.17
CA ILE A 140 -9.02 2.19 5.02
C ILE A 140 -10.43 1.66 5.28
N TRP A 141 -10.84 1.70 6.54
CA TRP A 141 -12.16 1.22 6.92
C TRP A 141 -13.25 1.99 6.17
N GLN A 142 -12.92 3.19 5.71
CA GLN A 142 -13.86 4.01 4.97
C GLN A 142 -13.45 4.17 3.51
N TYR A 143 -12.42 4.99 3.28
CA TYR A 143 -11.92 5.22 1.93
C TYR A 143 -10.76 4.30 1.61
N ILE A 144 -10.18 4.47 0.43
CA ILE A 144 -9.05 3.65 0.01
C ILE A 144 -7.96 3.62 1.07
#